data_4XRU
#
_entry.id   4XRU
#
_cell.length_a   108.483
_cell.length_b   187.245
_cell.length_c   111.999
_cell.angle_alpha   90.00
_cell.angle_beta   106.04
_cell.angle_gamma   90.00
#
_symmetry.space_group_name_H-M   'P 1 21 1'
#
loop_
_entity.id
_entity.type
_entity.pdbx_description
1 polymer Pnkp1
2 polymer Rnl
3 polymer Hen1
4 non-polymer 'MAGNESIUM ION'
5 non-polymer "ADENOSINE-5'-TRIPHOSPHATE"
6 non-polymer '2-(N-MORPHOLINO)-ETHANESULFONIC ACID'
7 non-polymer GLYCEROL
8 non-polymer 'PHOSPHATE ION'
9 non-polymer S-ADENOSYL-L-HOMOCYSTEINE
10 water water
#
loop_
_entity_poly.entity_id
_entity_poly.type
_entity_poly.pdbx_seq_one_letter_code
_entity_poly.pdbx_strand_id
1 'polypeptide(L)'
;(MSE)SAKNNTHHFPKLLILVGAPGSGKSTFARYFIRTEDNWVRVNRDDFRL(MSE)QFGDSL(MSE)SPFYEERITK
(MSE)VEASVIALLKNRTNVIIDATNSSLRSLQD(MSE)VHTYTEYADISFKVFDLPVEELVKRCDKRCEQTGKFIPKSA
IEKHVTQLQYTKEKFDFKPIPRALKETSLTYADQDTSLPKAVICDLDGTLSLLNGRDPYNASTADQDLLNTPVA(MSE)V
LK(MSE)AKQQGYKVILLSGRENAYREPTERFLAKYQIDYDLLL(MSE)RDTNDYRKDNIIKKELFLEEIQGKYFVEFLL
DDRNQVVD(MSE)WRRELALPCFQVNYGDF
;
A,D
2 'polypeptide(L)'
;MEDKTLIKKRIDWFCKNKINAFSPTISPAPKSVERNEIESLYEGILWFVLNGVKEIVIEKKYMGSYCDIYLHRRLEDTYL
VSRNGYKINHLDQEQCLRALQGLHDRFSWDGVELRIIQSELMPWSILGKGLINNEFSAYYISHEIHAEYLVQSSLYEKLQ
KIQQEPAYLSFVADAKVLSAKELKDKYPMHIIRQYQSIRDFKFLDLPHYQQNIQLFKRQLDIFGKEAAPFFKPFNILKEV
YTDGREHFVNDNLSFQQINDDDFLHYQFTDREDFEAKYPQIRAWVDQVNQSDEEGVVIKPRTAFLPGMPPAFKVRNNDYL
TLVYGVDFEDRLQEQIAKRNIKGKLRCSINDWAINAKLLAIPYSELGEENYELKNLVLDRILGEEIENQLDSRL
;
B,E
3 'polypeptide(L)'
;MILQIHSQNPHLLDLLNKNPHTDLGIYAKSLRNGQLIGNAVSAYQYDVVFQDTRYSYLPEESNQIDFQSYCSPLVILHIC
NEFFKELLQEKQTYWSQQIKWLERTRAEVDTYPCTIEVKNLYANSTWYSKGHFMMERYFKNIHITPIVGNNLSLRVEGKS
VFEAMNLLSFIAVTTHITNTYGEYTYIDDHFAQKYARILTNIPQVPYFVFYLFIKRAIKSERQFAEIKPMFEAYFKEEGL
DIDFQFTDTHGSRMDFIVKELGMEYPILDIGCGELKYYRRFMRRNYNYSHPYFATDTDKSVGDYAALLKERMEADNLYFF
SDWTDYEYKNPVNIILTEVIEHNTPEAAEALVKHCLSLNFHKMIITTPNSLFNKYYFDEDPESLRHEDHHFEWTPQEFQD
FIRHCVGDTSLEVTYCGIGDRINGETPTQAVVITRK
;
C,F
#
loop_
_chem_comp.id
_chem_comp.type
_chem_comp.name
_chem_comp.formula
ATP non-polymer ADENOSINE-5'-TRIPHOSPHATE 'C10 H16 N5 O13 P3'
GOL non-polymer GLYCEROL 'C3 H8 O3'
MES non-polymer '2-(N-MORPHOLINO)-ETHANESULFONIC ACID' 'C6 H13 N O4 S'
MG non-polymer 'MAGNESIUM ION' 'Mg 2'
PO4 non-polymer 'PHOSPHATE ION' 'O4 P -3'
SAH non-polymer S-ADENOSYL-L-HOMOCYSTEINE 'C14 H20 N6 O5 S'
#
# COMPACT_ATOMS: atom_id res chain seq x y z
N LYS A 4 -20.66 -27.97 -27.26
CA LYS A 4 -20.25 -27.76 -25.88
C LYS A 4 -20.59 -28.97 -25.04
N ASN A 5 -21.49 -28.78 -24.07
CA ASN A 5 -21.77 -29.70 -22.96
C ASN A 5 -20.79 -29.52 -21.78
N ASN A 6 -19.58 -29.05 -22.08
CA ASN A 6 -18.47 -29.11 -21.12
C ASN A 6 -18.34 -28.01 -20.06
N THR A 7 -17.80 -28.42 -18.90
CA THR A 7 -17.43 -27.50 -17.84
C THR A 7 -16.05 -26.90 -18.11
N HIS A 8 -15.92 -25.60 -17.90
CA HIS A 8 -14.69 -24.85 -18.13
C HIS A 8 -14.72 -23.56 -17.34
N HIS A 9 -13.81 -23.40 -16.39
CA HIS A 9 -13.85 -22.22 -15.54
C HIS A 9 -12.58 -21.38 -15.53
N PHE A 10 -12.80 -20.07 -15.42
CA PHE A 10 -11.74 -19.07 -15.40
C PHE A 10 -11.79 -18.42 -14.04
N PRO A 11 -10.73 -17.71 -13.65
CA PRO A 11 -10.79 -17.05 -12.34
C PRO A 11 -11.88 -16.00 -12.33
N LYS A 12 -12.13 -15.39 -11.18
CA LYS A 12 -13.10 -14.31 -11.09
C LYS A 12 -12.43 -12.98 -10.76
N LEU A 13 -12.97 -11.91 -11.32
CA LEU A 13 -12.60 -10.56 -10.94
C LEU A 13 -13.84 -9.94 -10.30
N LEU A 14 -13.75 -9.65 -9.02
CA LEU A 14 -14.89 -9.06 -8.35
C LEU A 14 -14.66 -7.57 -8.14
N ILE A 15 -15.42 -6.78 -8.89
CA ILE A 15 -15.29 -5.33 -8.83
C ILE A 15 -16.22 -4.75 -7.78
N LEU A 16 -15.63 -4.22 -6.72
CA LEU A 16 -16.41 -3.53 -5.70
C LEU A 16 -16.69 -2.12 -6.18
N VAL A 17 -17.95 -1.77 -6.34
CA VAL A 17 -18.27 -0.46 -6.87
C VAL A 17 -19.03 0.39 -5.86
N GLY A 18 -18.55 1.60 -5.60
CA GLY A 18 -19.16 2.43 -4.57
C GLY A 18 -18.33 3.59 -4.08
N ALA A 19 -18.93 4.36 -3.19
CA ALA A 19 -18.39 5.63 -2.70
C ALA A 19 -17.48 5.37 -1.50
N PRO A 20 -16.77 6.39 -1.01
CA PRO A 20 -16.02 6.24 0.25
C PRO A 20 -16.96 6.09 1.44
N GLY A 21 -16.53 5.34 2.45
CA GLY A 21 -17.36 5.06 3.61
C GLY A 21 -18.45 4.02 3.40
N SER A 22 -18.68 3.63 2.16
CA SER A 22 -19.79 2.74 1.84
C SER A 22 -19.52 1.28 2.20
N GLY A 23 -18.28 1.00 2.63
CA GLY A 23 -17.96 -0.29 3.19
C GLY A 23 -17.45 -1.37 2.26
N LYS A 24 -16.73 -0.99 1.21
CA LYS A 24 -16.19 -2.00 0.31
C LYS A 24 -14.86 -2.58 0.80
N SER A 25 -14.05 -1.75 1.44
CA SER A 25 -12.78 -2.23 1.95
C SER A 25 -13.04 -3.10 3.17
N THR A 26 -14.16 -2.86 3.87
CA THR A 26 -14.51 -3.70 5.03
C THR A 26 -14.96 -5.10 4.61
N PHE A 27 -15.88 -5.15 3.65
CA PHE A 27 -16.27 -6.42 3.06
C PHE A 27 -15.03 -7.22 2.65
N ALA A 28 -14.14 -6.57 1.91
CA ALA A 28 -13.01 -7.26 1.32
C ALA A 28 -12.10 -7.86 2.38
N ARG A 29 -11.92 -7.13 3.47
CA ARG A 29 -11.08 -7.61 4.55
C ARG A 29 -11.71 -8.87 5.11
N TYR A 30 -13.03 -8.86 5.25
CA TYR A 30 -13.68 -10.08 5.69
C TYR A 30 -13.55 -11.14 4.62
N PHE A 31 -13.87 -10.78 3.38
CA PHE A 31 -13.89 -11.70 2.26
C PHE A 31 -12.56 -12.46 2.00
N ILE A 32 -11.45 -11.75 1.79
CA ILE A 32 -10.21 -12.43 1.48
C ILE A 32 -9.76 -13.28 2.65
N ARG A 33 -10.26 -12.99 3.85
CA ARG A 33 -9.87 -13.73 5.06
C ARG A 33 -10.65 -15.03 5.23
N THR A 34 -11.86 -15.08 4.68
CA THR A 34 -12.71 -16.26 4.80
C THR A 34 -12.76 -17.08 3.52
N GLU A 35 -12.72 -16.44 2.36
CA GLU A 35 -12.67 -17.20 1.11
C GLU A 35 -11.30 -17.77 0.88
N ASP A 36 -11.12 -18.46 -0.24
CA ASP A 36 -10.02 -19.39 -0.27
C ASP A 36 -8.81 -18.99 -1.10
N ASN A 37 -9.08 -18.44 -2.27
CA ASN A 37 -8.01 -18.13 -3.21
C ASN A 37 -8.27 -16.77 -3.81
N TRP A 38 -7.88 -15.74 -3.07
CA TRP A 38 -8.19 -14.36 -3.44
C TRP A 38 -7.11 -13.40 -3.02
N VAL A 39 -6.92 -12.40 -3.87
CA VAL A 39 -5.94 -11.35 -3.66
C VAL A 39 -6.67 -10.02 -3.93
N ARG A 40 -6.44 -9.05 -3.05
CA ARG A 40 -7.04 -7.73 -3.18
C ARG A 40 -6.08 -6.80 -3.88
N VAL A 41 -6.61 -5.91 -4.71
CA VAL A 41 -5.82 -4.89 -5.37
C VAL A 41 -6.50 -3.56 -5.10
N ASN A 42 -5.78 -2.71 -4.38
CA ASN A 42 -6.27 -1.38 -4.06
C ASN A 42 -5.44 -0.32 -4.78
N ARG A 43 -6.15 0.60 -5.41
CA ARG A 43 -5.48 1.68 -6.10
C ARG A 43 -4.82 2.60 -5.07
N ASP A 44 -5.53 2.90 -3.99
CA ASP A 44 -5.02 3.81 -2.97
C ASP A 44 -3.76 3.31 -2.28
N ASP A 45 -3.72 2.01 -2.01
CA ASP A 45 -2.56 1.39 -1.40
C ASP A 45 -1.35 1.54 -2.30
N PHE A 46 -1.59 1.45 -3.61
CA PHE A 46 -0.53 1.68 -4.60
C PHE A 46 0.08 3.07 -4.44
N ARG A 47 -0.72 4.11 -4.58
CA ARG A 47 -0.21 5.46 -4.41
C ARG A 47 0.12 5.76 -2.96
N LEU A 48 0.66 4.77 -2.26
CA LEU A 48 1.04 4.98 -0.88
C LEU A 48 2.46 4.47 -0.77
N MSE A 49 2.86 3.78 -1.82
CA MSE A 49 4.26 3.46 -2.04
C MSE A 49 4.90 4.76 -2.47
O MSE A 49 5.96 5.12 -1.97
CB MSE A 49 4.41 2.43 -3.16
CG MSE A 49 3.61 1.16 -2.95
SE MSE A 49 3.98 -0.10 -4.38
CE MSE A 49 2.94 -1.61 -3.75
N GLN A 50 4.26 5.46 -3.39
CA GLN A 50 4.59 6.86 -3.64
C GLN A 50 3.91 7.55 -2.51
N PHE A 51 4.62 8.37 -1.77
CA PHE A 51 4.12 8.82 -0.48
C PHE A 51 3.05 9.88 -0.67
N GLY A 52 1.82 9.63 -0.24
CA GLY A 52 0.81 10.66 -0.39
C GLY A 52 -0.65 10.33 -0.08
N ASP A 53 -1.43 11.40 0.07
CA ASP A 53 -2.86 11.29 0.25
C ASP A 53 -3.51 11.14 -1.11
N SER A 54 -4.69 10.54 -1.10
CA SER A 54 -5.21 9.81 -2.26
C SER A 54 -5.69 10.61 -3.49
N LEU A 55 -4.96 11.64 -3.88
CA LEU A 55 -4.98 12.06 -5.28
C LEU A 55 -3.60 12.58 -5.66
N MSE A 56 -3.16 12.25 -6.88
CA MSE A 56 -1.80 12.55 -7.28
C MSE A 56 -1.68 13.08 -8.69
O MSE A 56 -2.66 13.10 -9.45
CB MSE A 56 -0.92 11.31 -7.13
CG MSE A 56 -0.45 11.02 -5.72
SE MSE A 56 0.79 9.50 -5.72
CE MSE A 56 1.35 9.64 -3.86
N SER A 57 -0.46 13.49 -9.02
CA SER A 57 -0.10 13.94 -10.36
C SER A 57 -0.66 13.02 -11.44
N PRO A 58 -1.10 13.60 -12.57
CA PRO A 58 -1.58 12.82 -13.72
C PRO A 58 -0.46 11.98 -14.30
N PHE A 59 0.78 12.27 -13.91
CA PHE A 59 1.89 11.37 -14.18
C PHE A 59 1.77 10.13 -13.31
N TYR A 60 1.73 10.36 -12.00
CA TYR A 60 1.64 9.27 -11.03
C TYR A 60 0.43 8.36 -11.25
N GLU A 61 -0.75 8.97 -11.40
CA GLU A 61 -1.99 8.20 -11.55
C GLU A 61 -2.01 7.37 -12.82
N GLU A 62 -1.34 7.85 -13.87
CA GLU A 62 -1.23 7.07 -15.08
C GLU A 62 -0.32 5.88 -14.84
N ARG A 63 0.73 6.08 -14.04
CA ARG A 63 1.65 5.01 -13.70
C ARG A 63 1.03 4.00 -12.74
N ILE A 64 0.26 4.51 -11.77
CA ILE A 64 -0.52 3.65 -10.88
C ILE A 64 -1.48 2.74 -11.68
N THR A 65 -2.12 3.30 -12.71
CA THR A 65 -2.95 2.50 -13.62
C THR A 65 -2.12 1.39 -14.26
N LYS A 66 -0.96 1.75 -14.81
CA LYS A 66 -0.11 0.79 -15.52
C LYS A 66 0.21 -0.40 -14.63
N MSE A 67 0.32 -0.14 -13.33
CA MSE A 67 0.67 -1.14 -12.31
C MSE A 67 -0.52 -1.97 -11.88
O MSE A 67 -0.44 -3.19 -11.82
CB MSE A 67 1.25 -0.46 -11.06
CG MSE A 67 2.56 0.27 -11.30
SE MSE A 67 3.17 1.32 -9.76
CE MSE A 67 4.14 -0.03 -8.76
N VAL A 68 -1.61 -1.29 -11.55
CA VAL A 68 -2.85 -1.96 -11.23
C VAL A 68 -3.22 -2.99 -12.30
N GLU A 69 -3.29 -2.55 -13.55
CA GLU A 69 -3.66 -3.43 -14.63
C GLU A 69 -2.69 -4.59 -14.77
N ALA A 70 -1.39 -4.31 -14.69
CA ALA A 70 -0.38 -5.34 -14.86
C ALA A 70 -0.60 -6.46 -13.85
N SER A 71 -0.80 -6.05 -12.60
CA SER A 71 -0.92 -6.95 -11.47
C SER A 71 -2.16 -7.84 -11.54
N VAL A 72 -3.31 -7.21 -11.77
CA VAL A 72 -4.55 -7.93 -11.96
C VAL A 72 -4.36 -9.00 -13.02
N ILE A 73 -4.04 -8.59 -14.25
CA ILE A 73 -3.71 -9.55 -15.32
C ILE A 73 -2.68 -10.58 -14.84
N ALA A 74 -1.62 -10.11 -14.19
CA ALA A 74 -0.60 -11.01 -13.69
C ALA A 74 -1.23 -12.16 -12.89
N LEU A 75 -2.07 -11.78 -11.94
CA LEU A 75 -2.74 -12.76 -11.09
C LEU A 75 -3.80 -13.58 -11.83
N LEU A 76 -4.75 -12.90 -12.49
CA LEU A 76 -5.80 -13.58 -13.27
C LEU A 76 -5.19 -14.63 -14.17
N LYS A 77 -4.07 -14.29 -14.79
CA LYS A 77 -3.35 -15.26 -15.61
C LYS A 77 -2.93 -16.46 -14.77
N ASN A 78 -2.66 -16.23 -13.49
CA ASN A 78 -2.18 -17.28 -12.61
C ASN A 78 -3.32 -18.07 -11.98
N ARG A 79 -4.53 -17.83 -12.46
CA ARG A 79 -5.74 -18.46 -11.92
C ARG A 79 -5.99 -18.08 -10.45
N THR A 80 -5.53 -16.90 -10.07
CA THR A 80 -5.82 -16.34 -8.76
C THR A 80 -6.98 -15.37 -8.87
N ASN A 81 -8.02 -15.57 -8.06
CA ASN A 81 -9.16 -14.66 -8.04
C ASN A 81 -8.78 -13.28 -7.48
N VAL A 82 -9.28 -12.24 -8.10
CA VAL A 82 -8.88 -10.91 -7.71
C VAL A 82 -10.10 -10.07 -7.38
N ILE A 83 -10.13 -9.54 -6.16
CA ILE A 83 -11.12 -8.52 -5.80
C ILE A 83 -10.50 -7.14 -5.97
N ILE A 84 -11.23 -6.20 -6.55
CA ILE A 84 -10.65 -4.90 -6.89
C ILE A 84 -11.48 -3.71 -6.39
N ASP A 85 -10.80 -2.80 -5.70
CA ASP A 85 -11.47 -1.85 -4.82
C ASP A 85 -11.80 -0.54 -5.51
N ALA A 86 -12.64 -0.62 -6.55
CA ALA A 86 -12.95 0.52 -7.41
C ALA A 86 -13.47 1.78 -6.71
N THR A 87 -12.52 2.67 -6.35
CA THR A 87 -12.84 4.03 -5.95
C THR A 87 -13.40 4.77 -7.15
N ASN A 88 -13.07 4.23 -8.34
CA ASN A 88 -13.50 4.72 -9.64
C ASN A 88 -14.93 5.25 -9.71
N SER A 89 -15.89 4.32 -9.87
CA SER A 89 -17.31 4.64 -9.85
C SER A 89 -17.70 5.76 -10.82
N SER A 90 -18.14 5.37 -12.02
CA SER A 90 -18.52 6.35 -13.03
C SER A 90 -19.36 5.70 -14.14
N LEU A 91 -18.69 5.31 -15.22
CA LEU A 91 -19.25 4.46 -16.27
C LEU A 91 -18.13 4.32 -17.28
N ARG A 92 -17.57 5.46 -17.65
CA ARG A 92 -16.39 5.47 -18.49
C ARG A 92 -15.32 4.61 -17.81
N SER A 93 -15.26 4.69 -16.48
CA SER A 93 -14.36 3.82 -15.74
C SER A 93 -14.82 2.39 -15.87
N LEU A 94 -16.03 2.13 -15.37
CA LEU A 94 -16.59 0.76 -15.34
C LEU A 94 -16.50 0.04 -16.69
N GLN A 95 -17.05 0.65 -17.74
CA GLN A 95 -17.06 0.02 -19.06
C GLN A 95 -15.63 -0.24 -19.52
N ASP A 96 -14.72 0.70 -19.20
CA ASP A 96 -13.31 0.56 -19.54
C ASP A 96 -12.69 -0.58 -18.76
N MSE A 97 -12.91 -0.54 -17.45
CA MSE A 97 -12.49 -1.58 -16.52
C MSE A 97 -12.90 -2.92 -17.10
O MSE A 97 -12.10 -3.85 -17.17
CB MSE A 97 -13.17 -1.36 -15.15
CG MSE A 97 -12.51 -2.04 -13.93
SE MSE A 97 -12.79 -1.08 -12.22
CE MSE A 97 -11.17 0.03 -12.19
N VAL A 98 -14.13 -3.01 -17.57
CA VAL A 98 -14.60 -4.26 -18.12
C VAL A 98 -13.82 -4.62 -19.37
N HIS A 99 -13.57 -3.64 -20.23
CA HIS A 99 -12.83 -3.89 -21.47
C HIS A 99 -11.44 -4.43 -21.18
N THR A 100 -10.74 -3.72 -20.31
CA THR A 100 -9.38 -4.06 -19.91
C THR A 100 -9.28 -5.49 -19.38
N TYR A 101 -10.33 -5.96 -18.71
CA TYR A 101 -10.27 -7.23 -17.99
C TYR A 101 -10.99 -8.44 -18.62
N THR A 102 -12.28 -8.33 -18.92
CA THR A 102 -13.01 -9.51 -19.41
C THR A 102 -12.42 -10.10 -20.69
N GLU A 103 -11.73 -11.21 -20.53
CA GLU A 103 -11.05 -11.99 -21.58
C GLU A 103 -10.05 -12.80 -20.80
N TYR A 104 -9.86 -12.31 -19.58
CA TYR A 104 -8.96 -12.91 -18.64
C TYR A 104 -9.76 -13.66 -17.59
N ALA A 105 -10.93 -13.11 -17.24
CA ALA A 105 -11.77 -13.69 -16.20
C ALA A 105 -13.26 -13.27 -16.16
N ASP A 106 -14.03 -14.03 -15.39
CA ASP A 106 -15.46 -13.79 -15.22
C ASP A 106 -15.70 -12.65 -14.25
N ILE A 107 -16.16 -11.52 -14.79
CA ILE A 107 -16.41 -10.34 -13.98
C ILE A 107 -17.66 -10.46 -13.12
N SER A 108 -17.59 -9.95 -11.89
CA SER A 108 -18.73 -9.86 -11.02
C SER A 108 -18.75 -8.51 -10.31
N PHE A 109 -19.91 -8.07 -9.83
CA PHE A 109 -20.04 -6.74 -9.21
C PHE A 109 -20.71 -6.78 -7.83
N LYS A 110 -20.30 -5.90 -6.94
CA LYS A 110 -21.02 -5.77 -5.69
C LYS A 110 -21.07 -4.32 -5.29
N VAL A 111 -22.27 -3.76 -5.37
CA VAL A 111 -22.52 -2.35 -5.09
C VAL A 111 -22.60 -2.09 -3.60
N PHE A 112 -22.28 -0.86 -3.20
CA PHE A 112 -22.36 -0.50 -1.79
C PHE A 112 -23.05 0.85 -1.72
N ASP A 113 -24.37 0.83 -1.77
CA ASP A 113 -25.13 2.06 -1.73
C ASP A 113 -25.35 2.44 -0.28
N LEU A 114 -25.41 3.73 0.01
CA LEU A 114 -25.65 4.17 1.39
C LEU A 114 -25.97 5.66 1.49
N PRO A 115 -27.18 5.99 2.03
CA PRO A 115 -27.67 7.34 2.30
C PRO A 115 -26.59 8.32 2.75
N VAL A 116 -26.51 9.46 2.08
CA VAL A 116 -25.45 10.46 2.29
C VAL A 116 -25.45 11.05 3.71
N GLU A 117 -26.61 11.02 4.36
CA GLU A 117 -26.75 11.48 5.74
C GLU A 117 -25.96 10.55 6.65
N GLU A 118 -25.98 9.26 6.32
CA GLU A 118 -25.26 8.21 7.04
C GLU A 118 -23.79 8.10 6.60
N LEU A 119 -23.55 8.41 5.31
CA LEU A 119 -22.25 8.20 4.64
C LEU A 119 -21.11 9.06 5.18
N VAL A 120 -21.40 10.32 5.48
CA VAL A 120 -20.40 11.22 6.04
C VAL A 120 -20.37 11.11 7.57
N LYS A 121 -20.79 9.96 8.09
CA LYS A 121 -20.73 9.68 9.51
C LYS A 121 -19.75 8.54 9.76
N ARG A 122 -18.81 8.37 8.83
CA ARG A 122 -17.76 7.36 8.96
C ARG A 122 -16.41 7.99 9.30
N CYS A 123 -16.43 8.96 10.21
CA CYS A 123 -15.23 9.58 10.77
C CYS A 123 -14.98 9.11 12.21
N HIS A 142 -12.89 14.39 5.96
CA HIS A 142 -13.71 14.09 4.78
C HIS A 142 -13.90 15.31 3.89
N VAL A 143 -14.76 15.19 2.89
CA VAL A 143 -15.16 16.31 2.04
C VAL A 143 -16.57 16.09 1.47
N THR A 144 -17.56 16.81 2.00
CA THR A 144 -18.97 16.58 1.63
C THR A 144 -19.18 16.65 0.11
N GLN A 145 -19.09 15.49 -0.53
CA GLN A 145 -19.21 15.37 -1.98
C GLN A 145 -19.84 14.04 -2.41
N LEU A 146 -21.09 14.12 -2.87
CA LEU A 146 -21.80 12.95 -3.41
C LEU A 146 -21.18 12.55 -4.73
N GLN A 147 -21.31 11.27 -5.10
CA GLN A 147 -20.72 10.80 -6.35
C GLN A 147 -21.74 10.29 -7.37
N TYR A 148 -21.24 10.04 -8.59
CA TYR A 148 -22.04 9.74 -9.78
C TYR A 148 -22.93 8.48 -9.69
N THR A 149 -23.54 8.24 -8.54
CA THR A 149 -24.35 7.02 -8.39
C THR A 149 -25.71 7.18 -9.03
N LYS A 150 -25.73 6.94 -10.34
CA LYS A 150 -26.95 7.03 -11.14
C LYS A 150 -27.26 5.64 -11.72
N GLU A 151 -27.66 4.72 -10.82
CA GLU A 151 -27.89 3.29 -11.11
C GLU A 151 -28.08 2.92 -12.59
N LYS A 152 -26.93 2.84 -13.26
CA LYS A 152 -26.83 2.67 -14.69
C LYS A 152 -26.39 1.25 -14.95
N PHE A 153 -26.26 0.90 -16.23
CA PHE A 153 -25.50 -0.28 -16.64
C PHE A 153 -26.08 -1.65 -16.26
N ASP A 154 -26.83 -1.71 -15.16
CA ASP A 154 -27.26 -2.98 -14.53
C ASP A 154 -26.08 -3.91 -14.25
N PHE A 155 -25.87 -4.18 -12.96
CA PHE A 155 -24.63 -4.82 -12.53
C PHE A 155 -24.62 -6.34 -12.68
N LYS A 156 -25.29 -6.81 -13.72
CA LYS A 156 -25.28 -8.21 -14.07
C LYS A 156 -23.85 -8.68 -14.38
N PRO A 157 -23.46 -9.81 -13.77
CA PRO A 157 -22.23 -10.57 -14.02
C PRO A 157 -21.98 -10.81 -15.51
N ILE A 158 -20.72 -10.81 -15.90
CA ILE A 158 -20.32 -10.81 -17.31
C ILE A 158 -19.24 -11.85 -17.56
N PRO A 159 -19.63 -13.00 -18.10
CA PRO A 159 -18.65 -14.09 -18.31
C PRO A 159 -17.56 -13.72 -19.32
N ARG A 160 -16.46 -14.46 -19.28
CA ARG A 160 -15.28 -14.18 -20.07
C ARG A 160 -15.58 -14.23 -21.57
N ALA A 161 -15.14 -13.20 -22.29
CA ALA A 161 -15.38 -13.08 -23.73
C ALA A 161 -14.07 -12.83 -24.49
N LEU A 162 -13.97 -13.29 -25.73
CA LEU A 162 -12.71 -13.20 -26.47
C LEU A 162 -12.57 -12.06 -27.50
N LYS A 163 -13.63 -11.82 -28.26
CA LYS A 163 -13.73 -10.79 -29.31
C LYS A 163 -13.01 -11.09 -30.63
N GLU A 164 -11.79 -11.60 -30.57
CA GLU A 164 -10.92 -11.61 -31.76
C GLU A 164 -10.53 -12.98 -32.36
N THR A 165 -11.41 -13.52 -33.19
CA THR A 165 -11.03 -14.52 -34.20
C THR A 165 -11.62 -14.02 -35.53
N SER A 166 -11.79 -12.70 -35.59
CA SER A 166 -12.29 -12.03 -36.78
C SER A 166 -11.15 -11.35 -37.52
N LEU A 167 -10.21 -12.15 -38.01
CA LEU A 167 -8.98 -11.65 -38.63
C LEU A 167 -9.25 -11.02 -39.99
N THR A 168 -8.93 -9.73 -40.09
CA THR A 168 -9.20 -8.97 -41.30
C THR A 168 -8.00 -8.13 -41.68
N TYR A 169 -7.34 -8.53 -42.76
CA TYR A 169 -6.10 -7.91 -43.20
C TYR A 169 -6.31 -6.57 -43.87
N ALA A 170 -5.57 -6.32 -44.93
CA ALA A 170 -5.72 -5.07 -45.65
C ALA A 170 -5.85 -5.34 -47.15
N ASP A 171 -6.52 -4.42 -47.82
CA ASP A 171 -6.92 -4.61 -49.22
C ASP A 171 -5.79 -4.30 -50.18
N GLN A 172 -4.84 -5.21 -50.31
CA GLN A 172 -3.71 -4.94 -51.18
C GLN A 172 -3.96 -5.43 -52.60
N ASP A 173 -3.57 -4.58 -53.54
CA ASP A 173 -3.75 -4.80 -54.98
C ASP A 173 -3.22 -6.15 -55.44
N THR A 174 -4.12 -7.10 -55.72
CA THR A 174 -3.69 -8.44 -56.04
C THR A 174 -3.15 -8.56 -57.46
N SER A 175 -3.00 -7.43 -58.14
CA SER A 175 -2.33 -7.46 -59.43
C SER A 175 -0.81 -7.56 -59.24
N LEU A 176 -0.27 -6.75 -58.31
CA LEU A 176 1.16 -6.71 -58.00
C LEU A 176 1.71 -8.10 -57.65
N PRO A 177 2.98 -8.36 -57.95
CA PRO A 177 3.58 -9.70 -57.84
C PRO A 177 3.73 -10.25 -56.40
N LYS A 178 3.33 -11.52 -56.22
CA LYS A 178 3.44 -12.24 -54.96
C LYS A 178 4.83 -12.07 -54.35
N ALA A 179 4.88 -11.86 -53.04
CA ALA A 179 6.16 -11.64 -52.36
C ALA A 179 6.06 -11.97 -50.87
N VAL A 180 7.11 -12.55 -50.29
CA VAL A 180 7.19 -12.65 -48.82
C VAL A 180 8.27 -11.72 -48.27
N ILE A 181 8.27 -11.52 -46.95
CA ILE A 181 9.17 -10.56 -46.31
C ILE A 181 9.84 -11.18 -45.07
N CYS A 182 11.17 -11.10 -44.99
CA CYS A 182 11.88 -11.70 -43.85
C CYS A 182 12.80 -10.76 -43.09
N ASP A 183 12.67 -10.75 -41.76
CA ASP A 183 13.60 -10.05 -40.87
C ASP A 183 14.90 -10.81 -40.91
N LEU A 184 16.02 -10.12 -40.71
CA LEU A 184 17.33 -10.78 -40.64
C LEU A 184 17.71 -11.05 -39.19
N ASP A 185 18.05 -9.97 -38.46
CA ASP A 185 18.49 -10.08 -37.07
C ASP A 185 17.51 -10.87 -36.23
N GLY A 186 17.93 -12.08 -35.88
CA GLY A 186 17.21 -12.89 -34.91
C GLY A 186 15.98 -13.56 -35.47
N THR A 187 15.96 -13.77 -36.79
CA THR A 187 14.84 -14.46 -37.44
C THR A 187 15.33 -15.41 -38.52
N LEU A 188 16.17 -14.94 -39.44
CA LEU A 188 16.82 -15.80 -40.43
C LEU A 188 18.29 -15.95 -40.05
N SER A 189 18.70 -15.26 -39.00
CA SER A 189 20.12 -15.09 -38.70
C SER A 189 20.31 -14.89 -37.21
N LEU A 190 20.47 -15.96 -36.46
CA LEU A 190 20.60 -15.84 -35.01
C LEU A 190 21.97 -15.29 -34.65
N LEU A 191 22.01 -14.44 -33.63
CA LEU A 191 23.22 -13.70 -33.22
C LEU A 191 24.39 -14.57 -32.76
N ASN A 192 24.07 -15.63 -32.02
CA ASN A 192 25.07 -16.50 -31.40
C ASN A 192 26.08 -15.72 -30.57
N GLY A 193 25.57 -14.83 -29.74
CA GLY A 193 26.41 -14.05 -28.85
C GLY A 193 26.71 -12.64 -29.35
N ARG A 194 26.73 -12.47 -30.67
CA ARG A 194 27.12 -11.19 -31.28
C ARG A 194 26.46 -9.96 -30.64
N ASP A 195 27.17 -8.82 -30.69
CA ASP A 195 26.60 -7.56 -30.25
C ASP A 195 25.49 -7.13 -31.19
N PRO A 196 24.28 -6.96 -30.66
CA PRO A 196 23.07 -6.57 -31.41
C PRO A 196 23.27 -5.39 -32.34
N TYR A 197 23.93 -4.33 -31.86
CA TYR A 197 24.05 -3.10 -32.61
C TYR A 197 25.31 -3.02 -33.48
N ASN A 198 26.23 -3.97 -33.30
CA ASN A 198 27.43 -4.07 -34.14
C ASN A 198 27.39 -5.29 -35.06
N ALA A 199 26.63 -5.16 -36.13
CA ALA A 199 26.51 -6.23 -37.11
C ALA A 199 27.65 -6.21 -38.15
N SER A 200 28.89 -5.98 -37.69
CA SER A 200 30.04 -6.08 -38.57
C SER A 200 30.49 -7.54 -38.61
N THR A 201 30.49 -8.17 -37.44
CA THR A 201 30.81 -9.58 -37.26
C THR A 201 29.70 -10.51 -37.76
N ALA A 202 28.88 -10.07 -38.71
CA ALA A 202 27.63 -10.77 -39.01
C ALA A 202 27.73 -11.91 -40.03
N ASP A 203 28.95 -12.19 -40.48
CA ASP A 203 29.16 -13.32 -41.38
C ASP A 203 29.45 -14.61 -40.59
N GLN A 204 29.56 -14.48 -39.27
CA GLN A 204 29.69 -15.64 -38.38
C GLN A 204 28.33 -16.18 -37.96
N ASP A 205 27.31 -15.32 -38.06
CA ASP A 205 25.94 -15.65 -37.64
C ASP A 205 25.45 -17.01 -38.12
N LEU A 206 24.51 -17.59 -37.39
CA LEU A 206 24.06 -18.95 -37.70
C LEU A 206 22.66 -18.90 -38.27
N LEU A 207 22.31 -19.92 -39.04
CA LEU A 207 21.04 -19.96 -39.75
C LEU A 207 19.90 -20.58 -38.93
N ASN A 208 18.82 -19.83 -38.76
CA ASN A 208 17.56 -20.39 -38.27
C ASN A 208 16.97 -21.15 -39.46
N THR A 209 17.39 -22.40 -39.61
CA THR A 209 17.01 -23.22 -40.77
C THR A 209 15.51 -23.27 -41.08
N PRO A 210 14.64 -23.34 -40.05
CA PRO A 210 13.21 -23.41 -40.40
C PRO A 210 12.74 -22.20 -41.20
N VAL A 211 13.18 -21.01 -40.80
CA VAL A 211 12.87 -19.83 -41.58
C VAL A 211 13.53 -19.94 -42.94
N ALA A 212 14.77 -20.41 -42.94
CA ALA A 212 15.53 -20.54 -44.18
C ALA A 212 14.76 -21.44 -45.13
N MSE A 213 14.11 -22.44 -44.55
CA MSE A 213 13.36 -23.43 -45.32
C MSE A 213 12.09 -22.83 -45.91
O MSE A 213 11.67 -23.21 -47.01
CB MSE A 213 13.05 -24.67 -44.47
CG MSE A 213 13.58 -25.97 -45.07
SE MSE A 213 15.18 -25.67 -46.18
CE MSE A 213 16.47 -25.27 -44.76
N VAL A 214 11.50 -21.90 -45.19
CA VAL A 214 10.36 -21.18 -45.75
C VAL A 214 10.78 -20.37 -46.97
N LEU A 215 11.87 -19.61 -46.83
CA LEU A 215 12.35 -18.78 -47.94
C LEU A 215 12.75 -19.59 -49.17
N LYS A 216 13.15 -20.84 -48.94
CA LYS A 216 13.47 -21.76 -50.03
C LYS A 216 12.21 -22.03 -50.84
N MSE A 217 11.28 -22.74 -50.20
CA MSE A 217 10.01 -23.11 -50.82
C MSE A 217 9.22 -21.90 -51.29
O MSE A 217 8.38 -22.00 -52.19
CB MSE A 217 9.16 -23.93 -49.85
CG MSE A 217 8.43 -23.12 -48.81
SE MSE A 217 7.42 -24.26 -47.58
CE MSE A 217 8.90 -24.95 -46.52
N ALA A 218 9.50 -20.75 -50.68
CA ALA A 218 8.86 -19.51 -51.08
C ALA A 218 9.20 -19.21 -52.52
N LYS A 219 10.51 -19.16 -52.82
CA LYS A 219 11.00 -18.84 -54.17
C LYS A 219 10.80 -19.99 -55.16
N GLN A 220 10.37 -21.15 -54.68
CA GLN A 220 9.99 -22.24 -55.58
C GLN A 220 8.65 -21.93 -56.26
N GLN A 221 7.73 -21.29 -55.55
CA GLN A 221 6.57 -20.66 -56.19
C GLN A 221 6.96 -19.24 -56.55
N GLY A 222 6.14 -18.57 -57.36
CA GLY A 222 6.57 -17.31 -57.99
C GLY A 222 7.08 -16.20 -57.08
N TYR A 223 7.20 -16.51 -55.80
CA TYR A 223 7.38 -15.54 -54.74
C TYR A 223 8.72 -14.83 -54.84
N LYS A 224 8.67 -13.49 -54.91
CA LYS A 224 9.82 -12.66 -54.63
C LYS A 224 10.12 -12.74 -53.13
N VAL A 225 11.39 -12.93 -52.80
CA VAL A 225 11.81 -12.96 -51.39
C VAL A 225 12.60 -11.69 -51.08
N ILE A 226 12.04 -10.87 -50.21
CA ILE A 226 12.63 -9.58 -49.88
C ILE A 226 13.17 -9.61 -48.47
N LEU A 227 14.46 -9.39 -48.32
CA LEU A 227 15.01 -9.25 -47.00
C LEU A 227 14.93 -7.80 -46.50
N LEU A 228 14.32 -7.62 -45.33
CA LEU A 228 14.14 -6.28 -44.77
C LEU A 228 14.74 -6.25 -43.38
N SER A 229 15.80 -5.44 -43.18
CA SER A 229 16.58 -5.54 -41.94
C SER A 229 16.84 -4.24 -41.23
N GLY A 230 16.84 -4.31 -39.89
CA GLY A 230 17.12 -3.18 -39.02
C GLY A 230 18.60 -2.93 -38.74
N ARG A 231 19.45 -3.47 -39.62
CA ARG A 231 20.88 -3.23 -39.59
C ARG A 231 21.27 -1.93 -40.27
N GLU A 232 22.16 -1.17 -39.62
CA GLU A 232 22.86 -0.07 -40.24
C GLU A 232 23.24 -0.52 -41.66
N ASN A 233 23.04 0.34 -42.65
CA ASN A 233 23.38 0.02 -44.05
C ASN A 233 24.89 -0.13 -44.20
N ALA A 234 25.61 0.50 -43.29
CA ALA A 234 27.05 0.38 -43.19
C ALA A 234 27.53 -1.07 -43.06
N TYR A 235 26.64 -1.98 -42.65
CA TYR A 235 27.02 -3.36 -42.45
C TYR A 235 26.46 -4.27 -43.54
N ARG A 236 26.29 -3.71 -44.73
CA ARG A 236 25.69 -4.41 -45.85
C ARG A 236 26.56 -5.57 -46.30
N GLU A 237 27.85 -5.30 -46.41
CA GLU A 237 28.81 -6.29 -46.91
C GLU A 237 28.87 -7.55 -46.02
N PRO A 238 29.17 -7.40 -44.71
CA PRO A 238 29.16 -8.61 -43.87
C PRO A 238 27.84 -9.36 -43.92
N THR A 239 26.76 -8.68 -44.30
CA THR A 239 25.45 -9.32 -44.45
C THR A 239 25.38 -10.19 -45.72
N GLU A 240 25.67 -9.61 -46.87
CA GLU A 240 25.59 -10.33 -48.14
C GLU A 240 26.46 -11.56 -48.09
N ARG A 241 27.51 -11.48 -47.28
CA ARG A 241 28.38 -12.63 -47.01
C ARG A 241 27.58 -13.75 -46.38
N PHE A 242 26.99 -13.44 -45.21
CA PHE A 242 26.14 -14.39 -44.48
C PHE A 242 25.11 -15.04 -45.38
N LEU A 243 24.52 -14.24 -46.27
CA LEU A 243 23.46 -14.73 -47.14
C LEU A 243 23.94 -15.72 -48.19
N ALA A 244 24.97 -15.34 -48.95
CA ALA A 244 25.52 -16.20 -49.97
C ALA A 244 26.30 -17.37 -49.35
N LYS A 245 26.75 -17.18 -48.11
CA LYS A 245 27.41 -18.28 -47.41
C LYS A 245 26.43 -19.42 -47.18
N TYR A 246 25.21 -19.12 -46.77
CA TYR A 246 24.22 -20.19 -46.58
C TYR A 246 23.27 -20.32 -47.75
N GLN A 247 23.65 -19.74 -48.89
CA GLN A 247 22.93 -19.93 -50.15
C GLN A 247 21.50 -19.44 -50.12
N ILE A 248 21.30 -18.20 -49.64
CA ILE A 248 19.95 -17.65 -49.55
C ILE A 248 19.59 -16.88 -50.82
N ASP A 249 18.52 -17.32 -51.47
CA ASP A 249 18.12 -16.74 -52.75
C ASP A 249 17.14 -15.59 -52.55
N TYR A 250 17.64 -14.35 -52.57
CA TYR A 250 16.78 -13.19 -52.30
C TYR A 250 16.73 -12.16 -53.42
N ASP A 251 15.62 -11.44 -53.48
CA ASP A 251 15.42 -10.41 -54.49
C ASP A 251 15.94 -9.05 -54.05
N LEU A 252 15.34 -8.50 -53.01
CA LEU A 252 15.81 -7.22 -52.46
C LEU A 252 16.43 -7.43 -51.09
N LEU A 253 17.40 -6.55 -50.76
CA LEU A 253 17.93 -6.47 -49.40
C LEU A 253 17.78 -5.06 -48.87
N LEU A 254 16.79 -4.85 -48.02
CA LEU A 254 16.48 -3.51 -47.52
C LEU A 254 17.07 -3.24 -46.13
N MSE A 255 17.77 -2.11 -46.01
CA MSE A 255 18.60 -1.84 -44.85
C MSE A 255 18.35 -0.48 -44.26
O MSE A 255 18.01 0.44 -44.98
CB MSE A 255 20.08 -1.90 -45.23
CG MSE A 255 20.50 -3.12 -46.03
SE MSE A 255 22.00 -3.98 -45.17
CE MSE A 255 21.11 -4.81 -43.65
N ARG A 256 18.58 -0.35 -42.95
CA ARG A 256 18.42 0.93 -42.25
C ARG A 256 19.47 1.95 -42.65
N ASP A 257 19.07 3.20 -42.86
CA ASP A 257 20.00 4.26 -43.20
C ASP A 257 21.16 4.38 -42.24
N THR A 258 22.35 4.66 -42.78
CA THR A 258 23.54 4.72 -41.95
C THR A 258 23.52 5.99 -41.10
N ASN A 259 23.72 5.80 -39.79
CA ASN A 259 23.58 6.84 -38.75
C ASN A 259 22.11 7.18 -38.44
N ASP A 260 21.18 6.25 -38.68
CA ASP A 260 19.78 6.53 -38.39
C ASP A 260 19.44 6.37 -36.93
N TYR A 261 19.42 5.13 -36.47
CA TYR A 261 19.27 4.84 -35.04
C TYR A 261 17.88 5.02 -34.43
N ARG A 262 16.90 5.50 -35.21
CA ARG A 262 15.51 5.57 -34.74
C ARG A 262 15.05 4.14 -34.41
N LYS A 263 13.91 4.00 -33.74
CA LYS A 263 13.45 2.67 -33.35
C LYS A 263 13.18 1.77 -34.56
N ASP A 264 13.23 0.47 -34.34
CA ASP A 264 13.12 -0.53 -35.41
C ASP A 264 11.90 -0.32 -36.26
N ASN A 265 10.74 -0.37 -35.63
CA ASN A 265 9.48 -0.28 -36.34
C ASN A 265 9.26 1.01 -37.11
N ILE A 266 9.89 2.11 -36.67
CA ILE A 266 9.77 3.36 -37.40
C ILE A 266 10.54 3.28 -38.71
N ILE A 267 11.80 2.85 -38.62
CA ILE A 267 12.67 2.74 -39.79
C ILE A 267 12.28 1.59 -40.71
N LYS A 268 11.71 0.53 -40.16
CA LYS A 268 11.24 -0.57 -41.00
C LYS A 268 9.98 -0.13 -41.75
N LYS A 269 9.12 0.63 -41.08
CA LYS A 269 7.86 1.02 -41.69
C LYS A 269 8.09 1.99 -42.83
N GLU A 270 8.99 2.95 -42.61
CA GLU A 270 9.41 3.85 -43.68
C GLU A 270 9.85 2.99 -44.87
N LEU A 271 10.74 2.06 -44.58
CA LEU A 271 11.30 1.17 -45.58
C LEU A 271 10.21 0.45 -46.32
N PHE A 272 9.21 -0.02 -45.58
CA PHE A 272 8.07 -0.72 -46.16
C PHE A 272 7.28 0.17 -47.12
N LEU A 273 6.88 1.36 -46.64
CA LEU A 273 6.07 2.26 -47.46
C LEU A 273 6.80 2.78 -48.67
N GLU A 274 8.04 3.24 -48.48
CA GLU A 274 8.85 3.72 -49.59
C GLU A 274 9.06 2.63 -50.65
N GLU A 275 9.71 1.52 -50.27
CA GLU A 275 9.95 0.42 -51.22
C GLU A 275 8.78 -0.54 -51.37
N ILE A 276 8.76 -1.63 -50.62
CA ILE A 276 7.79 -2.74 -50.76
C ILE A 276 6.35 -2.38 -51.16
N GLN A 277 5.78 -1.43 -50.43
CA GLN A 277 4.40 -0.94 -50.62
C GLN A 277 3.97 -0.60 -52.05
N GLY A 278 2.84 -1.15 -52.48
CA GLY A 278 2.29 -0.80 -53.78
C GLY A 278 3.11 -1.27 -54.97
N LYS A 279 4.31 -1.79 -54.71
CA LYS A 279 5.14 -2.37 -55.77
C LYS A 279 5.05 -3.88 -55.72
N TYR A 280 4.79 -4.40 -54.52
CA TYR A 280 4.64 -5.84 -54.32
C TYR A 280 3.30 -6.15 -53.68
N PHE A 281 2.98 -7.44 -53.62
CA PHE A 281 1.82 -7.93 -52.88
C PHE A 281 2.34 -8.86 -51.78
N VAL A 282 2.39 -8.38 -50.55
CA VAL A 282 2.97 -9.19 -49.50
C VAL A 282 2.03 -10.30 -49.07
N GLU A 283 2.49 -11.55 -49.14
CA GLU A 283 1.68 -12.73 -48.79
C GLU A 283 1.75 -13.05 -47.30
N PHE A 284 2.88 -12.71 -46.67
CA PHE A 284 3.08 -12.73 -45.20
C PHE A 284 4.47 -12.11 -44.81
N LEU A 285 4.78 -12.04 -43.52
CA LEU A 285 6.11 -11.60 -43.09
C LEU A 285 6.65 -12.49 -41.96
N LEU A 286 7.97 -12.65 -41.88
CA LEU A 286 8.58 -13.39 -40.78
C LEU A 286 9.48 -12.48 -39.96
N ASP A 287 9.25 -12.42 -38.65
CA ASP A 287 9.98 -11.48 -37.76
C ASP A 287 10.09 -12.04 -36.34
N ASP A 288 10.94 -11.43 -35.51
CA ASP A 288 11.16 -11.91 -34.15
C ASP A 288 10.62 -10.98 -33.04
N ARG A 289 11.14 -9.77 -32.97
CA ARG A 289 10.84 -8.91 -31.82
C ARG A 289 9.46 -8.26 -31.87
N ASN A 290 8.82 -8.19 -30.70
CA ASN A 290 7.41 -7.81 -30.60
C ASN A 290 7.09 -6.46 -31.19
N GLN A 291 7.89 -5.47 -30.82
CA GLN A 291 7.69 -4.08 -31.27
C GLN A 291 7.32 -4.01 -32.73
N VAL A 292 8.02 -4.82 -33.52
CA VAL A 292 7.91 -4.85 -34.96
C VAL A 292 6.70 -5.66 -35.38
N VAL A 293 6.48 -6.78 -34.71
CA VAL A 293 5.36 -7.63 -35.08
C VAL A 293 4.08 -6.82 -34.90
N ASP A 294 3.98 -6.11 -33.79
CA ASP A 294 2.81 -5.29 -33.53
C ASP A 294 2.58 -4.32 -34.66
N MSE A 295 3.60 -3.57 -35.03
CA MSE A 295 3.48 -2.62 -36.13
C MSE A 295 2.91 -3.32 -37.38
O MSE A 295 1.84 -2.92 -37.87
CB MSE A 295 4.83 -1.93 -36.41
CG MSE A 295 4.88 -0.95 -37.60
SE MSE A 295 5.43 -1.75 -39.31
CE MSE A 295 6.85 -2.93 -38.67
N TRP A 296 3.57 -4.38 -37.85
CA TRP A 296 3.10 -5.09 -39.02
C TRP A 296 1.62 -5.43 -38.90
N ARG A 297 1.26 -6.16 -37.85
CA ARG A 297 -0.13 -6.55 -37.66
C ARG A 297 -1.03 -5.32 -37.45
N ARG A 298 -0.72 -4.54 -36.40
CA ARG A 298 -1.61 -3.48 -35.92
C ARG A 298 -1.69 -2.21 -36.78
N GLU A 299 -0.57 -1.73 -37.28
CA GLU A 299 -0.62 -0.54 -38.10
C GLU A 299 -0.85 -0.87 -39.59
N LEU A 300 -0.04 -1.79 -40.11
CA LEU A 300 -0.04 -2.04 -41.55
C LEU A 300 -1.07 -3.07 -41.97
N ALA A 301 -1.71 -3.71 -41.00
CA ALA A 301 -2.73 -4.74 -41.25
C ALA A 301 -2.28 -5.85 -42.20
N LEU A 302 -1.16 -6.50 -41.87
CA LEU A 302 -0.57 -7.52 -42.73
C LEU A 302 -0.31 -8.76 -41.93
N PRO A 303 -0.44 -9.94 -42.58
CA PRO A 303 -0.14 -11.15 -41.83
C PRO A 303 1.36 -11.22 -41.57
N CYS A 304 1.72 -11.41 -40.31
CA CYS A 304 3.11 -11.58 -39.94
C CYS A 304 3.24 -12.76 -38.99
N PHE A 305 4.06 -13.73 -39.36
CA PHE A 305 4.31 -14.84 -38.46
C PHE A 305 5.51 -14.47 -37.56
N GLN A 306 5.41 -14.82 -36.27
CA GLN A 306 6.47 -14.51 -35.30
C GLN A 306 7.31 -15.76 -35.05
N VAL A 307 8.59 -15.71 -35.39
CA VAL A 307 9.36 -16.94 -35.46
C VAL A 307 9.85 -17.52 -34.14
N ASN A 308 10.52 -16.69 -33.33
CA ASN A 308 10.83 -17.08 -31.96
C ASN A 308 10.03 -16.24 -30.96
N TYR A 309 10.60 -16.02 -29.79
CA TYR A 309 10.06 -15.10 -28.79
C TYR A 309 10.79 -13.79 -28.97
N GLY A 310 10.07 -12.69 -28.88
CA GLY A 310 10.69 -11.38 -28.97
C GLY A 310 10.89 -10.75 -27.61
N ASP A 311 10.20 -9.65 -27.37
CA ASP A 311 10.28 -8.91 -26.10
C ASP A 311 11.69 -8.41 -25.77
N PHE A 312 12.41 -7.99 -26.80
CA PHE A 312 13.65 -7.27 -26.60
C PHE A 312 13.21 -5.85 -26.36
N MET B 1 -10.50 -22.29 16.50
CA MET B 1 -10.75 -23.10 15.32
C MET B 1 -10.25 -22.41 14.05
N GLU B 2 -9.77 -23.18 13.07
CA GLU B 2 -9.52 -22.62 11.74
C GLU B 2 -9.80 -23.59 10.58
N ASP B 3 -11.05 -23.62 10.16
CA ASP B 3 -11.41 -24.07 8.82
C ASP B 3 -12.29 -22.97 8.27
N LYS B 4 -11.79 -22.27 7.25
CA LYS B 4 -12.49 -21.16 6.62
C LYS B 4 -13.96 -21.52 6.43
N THR B 5 -14.21 -22.59 5.70
CA THR B 5 -15.57 -22.99 5.37
C THR B 5 -16.47 -23.24 6.57
N LEU B 6 -15.92 -23.62 7.71
CA LEU B 6 -16.80 -23.90 8.83
C LEU B 6 -16.79 -22.81 9.91
N ILE B 7 -15.75 -21.98 9.90
CA ILE B 7 -15.85 -20.73 10.64
C ILE B 7 -16.90 -19.87 9.95
N LYS B 8 -16.86 -19.86 8.62
CA LYS B 8 -17.85 -19.14 7.85
C LYS B 8 -19.26 -19.59 8.24
N LYS B 9 -19.40 -20.89 8.53
CA LYS B 9 -20.67 -21.42 9.00
C LYS B 9 -21.02 -20.73 10.29
N ARG B 10 -20.15 -20.89 11.28
CA ARG B 10 -20.39 -20.42 12.65
C ARG B 10 -20.78 -18.96 12.70
N ILE B 11 -20.04 -18.14 11.98
CA ILE B 11 -20.33 -16.73 11.92
C ILE B 11 -21.74 -16.52 11.36
N ASP B 12 -22.05 -17.14 10.22
CA ASP B 12 -23.35 -16.91 9.59
C ASP B 12 -24.43 -17.15 10.62
N TRP B 13 -24.27 -18.25 11.33
CA TRP B 13 -25.16 -18.62 12.41
C TRP B 13 -25.26 -17.51 13.47
N PHE B 14 -24.14 -16.90 13.81
CA PHE B 14 -24.10 -15.82 14.79
C PHE B 14 -24.86 -14.62 14.26
N CYS B 15 -24.85 -14.44 12.96
CA CYS B 15 -25.51 -13.27 12.39
C CYS B 15 -27.01 -13.50 12.35
N LYS B 16 -27.41 -14.64 11.77
CA LYS B 16 -28.82 -14.98 11.59
C LYS B 16 -29.52 -14.92 12.93
N ASN B 17 -28.81 -15.30 14.01
CA ASN B 17 -29.37 -15.41 15.36
C ASN B 17 -29.62 -14.09 16.09
N LYS B 18 -29.10 -12.99 15.53
CA LYS B 18 -29.12 -11.67 16.18
C LYS B 18 -28.45 -11.68 17.55
N ILE B 19 -27.14 -11.92 17.55
CA ILE B 19 -26.30 -11.76 18.72
C ILE B 19 -25.46 -10.50 18.59
N ASN B 20 -25.26 -9.80 19.71
CA ASN B 20 -24.82 -8.42 19.72
C ASN B 20 -23.62 -8.16 20.63
N ALA B 21 -23.15 -9.19 21.33
CA ALA B 21 -21.94 -9.15 22.17
C ALA B 21 -21.37 -10.53 22.15
N PHE B 22 -20.10 -10.66 22.50
CA PHE B 22 -19.56 -11.99 22.68
C PHE B 22 -19.36 -12.27 24.16
N SER B 23 -18.14 -12.08 24.64
CA SER B 23 -17.82 -12.22 26.05
C SER B 23 -16.34 -12.09 26.17
N PRO B 24 -15.85 -11.75 27.36
CA PRO B 24 -14.40 -11.70 27.57
C PRO B 24 -13.91 -12.82 28.44
N THR B 25 -12.66 -13.20 28.29
CA THR B 25 -12.05 -14.07 29.28
C THR B 25 -11.84 -13.14 30.43
N ILE B 26 -11.87 -13.65 31.64
CA ILE B 26 -11.64 -12.80 32.80
C ILE B 26 -10.37 -13.30 33.46
N SER B 27 -9.42 -12.41 33.71
CA SER B 27 -8.16 -12.84 34.30
C SER B 27 -8.24 -12.97 35.81
N PRO B 28 -7.38 -13.80 36.40
CA PRO B 28 -7.22 -13.72 37.85
C PRO B 28 -6.64 -12.38 38.19
N ALA B 29 -6.82 -11.94 39.43
CA ALA B 29 -6.07 -10.80 39.91
C ALA B 29 -4.64 -11.26 40.09
N PRO B 30 -3.67 -10.40 39.74
CA PRO B 30 -2.22 -10.59 39.88
C PRO B 30 -1.80 -11.15 41.24
N LYS B 31 -0.76 -11.97 41.30
CA LYS B 31 -0.40 -12.62 42.54
C LYS B 31 0.38 -11.73 43.51
N SER B 32 0.46 -12.16 44.77
CA SER B 32 1.30 -11.49 45.78
C SER B 32 2.03 -12.53 46.62
N VAL B 33 3.27 -12.82 46.26
CA VAL B 33 4.03 -13.83 46.99
C VAL B 33 4.18 -13.31 48.41
N GLU B 34 4.33 -11.99 48.51
CA GLU B 34 4.29 -11.23 49.75
C GLU B 34 3.14 -11.71 50.64
N ARG B 35 1.94 -11.73 50.06
CA ARG B 35 0.74 -12.06 50.81
C ARG B 35 0.41 -13.56 50.70
N ASN B 36 1.26 -14.26 49.96
CA ASN B 36 1.10 -15.69 49.73
C ASN B 36 -0.31 -15.99 49.24
N GLU B 37 -0.81 -15.10 48.40
CA GLU B 37 -2.10 -15.32 47.77
C GLU B 37 -1.93 -15.42 46.27
N ILE B 38 -2.33 -16.55 45.72
CA ILE B 38 -2.05 -16.82 44.33
C ILE B 38 -2.80 -15.86 43.42
N GLU B 39 -4.03 -15.49 43.81
CA GLU B 39 -4.75 -14.41 43.12
C GLU B 39 -5.06 -13.38 44.19
N SER B 40 -4.58 -12.15 44.03
CA SER B 40 -4.64 -11.22 45.16
C SER B 40 -5.59 -10.05 45.01
N LEU B 41 -6.59 -10.01 45.90
CA LEU B 41 -7.60 -8.96 45.94
C LEU B 41 -6.91 -7.63 45.94
N TYR B 42 -5.93 -7.53 46.83
CA TYR B 42 -5.10 -6.34 46.96
C TYR B 42 -4.53 -5.96 45.60
N GLU B 43 -3.64 -6.81 45.08
CA GLU B 43 -2.97 -6.59 43.81
C GLU B 43 -3.86 -6.16 42.64
N GLY B 44 -5.06 -6.73 42.57
CA GLY B 44 -5.97 -6.47 41.46
C GLY B 44 -6.62 -5.10 41.59
N ILE B 45 -6.87 -4.69 42.81
CA ILE B 45 -7.34 -3.32 43.04
C ILE B 45 -6.19 -2.35 42.79
N LEU B 46 -5.02 -2.66 43.35
CA LEU B 46 -3.87 -1.80 43.17
C LEU B 46 -3.62 -1.64 41.69
N TRP B 47 -3.66 -2.76 40.96
CA TRP B 47 -3.45 -2.76 39.52
C TRP B 47 -4.32 -1.71 38.87
N PHE B 48 -5.59 -1.72 39.26
CA PHE B 48 -6.57 -0.78 38.73
C PHE B 48 -6.26 0.68 39.10
N VAL B 49 -5.86 0.90 40.34
CA VAL B 49 -5.70 2.25 40.81
C VAL B 49 -4.51 2.95 40.12
N LEU B 50 -3.49 2.16 39.79
CA LEU B 50 -2.25 2.67 39.23
C LEU B 50 -2.37 2.86 37.74
N ASN B 51 -3.52 2.46 37.19
CA ASN B 51 -3.76 2.62 35.77
C ASN B 51 -4.82 3.69 35.60
N GLY B 52 -5.13 4.36 36.70
CA GLY B 52 -5.99 5.52 36.64
C GLY B 52 -7.43 5.24 36.99
N VAL B 53 -7.81 3.96 36.91
CA VAL B 53 -9.13 3.54 37.33
C VAL B 53 -9.24 3.74 38.84
N LYS B 54 -10.06 4.70 39.27
CA LYS B 54 -10.17 4.98 40.70
C LYS B 54 -11.59 4.76 41.22
N GLU B 55 -12.54 4.59 40.33
CA GLU B 55 -13.89 4.22 40.73
C GLU B 55 -14.07 2.75 40.40
N ILE B 56 -14.30 1.91 41.40
CA ILE B 56 -14.45 0.49 41.16
C ILE B 56 -15.66 -0.11 41.86
N VAL B 57 -16.13 -1.23 41.31
CA VAL B 57 -17.21 -2.04 41.86
C VAL B 57 -16.68 -3.44 42.25
N ILE B 58 -17.18 -4.03 43.35
CA ILE B 58 -16.88 -5.44 43.64
C ILE B 58 -18.12 -6.30 43.85
N GLU B 59 -18.39 -7.25 42.95
CA GLU B 59 -19.57 -8.12 43.05
C GLU B 59 -19.22 -9.50 43.66
N LYS B 60 -20.23 -10.24 44.12
CA LYS B 60 -19.98 -11.64 44.43
C LYS B 60 -19.70 -12.37 43.13
N LYS B 61 -19.04 -13.52 43.19
CA LYS B 61 -18.78 -14.32 42.00
C LYS B 61 -19.53 -15.65 41.99
N TYR B 62 -20.49 -15.74 41.07
CA TYR B 62 -21.44 -16.84 41.04
C TYR B 62 -20.93 -18.08 40.28
N MET B 63 -21.17 -19.25 40.87
CA MET B 63 -20.62 -20.49 40.34
C MET B 63 -21.63 -21.09 39.42
N GLY B 64 -21.63 -20.63 38.18
CA GLY B 64 -22.60 -21.08 37.20
C GLY B 64 -22.05 -21.10 35.79
N SER B 65 -22.87 -20.70 34.84
CA SER B 65 -22.50 -20.72 33.43
C SER B 65 -22.78 -19.36 32.85
N TYR B 66 -21.90 -18.83 32.00
CA TYR B 66 -22.10 -17.46 31.56
C TYR B 66 -23.24 -17.40 30.59
N CYS B 67 -24.14 -16.47 30.82
CA CYS B 67 -25.37 -16.36 30.07
C CYS B 67 -25.71 -14.92 29.74
N ASP B 68 -25.65 -14.55 28.47
CA ASP B 68 -26.16 -13.26 27.99
C ASP B 68 -27.65 -13.43 27.77
N ILE B 69 -28.44 -12.68 28.53
CA ILE B 69 -29.89 -12.69 28.47
C ILE B 69 -30.36 -11.63 27.50
N TYR B 70 -30.96 -12.02 26.40
CA TYR B 70 -31.58 -11.02 25.55
C TYR B 70 -33.04 -10.85 25.97
N LEU B 71 -33.26 -10.00 26.96
CA LEU B 71 -34.59 -9.74 27.48
C LEU B 71 -35.37 -8.88 26.52
N HIS B 72 -36.39 -9.46 25.89
CA HIS B 72 -37.34 -8.66 25.13
C HIS B 72 -38.51 -8.22 26.01
N ARG B 73 -39.35 -7.35 25.49
CA ARG B 73 -40.48 -6.84 26.25
C ARG B 73 -41.54 -7.93 26.29
N ARG B 74 -41.76 -8.58 25.15
CA ARG B 74 -42.53 -9.82 25.16
C ARG B 74 -41.65 -10.93 25.76
N LEU B 75 -41.77 -11.16 27.06
CA LEU B 75 -40.88 -12.09 27.76
C LEU B 75 -40.71 -13.39 26.98
N GLU B 76 -41.82 -13.85 26.42
CA GLU B 76 -41.87 -15.13 25.72
C GLU B 76 -40.83 -15.21 24.61
N ASP B 77 -40.53 -14.09 23.95
CA ASP B 77 -39.53 -14.18 22.89
C ASP B 77 -38.10 -13.71 23.25
N THR B 78 -37.73 -13.84 24.52
CA THR B 78 -36.33 -13.61 24.93
C THR B 78 -35.50 -14.82 24.54
N TYR B 79 -34.17 -14.66 24.55
CA TYR B 79 -33.28 -15.81 24.37
C TYR B 79 -31.97 -15.70 25.15
N LEU B 80 -31.19 -16.77 25.08
CA LEU B 80 -29.96 -16.93 25.86
C LEU B 80 -28.77 -17.17 24.95
N VAL B 81 -27.65 -16.52 25.24
CA VAL B 81 -26.41 -16.76 24.51
C VAL B 81 -25.31 -17.21 25.50
N SER B 82 -24.50 -18.19 25.09
CA SER B 82 -23.60 -18.85 26.00
C SER B 82 -22.34 -18.06 26.25
N ARG B 83 -21.40 -18.70 26.95
CA ARG B 83 -20.08 -18.13 27.24
C ARG B 83 -19.47 -17.52 26.00
N ASN B 84 -19.25 -18.35 25.00
CA ASN B 84 -18.93 -17.92 23.64
C ASN B 84 -20.20 -17.60 22.82
N GLY B 85 -20.12 -17.71 21.50
CA GLY B 85 -21.15 -17.14 20.65
C GLY B 85 -22.53 -17.77 20.47
N TYR B 86 -22.87 -18.84 21.18
CA TYR B 86 -24.03 -19.68 20.78
C TYR B 86 -25.32 -19.49 21.56
N LYS B 87 -26.46 -19.62 20.87
CA LYS B 87 -27.77 -19.62 21.55
C LYS B 87 -27.91 -20.89 22.41
N ILE B 88 -28.37 -20.75 23.65
CA ILE B 88 -28.65 -21.92 24.50
C ILE B 88 -30.10 -22.35 24.33
N ASN B 89 -30.38 -23.45 23.63
CA ASN B 89 -31.78 -23.90 23.64
C ASN B 89 -31.99 -25.39 23.84
N HIS B 90 -31.90 -25.78 25.09
CA HIS B 90 -32.12 -27.15 25.48
C HIS B 90 -32.53 -27.14 26.94
N LEU B 91 -33.10 -26.02 27.36
CA LEU B 91 -33.66 -25.94 28.70
C LEU B 91 -35.18 -25.83 28.60
N ASP B 92 -35.86 -26.08 29.70
CA ASP B 92 -37.32 -26.04 29.67
C ASP B 92 -37.74 -24.62 29.52
N GLN B 93 -38.32 -24.29 28.38
CA GLN B 93 -38.62 -22.90 28.05
C GLN B 93 -39.49 -22.27 29.12
N GLU B 94 -40.23 -23.11 29.84
CA GLU B 94 -41.07 -22.61 30.92
C GLU B 94 -40.22 -22.27 32.12
N GLN B 95 -39.69 -23.33 32.73
CA GLN B 95 -38.76 -23.24 33.85
C GLN B 95 -37.84 -22.03 33.79
N CYS B 96 -37.46 -21.61 32.57
CA CYS B 96 -36.55 -20.48 32.31
C CYS B 96 -37.30 -19.16 32.34
N LEU B 97 -38.21 -18.99 31.39
CA LEU B 97 -39.12 -17.85 31.35
C LEU B 97 -39.64 -17.50 32.75
N ARG B 98 -40.04 -18.51 33.51
CA ARG B 98 -40.40 -18.36 34.91
C ARG B 98 -39.27 -17.71 35.72
N ALA B 99 -38.06 -18.22 35.58
CA ALA B 99 -36.94 -17.64 36.33
C ALA B 99 -36.53 -16.28 35.81
N LEU B 100 -37.16 -15.86 34.73
CA LEU B 100 -36.80 -14.61 34.12
C LEU B 100 -37.84 -13.54 34.36
N GLN B 101 -38.95 -13.86 35.01
CA GLN B 101 -39.93 -12.81 35.21
C GLN B 101 -39.51 -12.00 36.40
N GLY B 102 -38.79 -12.64 37.32
CA GLY B 102 -38.17 -11.93 38.42
C GLY B 102 -37.46 -10.67 37.92
N LEU B 103 -36.55 -10.88 36.99
CA LEU B 103 -35.83 -9.78 36.37
C LEU B 103 -36.75 -8.87 35.55
N HIS B 104 -37.64 -9.45 34.76
CA HIS B 104 -38.42 -8.68 33.78
C HIS B 104 -39.26 -7.65 34.50
N ASP B 105 -39.70 -8.02 35.69
CA ASP B 105 -40.60 -7.21 36.48
C ASP B 105 -39.92 -6.02 37.11
N ARG B 106 -38.59 -5.99 37.05
CA ARG B 106 -37.84 -4.88 37.64
C ARG B 106 -37.66 -3.75 36.68
N PHE B 107 -38.32 -3.80 35.53
CA PHE B 107 -38.16 -2.76 34.53
C PHE B 107 -39.48 -2.22 34.08
N SER B 108 -39.43 -1.21 33.24
CA SER B 108 -40.63 -0.71 32.64
C SER B 108 -40.38 -0.72 31.16
N TRP B 109 -41.28 -1.32 30.40
CA TRP B 109 -40.96 -1.60 29.02
C TRP B 109 -41.69 -0.70 28.05
N ASP B 110 -41.93 0.52 28.53
CA ASP B 110 -42.54 1.57 27.71
C ASP B 110 -41.50 2.09 26.72
N GLY B 111 -41.74 1.81 25.45
CA GLY B 111 -40.82 2.21 24.40
C GLY B 111 -39.50 1.46 24.43
N VAL B 112 -39.36 0.50 25.35
CA VAL B 112 -38.15 -0.32 25.44
C VAL B 112 -38.40 -1.65 24.75
N GLU B 113 -37.57 -1.96 23.77
CA GLU B 113 -37.77 -3.17 22.97
C GLU B 113 -37.08 -4.38 23.57
N LEU B 114 -35.88 -4.16 24.09
CA LEU B 114 -34.98 -5.24 24.44
C LEU B 114 -33.87 -4.75 25.39
N ARG B 115 -33.44 -5.59 26.31
CA ARG B 115 -32.35 -5.21 27.18
C ARG B 115 -31.28 -6.29 27.32
N ILE B 116 -30.17 -6.20 26.57
CA ILE B 116 -29.10 -7.21 26.70
C ILE B 116 -28.38 -7.11 28.04
N ILE B 117 -28.51 -8.15 28.86
CA ILE B 117 -28.00 -8.13 30.21
C ILE B 117 -27.19 -9.37 30.42
N GLN B 118 -26.01 -9.24 31.00
CA GLN B 118 -25.19 -10.41 31.26
C GLN B 118 -25.38 -10.88 32.69
N SER B 119 -25.44 -12.20 32.84
CA SER B 119 -25.75 -12.85 34.09
C SER B 119 -25.06 -14.20 34.22
N GLU B 120 -25.08 -14.76 35.41
CA GLU B 120 -24.66 -16.14 35.59
C GLU B 120 -25.89 -17.04 35.70
N LEU B 121 -26.10 -17.92 34.72
CA LEU B 121 -27.16 -18.93 34.80
C LEU B 121 -26.84 -20.08 35.77
N MET B 122 -27.70 -20.23 36.76
CA MET B 122 -27.40 -21.06 37.90
C MET B 122 -28.34 -22.25 37.99
N PRO B 123 -27.96 -23.32 38.71
CA PRO B 123 -26.63 -23.52 39.25
C PRO B 123 -25.75 -24.21 38.20
N TRP B 124 -24.56 -24.57 38.65
CA TRP B 124 -23.51 -25.09 37.80
C TRP B 124 -24.01 -26.27 36.98
N SER B 125 -24.76 -27.16 37.62
CA SER B 125 -25.05 -28.46 37.03
C SER B 125 -26.09 -28.40 35.94
N ILE B 126 -26.72 -27.24 35.76
CA ILE B 126 -27.64 -27.06 34.64
C ILE B 126 -26.94 -27.35 33.30
N LEU B 127 -25.73 -26.85 33.14
CA LEU B 127 -24.96 -27.16 31.94
C LEU B 127 -23.73 -28.03 32.23
N GLY B 128 -23.42 -28.22 33.51
CA GLY B 128 -22.16 -28.79 33.90
C GLY B 128 -22.20 -30.16 34.55
N LYS B 129 -23.40 -30.67 34.78
CA LYS B 129 -23.56 -32.05 35.27
C LYS B 129 -22.70 -32.95 34.40
N GLY B 130 -22.08 -33.95 34.99
CA GLY B 130 -21.30 -34.84 34.15
C GLY B 130 -19.89 -34.31 33.93
N LEU B 131 -19.73 -33.02 33.72
CA LEU B 131 -18.39 -32.51 33.95
C LEU B 131 -18.26 -32.72 35.46
N ILE B 132 -19.32 -32.39 36.18
CA ILE B 132 -19.38 -32.64 37.59
C ILE B 132 -19.22 -34.13 37.86
N ASN B 133 -20.13 -34.94 37.31
CA ASN B 133 -20.02 -36.42 37.41
C ASN B 133 -18.72 -37.10 36.95
N ASN B 134 -18.40 -37.01 35.65
CA ASN B 134 -17.24 -37.67 35.04
C ASN B 134 -15.86 -37.24 35.53
N GLU B 135 -15.71 -35.97 35.91
CA GLU B 135 -14.43 -35.46 36.38
C GLU B 135 -14.41 -35.29 37.89
N PHE B 136 -15.08 -34.27 38.41
CA PHE B 136 -14.99 -33.94 39.83
C PHE B 136 -15.39 -35.03 40.84
N SER B 137 -16.60 -35.57 40.71
CA SER B 137 -17.03 -36.67 41.55
C SER B 137 -16.09 -37.86 41.40
N ALA B 138 -15.67 -38.15 40.17
CA ALA B 138 -14.69 -39.21 39.94
C ALA B 138 -13.38 -38.99 40.70
N TYR B 139 -12.77 -37.82 40.51
CA TYR B 139 -11.54 -37.46 41.22
C TYR B 139 -11.70 -37.53 42.73
N TYR B 140 -12.84 -37.04 43.24
CA TYR B 140 -13.10 -37.11 44.68
C TYR B 140 -13.06 -38.55 45.13
N ILE B 141 -13.98 -39.32 44.56
CA ILE B 141 -14.16 -40.71 44.90
C ILE B 141 -12.82 -41.44 44.95
N SER B 142 -11.99 -41.24 43.93
CA SER B 142 -10.76 -42.00 43.83
C SER B 142 -9.94 -41.84 45.08
N HIS B 143 -9.80 -40.59 45.54
CA HIS B 143 -9.00 -40.30 46.72
C HIS B 143 -9.71 -40.81 47.96
N GLU B 144 -11.02 -40.60 48.06
CA GLU B 144 -11.77 -41.12 49.22
C GLU B 144 -11.50 -42.63 49.42
N ILE B 145 -11.76 -43.43 48.39
CA ILE B 145 -11.50 -44.86 48.42
C ILE B 145 -10.08 -45.20 48.85
N HIS B 146 -9.12 -44.65 48.13
CA HIS B 146 -7.70 -44.81 48.43
C HIS B 146 -7.40 -44.45 49.87
N ALA B 147 -7.87 -43.29 50.32
CA ALA B 147 -7.65 -42.87 51.71
C ALA B 147 -8.21 -43.89 52.70
N GLU B 148 -9.48 -44.24 52.52
CA GLU B 148 -10.14 -45.25 53.35
C GLU B 148 -9.28 -46.49 53.46
N TYR B 149 -8.83 -47.00 52.32
CA TYR B 149 -7.99 -48.20 52.31
C TYR B 149 -6.68 -48.03 53.07
N LEU B 150 -6.08 -46.86 53.04
CA LEU B 150 -4.81 -46.73 53.72
C LEU B 150 -5.05 -46.65 55.22
N VAL B 151 -6.21 -46.13 55.60
CA VAL B 151 -6.58 -46.13 57.01
C VAL B 151 -6.87 -47.55 57.51
N GLN B 152 -7.78 -48.28 56.86
CA GLN B 152 -8.22 -49.57 57.39
C GLN B 152 -7.14 -50.66 57.33
N SER B 153 -6.25 -50.61 56.34
CA SER B 153 -5.36 -51.73 56.09
C SER B 153 -4.07 -51.74 56.89
N SER B 154 -3.39 -52.88 56.78
CA SER B 154 -2.22 -53.19 57.57
C SER B 154 -1.01 -52.67 56.86
N LEU B 155 -1.21 -52.05 55.71
CA LEU B 155 -0.08 -51.59 54.93
C LEU B 155 0.82 -50.58 55.69
N TYR B 156 0.26 -49.50 56.19
CA TYR B 156 1.08 -48.48 56.83
C TYR B 156 1.80 -49.04 58.07
N GLU B 157 1.13 -49.94 58.79
CA GLU B 157 1.72 -50.53 59.99
C GLU B 157 2.95 -51.40 59.67
N LYS B 158 2.84 -52.23 58.63
CA LYS B 158 3.91 -53.13 58.25
C LYS B 158 5.09 -52.41 57.62
N LEU B 159 4.85 -51.21 57.11
CA LEU B 159 5.94 -50.47 56.49
C LEU B 159 6.76 -49.74 57.55
N GLN B 160 6.10 -49.28 58.61
CA GLN B 160 6.79 -48.63 59.72
C GLN B 160 7.57 -49.61 60.61
N LYS B 161 7.15 -50.87 60.62
CA LYS B 161 7.92 -51.91 61.30
C LYS B 161 9.21 -52.15 60.54
N ILE B 162 9.12 -52.51 59.26
CA ILE B 162 10.32 -52.76 58.46
C ILE B 162 11.27 -51.57 58.47
N GLN B 163 10.70 -50.38 58.62
CA GLN B 163 11.53 -49.19 58.70
C GLN B 163 12.22 -48.98 60.05
N GLN B 164 12.24 -50.04 60.86
CA GLN B 164 12.93 -50.04 62.15
C GLN B 164 13.97 -51.15 62.20
N GLU B 165 13.64 -52.30 61.57
CA GLU B 165 14.52 -53.47 61.54
C GLU B 165 15.98 -53.11 61.22
N PRO B 166 16.93 -53.93 61.70
CA PRO B 166 18.36 -53.60 61.57
C PRO B 166 18.91 -53.80 60.15
N ALA B 167 18.38 -54.77 59.41
CA ALA B 167 18.77 -55.00 58.03
C ALA B 167 18.59 -53.69 57.24
N TYR B 168 17.36 -53.19 57.26
CA TYR B 168 17.02 -51.85 56.79
C TYR B 168 17.69 -50.83 57.75
N LEU B 169 17.83 -49.58 57.31
CA LEU B 169 18.65 -48.53 57.94
C LEU B 169 20.11 -48.69 57.53
N SER B 170 20.60 -49.93 57.63
CA SER B 170 21.95 -50.26 57.18
C SER B 170 22.04 -49.92 55.71
N PHE B 171 21.00 -50.27 54.98
CA PHE B 171 20.96 -49.93 53.58
C PHE B 171 20.91 -48.42 53.39
N VAL B 172 20.00 -47.79 54.14
CA VAL B 172 19.78 -46.34 53.99
C VAL B 172 20.93 -45.51 54.55
N ALA B 173 21.78 -46.12 55.36
CA ALA B 173 22.99 -45.45 55.81
C ALA B 173 24.08 -45.56 54.76
N ASP B 174 24.61 -46.77 54.54
CA ASP B 174 25.71 -46.95 53.60
C ASP B 174 25.32 -46.88 52.10
N ALA B 175 24.31 -46.07 51.81
CA ALA B 175 24.00 -45.72 50.43
C ALA B 175 23.68 -44.22 50.30
N LYS B 176 23.16 -43.62 51.36
CA LYS B 176 22.95 -42.17 51.41
C LYS B 176 24.25 -41.48 51.76
N VAL B 177 25.00 -42.08 52.69
CA VAL B 177 26.28 -41.55 53.18
C VAL B 177 27.49 -42.03 52.33
N LEU B 178 27.38 -43.21 51.72
CA LEU B 178 28.45 -43.74 50.85
C LEU B 178 28.00 -43.73 49.41
N SER B 179 28.90 -43.28 48.54
CA SER B 179 28.57 -43.04 47.15
C SER B 179 29.39 -43.88 46.15
N ALA B 180 28.75 -44.91 45.59
CA ALA B 180 29.26 -45.55 44.38
C ALA B 180 28.17 -46.30 43.64
N LYS B 181 28.21 -46.17 42.31
CA LYS B 181 27.27 -46.80 41.38
C LYS B 181 27.45 -48.31 41.30
N GLU B 182 28.27 -48.84 42.20
CA GLU B 182 28.33 -50.25 42.50
C GLU B 182 28.99 -50.41 43.85
N LEU B 183 28.31 -49.90 44.87
CA LEU B 183 28.68 -50.11 46.26
C LEU B 183 28.32 -51.56 46.61
N LYS B 184 28.92 -52.49 45.86
CA LYS B 184 28.35 -53.82 45.53
C LYS B 184 26.80 -53.80 45.41
N ASP B 185 26.24 -54.92 44.99
CA ASP B 185 24.82 -54.90 44.70
C ASP B 185 24.06 -56.00 45.45
N LYS B 186 23.88 -55.78 46.76
CA LYS B 186 23.26 -56.74 47.69
C LYS B 186 22.10 -57.56 47.11
N TYR B 187 22.48 -58.69 46.51
CA TYR B 187 21.59 -59.59 45.73
C TYR B 187 20.69 -58.94 44.65
N PRO B 188 20.65 -59.54 43.44
CA PRO B 188 20.17 -58.92 42.19
C PRO B 188 19.06 -57.88 42.39
N MET B 189 19.45 -56.71 42.89
CA MET B 189 18.50 -55.68 43.32
C MET B 189 17.65 -56.12 44.53
N HIS B 190 17.29 -57.39 44.57
CA HIS B 190 16.70 -58.08 45.73
C HIS B 190 16.38 -57.22 46.94
N ILE B 191 17.41 -56.61 47.51
CA ILE B 191 17.25 -55.76 48.68
C ILE B 191 17.52 -54.28 48.32
N ILE B 192 18.36 -54.07 47.30
CA ILE B 192 18.58 -52.72 46.76
C ILE B 192 17.25 -52.18 46.25
N ARG B 193 16.50 -53.05 45.60
CA ARG B 193 15.19 -52.73 45.07
C ARG B 193 14.22 -52.50 46.24
N GLN B 194 13.81 -53.59 46.88
CA GLN B 194 12.91 -53.54 48.03
C GLN B 194 13.16 -52.43 49.06
N TYR B 195 14.40 -52.26 49.51
CA TYR B 195 14.69 -51.26 50.55
C TYR B 195 14.67 -49.83 49.99
N GLN B 196 14.95 -49.69 48.70
CA GLN B 196 14.88 -48.39 48.04
C GLN B 196 13.42 -48.05 47.72
N SER B 197 12.60 -49.07 47.47
CA SER B 197 11.18 -48.87 47.19
C SER B 197 10.42 -48.44 48.45
N ILE B 198 10.75 -49.06 49.57
CA ILE B 198 10.32 -48.56 50.87
C ILE B 198 11.11 -47.27 51.09
N ARG B 199 10.70 -46.42 52.03
CA ARG B 199 11.38 -45.13 52.26
C ARG B 199 11.14 -44.11 51.13
N ASP B 200 11.08 -44.61 49.90
CA ASP B 200 10.71 -43.80 48.75
C ASP B 200 9.21 -43.93 48.55
N PHE B 201 8.56 -44.52 49.53
CA PHE B 201 7.13 -44.58 49.62
C PHE B 201 6.71 -43.25 50.21
N LYS B 202 5.61 -42.70 49.70
CA LYS B 202 5.07 -41.46 50.27
C LYS B 202 4.03 -41.78 51.34
N PHE B 203 4.42 -41.70 52.60
CA PHE B 203 3.43 -41.75 53.66
C PHE B 203 2.54 -40.52 53.56
N LEU B 204 1.36 -40.58 54.14
CA LEU B 204 0.45 -39.46 54.07
C LEU B 204 -0.07 -39.18 55.45
N ASP B 205 -0.14 -37.92 55.82
CA ASP B 205 -0.72 -37.55 57.10
C ASP B 205 -2.20 -37.90 57.06
N LEU B 206 -2.53 -39.17 57.33
CA LEU B 206 -3.88 -39.71 57.04
C LEU B 206 -5.08 -38.90 57.51
N PRO B 207 -5.01 -38.27 58.70
CA PRO B 207 -6.18 -37.42 59.04
C PRO B 207 -6.24 -36.12 58.22
N HIS B 208 -5.07 -35.62 57.79
CA HIS B 208 -4.96 -34.41 56.98
C HIS B 208 -5.47 -34.73 55.60
N TYR B 209 -4.93 -35.80 55.03
CA TYR B 209 -5.33 -36.30 53.73
C TYR B 209 -6.83 -36.59 53.67
N GLN B 210 -7.44 -36.95 54.79
CA GLN B 210 -8.87 -37.13 54.80
C GLN B 210 -9.59 -35.77 54.89
N GLN B 211 -9.09 -34.90 55.76
CA GLN B 211 -9.73 -33.61 56.01
C GLN B 211 -9.71 -32.76 54.74
N ASN B 212 -8.62 -32.91 53.98
CA ASN B 212 -8.44 -32.26 52.69
C ASN B 212 -9.38 -32.85 51.63
N ILE B 213 -9.58 -34.15 51.66
CA ILE B 213 -10.54 -34.77 50.77
C ILE B 213 -11.92 -34.24 51.13
N GLN B 214 -12.17 -34.10 52.44
CA GLN B 214 -13.46 -33.62 52.88
C GLN B 214 -13.71 -32.18 52.48
N LEU B 215 -12.63 -31.40 52.39
CA LEU B 215 -12.74 -30.02 51.91
C LEU B 215 -13.22 -30.04 50.48
N PHE B 216 -12.57 -30.88 49.69
CA PHE B 216 -12.91 -30.97 48.29
C PHE B 216 -14.35 -31.41 48.19
N LYS B 217 -14.69 -32.46 48.94
CA LYS B 217 -16.07 -32.96 48.95
C LYS B 217 -17.03 -31.85 49.34
N ARG B 218 -16.62 -31.01 50.30
CA ARG B 218 -17.49 -29.94 50.77
C ARG B 218 -17.77 -28.97 49.64
N GLN B 219 -16.68 -28.45 49.06
CA GLN B 219 -16.76 -27.53 47.94
C GLN B 219 -17.65 -28.05 46.82
N LEU B 220 -17.50 -29.32 46.49
CA LEU B 220 -18.28 -29.94 45.43
C LEU B 220 -19.75 -29.92 45.79
N ASP B 221 -20.02 -30.03 47.09
CA ASP B 221 -21.39 -30.12 47.57
C ASP B 221 -22.06 -28.77 47.68
N ILE B 222 -21.29 -27.71 47.86
CA ILE B 222 -21.87 -26.38 47.72
C ILE B 222 -22.33 -26.16 46.28
N PHE B 223 -21.38 -26.15 45.35
CA PHE B 223 -21.66 -25.74 43.99
C PHE B 223 -22.25 -26.83 43.07
N GLY B 224 -22.00 -28.10 43.38
CA GLY B 224 -22.35 -29.17 42.46
C GLY B 224 -23.74 -29.75 42.54
N LYS B 225 -24.57 -29.27 43.47
CA LYS B 225 -25.93 -29.79 43.65
C LYS B 225 -26.87 -29.38 42.53
N GLU B 226 -27.95 -30.12 42.34
CA GLU B 226 -28.95 -29.79 41.31
C GLU B 226 -30.07 -28.95 41.91
N ALA B 227 -30.90 -28.20 41.15
CA ALA B 227 -30.71 -27.56 39.82
C ALA B 227 -32.03 -26.97 39.33
N ALA B 228 -32.74 -26.27 40.18
CA ALA B 228 -33.85 -25.53 39.63
C ALA B 228 -33.26 -24.27 38.98
N PRO B 229 -33.41 -24.12 37.65
CA PRO B 229 -32.77 -23.03 36.88
C PRO B 229 -33.11 -21.66 37.42
N PHE B 230 -32.10 -20.83 37.67
CA PHE B 230 -32.32 -19.44 37.98
C PHE B 230 -31.18 -18.54 37.52
N PHE B 231 -31.33 -17.22 37.65
CA PHE B 231 -30.31 -16.32 37.15
C PHE B 231 -29.80 -15.36 38.23
N LYS B 232 -28.50 -15.06 38.16
CA LYS B 232 -27.90 -13.92 38.85
C LYS B 232 -27.41 -12.95 37.78
N PRO B 233 -28.17 -11.89 37.51
CA PRO B 233 -27.79 -10.85 36.52
C PRO B 233 -26.76 -9.88 37.07
N PHE B 234 -25.72 -9.48 36.34
CA PHE B 234 -24.76 -8.60 37.00
C PHE B 234 -24.34 -7.32 36.28
N ASN B 235 -24.76 -7.12 35.04
CA ASN B 235 -24.50 -5.87 34.36
C ASN B 235 -25.41 -5.73 33.14
N ILE B 236 -25.95 -4.54 32.92
CA ILE B 236 -26.74 -4.27 31.71
C ILE B 236 -25.81 -3.81 30.59
N LEU B 237 -25.83 -4.46 29.43
CA LEU B 237 -24.88 -4.06 28.38
C LEU B 237 -25.41 -2.88 27.57
N LYS B 238 -26.57 -3.07 26.93
CA LYS B 238 -27.30 -1.96 26.31
C LYS B 238 -28.79 -2.22 26.36
N GLU B 239 -29.58 -1.13 26.32
CA GLU B 239 -31.02 -1.19 26.19
C GLU B 239 -31.31 -0.71 24.79
N VAL B 240 -32.43 -1.14 24.24
CA VAL B 240 -32.80 -0.81 22.87
C VAL B 240 -34.22 -0.33 22.88
N TYR B 241 -34.47 0.83 22.29
CA TYR B 241 -35.83 1.36 22.32
C TYR B 241 -36.59 1.13 21.01
N THR B 242 -37.91 0.96 21.11
CA THR B 242 -38.78 0.78 19.95
C THR B 242 -38.54 1.99 19.06
N ASP B 243 -38.56 3.15 19.72
CA ASP B 243 -37.97 4.41 19.28
C ASP B 243 -36.93 4.34 18.16
N GLY B 244 -36.23 3.21 18.02
CA GLY B 244 -35.13 3.08 17.07
C GLY B 244 -33.74 3.26 17.70
N ARG B 245 -33.60 4.26 18.58
CA ARG B 245 -32.33 4.52 19.27
C ARG B 245 -32.00 3.45 20.33
N GLU B 246 -30.71 3.31 20.64
CA GLU B 246 -30.25 2.37 21.66
C GLU B 246 -29.50 3.13 22.74
N HIS B 247 -29.25 2.50 23.88
CA HIS B 247 -28.48 3.10 24.98
C HIS B 247 -27.34 2.22 25.45
N PHE B 248 -26.11 2.54 25.07
CA PHE B 248 -24.97 1.80 25.58
C PHE B 248 -24.79 2.19 27.07
N VAL B 249 -25.24 1.30 27.95
CA VAL B 249 -25.21 1.52 29.41
C VAL B 249 -23.84 1.88 29.97
N ASN B 250 -22.86 1.01 29.72
CA ASN B 250 -21.50 1.19 30.19
C ASN B 250 -21.37 1.66 31.64
N ASP B 251 -22.13 1.05 32.54
CA ASP B 251 -21.98 1.38 33.93
C ASP B 251 -22.12 0.10 34.72
N ASN B 252 -20.99 -0.40 35.23
CA ASN B 252 -21.01 -1.63 35.99
C ASN B 252 -21.73 -1.47 37.33
N LEU B 253 -22.39 -0.35 37.53
CA LEU B 253 -23.10 -0.14 38.76
C LEU B 253 -24.55 -0.41 38.46
N SER B 254 -24.83 -0.73 37.19
CA SER B 254 -26.17 -1.13 36.78
C SER B 254 -26.66 -2.37 37.56
N PHE B 255 -25.76 -2.98 38.31
CA PHE B 255 -25.98 -4.20 39.06
C PHE B 255 -27.20 -4.07 39.93
N GLN B 256 -27.16 -3.18 40.92
CA GLN B 256 -28.26 -3.10 41.90
C GLN B 256 -29.60 -2.88 41.24
N GLN B 257 -29.57 -2.32 40.03
CA GLN B 257 -30.76 -2.12 39.20
C GLN B 257 -31.32 -3.49 38.80
N ILE B 258 -30.54 -4.24 38.03
CA ILE B 258 -30.96 -5.53 37.49
C ILE B 258 -30.76 -6.68 38.42
N ASN B 259 -31.73 -6.86 39.29
CA ASN B 259 -31.66 -7.92 40.27
C ASN B 259 -30.41 -7.72 41.10
N ASP B 260 -30.10 -8.72 41.91
CA ASP B 260 -29.02 -8.64 42.85
C ASP B 260 -29.26 -7.50 43.78
N ASP B 261 -30.26 -7.75 44.60
CA ASP B 261 -30.37 -7.04 45.84
C ASP B 261 -29.30 -7.68 46.75
N ASP B 262 -28.46 -8.57 46.17
CA ASP B 262 -27.24 -9.10 46.79
C ASP B 262 -26.29 -7.94 46.99
N PHE B 263 -25.41 -8.01 48.00
CA PHE B 263 -24.57 -6.86 48.32
C PHE B 263 -23.59 -6.57 47.19
N LEU B 264 -23.74 -5.45 46.48
CA LEU B 264 -22.68 -5.06 45.53
C LEU B 264 -21.46 -4.58 46.30
N HIS B 265 -20.81 -3.57 45.76
CA HIS B 265 -19.71 -2.92 46.46
C HIS B 265 -19.09 -1.83 45.64
N TYR B 266 -18.70 -0.76 46.29
CA TYR B 266 -18.46 0.46 45.55
C TYR B 266 -17.65 1.45 46.33
N GLN B 267 -16.43 1.66 45.85
CA GLN B 267 -15.52 2.59 46.50
C GLN B 267 -14.99 3.56 45.44
N PHE B 268 -14.81 4.81 45.85
CA PHE B 268 -14.20 5.83 45.01
C PHE B 268 -12.77 6.02 45.51
N THR B 269 -12.12 4.91 45.87
CA THR B 269 -10.71 4.86 46.31
C THR B 269 -9.91 5.78 45.41
N ASP B 270 -9.90 7.07 45.73
CA ASP B 270 -9.19 8.07 44.94
C ASP B 270 -7.93 8.66 45.63
N ARG B 271 -6.79 8.47 44.96
CA ARG B 271 -5.47 8.97 45.35
C ARG B 271 -4.85 8.20 46.54
N GLU B 272 -4.91 6.87 46.51
CA GLU B 272 -4.46 6.02 47.62
C GLU B 272 -4.95 6.41 49.06
N ASP B 273 -6.24 6.66 49.20
CA ASP B 273 -6.93 6.44 50.48
C ASP B 273 -7.31 4.96 50.44
N PHE B 274 -7.29 4.41 49.24
CA PHE B 274 -7.04 3.00 49.09
C PHE B 274 -5.72 2.81 49.78
N GLU B 275 -5.57 1.65 50.43
CA GLU B 275 -4.46 1.33 51.33
C GLU B 275 -4.95 1.67 52.71
N ALA B 276 -5.66 2.79 52.81
CA ALA B 276 -6.38 3.06 54.01
C ALA B 276 -7.71 2.33 53.94
N LYS B 277 -8.26 2.22 52.74
CA LYS B 277 -9.56 1.57 52.57
C LYS B 277 -9.43 0.06 52.35
N TYR B 278 -8.32 -0.39 51.77
CA TYR B 278 -8.15 -1.84 51.48
C TYR B 278 -8.63 -2.75 52.62
N PRO B 279 -8.19 -2.52 53.87
CA PRO B 279 -8.56 -3.47 54.94
C PRO B 279 -10.06 -3.72 55.14
N GLN B 280 -10.90 -2.76 54.75
CA GLN B 280 -12.34 -2.94 54.90
C GLN B 280 -12.80 -3.88 53.80
N ILE B 281 -12.43 -3.53 52.59
CA ILE B 281 -12.75 -4.32 51.42
C ILE B 281 -12.28 -5.74 51.65
N ARG B 282 -11.13 -5.90 52.28
CA ARG B 282 -10.64 -7.24 52.58
C ARG B 282 -11.61 -7.94 53.51
N ALA B 283 -12.01 -7.25 54.58
CA ALA B 283 -12.86 -7.88 55.57
C ALA B 283 -14.16 -8.33 54.94
N TRP B 284 -14.62 -7.56 53.95
CA TRP B 284 -15.88 -7.85 53.28
C TRP B 284 -15.79 -9.05 52.35
N VAL B 285 -14.71 -9.13 51.59
CA VAL B 285 -14.49 -10.25 50.70
C VAL B 285 -14.32 -11.53 51.54
N ASP B 286 -13.84 -11.37 52.77
CA ASP B 286 -13.76 -12.48 53.69
C ASP B 286 -15.13 -13.00 54.13
N GLN B 287 -16.12 -12.12 54.24
CA GLN B 287 -17.48 -12.56 54.55
C GLN B 287 -17.96 -13.43 53.39
N VAL B 288 -17.80 -12.87 52.19
CA VAL B 288 -18.21 -13.54 50.99
C VAL B 288 -17.48 -14.85 50.94
N ASN B 289 -16.25 -14.87 51.44
CA ASN B 289 -15.49 -16.11 51.46
C ASN B 289 -15.99 -17.07 52.52
N GLN B 290 -16.17 -16.55 53.74
CA GLN B 290 -16.67 -17.34 54.86
C GLN B 290 -18.11 -17.71 54.64
N SER B 291 -18.82 -16.94 53.82
CA SER B 291 -20.10 -17.40 53.29
C SER B 291 -19.81 -18.64 52.41
N ASP B 292 -20.77 -19.14 51.66
CA ASP B 292 -20.39 -20.21 50.75
C ASP B 292 -20.36 -19.76 49.28
N GLU B 293 -19.35 -18.95 48.92
CA GLU B 293 -19.19 -18.46 47.55
C GLU B 293 -17.83 -18.81 46.98
N GLU B 294 -17.75 -18.74 45.66
CA GLU B 294 -16.51 -18.96 44.96
C GLU B 294 -15.56 -17.87 45.41
N GLY B 295 -16.02 -16.63 45.29
CA GLY B 295 -15.19 -15.51 45.67
C GLY B 295 -15.76 -14.24 45.10
N VAL B 296 -14.89 -13.31 44.71
CA VAL B 296 -15.36 -12.03 44.22
C VAL B 296 -14.78 -11.64 42.88
N VAL B 297 -15.34 -10.58 42.31
CA VAL B 297 -14.84 -10.02 41.07
C VAL B 297 -14.62 -8.50 41.22
N ILE B 298 -13.47 -8.01 40.79
CA ILE B 298 -13.16 -6.60 40.87
C ILE B 298 -13.34 -6.06 39.47
N LYS B 299 -14.12 -4.98 39.33
CA LYS B 299 -14.35 -4.32 38.04
C LYS B 299 -14.19 -2.82 38.18
N PRO B 300 -13.77 -2.15 37.10
CA PRO B 300 -13.86 -0.70 37.10
C PRO B 300 -15.31 -0.28 37.09
N ARG B 301 -15.62 0.88 37.64
CA ARG B 301 -16.99 1.32 37.68
C ARG B 301 -17.52 1.54 36.29
N THR B 302 -16.69 2.13 35.44
CA THR B 302 -17.09 2.28 34.04
C THR B 302 -16.71 0.98 33.33
N ALA B 303 -17.71 0.29 32.80
CA ALA B 303 -17.55 -1.07 32.29
C ALA B 303 -16.47 -1.17 31.23
N PHE B 304 -16.41 -0.20 30.34
CA PHE B 304 -15.43 -0.24 29.28
C PHE B 304 -14.55 1.00 29.33
N LEU B 305 -13.31 0.80 29.72
CA LEU B 305 -12.35 1.88 29.68
C LEU B 305 -11.35 1.47 28.63
N PRO B 306 -10.82 2.44 27.85
CA PRO B 306 -9.93 2.01 26.78
C PRO B 306 -8.64 1.46 27.38
N GLY B 307 -8.24 0.27 26.92
CA GLY B 307 -6.99 -0.33 27.33
C GLY B 307 -7.10 -1.10 28.62
N MET B 308 -8.26 -1.00 29.24
CA MET B 308 -8.52 -1.66 30.49
C MET B 308 -9.12 -3.07 30.29
N PRO B 309 -8.81 -3.98 31.21
CA PRO B 309 -9.40 -5.30 31.24
C PRO B 309 -10.81 -5.13 31.77
N PRO B 310 -11.65 -6.17 31.69
CA PRO B 310 -13.02 -5.97 32.12
C PRO B 310 -13.19 -6.28 33.60
N ALA B 311 -12.30 -7.10 34.15
CA ALA B 311 -12.38 -7.49 35.54
C ALA B 311 -11.21 -8.36 35.94
N PHE B 312 -10.98 -8.45 37.25
CA PHE B 312 -10.13 -9.47 37.82
C PHE B 312 -11.00 -10.35 38.67
N LYS B 313 -10.86 -11.66 38.53
CA LYS B 313 -11.61 -12.57 39.38
C LYS B 313 -10.68 -12.87 40.56
N VAL B 314 -11.24 -13.10 41.74
CA VAL B 314 -10.43 -13.47 42.88
C VAL B 314 -11.14 -14.55 43.67
N ARG B 315 -10.83 -15.80 43.34
CA ARG B 315 -11.46 -16.95 43.95
C ARG B 315 -10.78 -17.32 45.25
N ASN B 316 -11.53 -17.81 46.25
CA ASN B 316 -10.92 -18.19 47.53
C ASN B 316 -10.18 -19.51 47.50
N ASN B 317 -9.25 -19.68 48.43
CA ASN B 317 -8.41 -20.87 48.41
C ASN B 317 -9.22 -22.16 48.50
N ASP B 318 -10.20 -22.19 49.41
CA ASP B 318 -11.06 -23.37 49.54
C ASP B 318 -11.62 -23.79 48.18
N TYR B 319 -12.21 -22.86 47.44
CA TYR B 319 -12.77 -23.20 46.13
C TYR B 319 -11.71 -23.64 45.16
N LEU B 320 -10.54 -23.04 45.22
CA LEU B 320 -9.51 -23.43 44.30
C LEU B 320 -9.10 -24.85 44.59
N THR B 321 -9.63 -25.43 45.66
CA THR B 321 -9.34 -26.83 45.91
C THR B 321 -10.03 -27.69 44.87
N LEU B 322 -11.03 -27.13 44.21
CA LEU B 322 -11.64 -27.83 43.11
C LEU B 322 -10.84 -27.71 41.82
N VAL B 323 -9.91 -26.76 41.75
CA VAL B 323 -9.28 -26.50 40.46
C VAL B 323 -7.96 -27.19 40.41
N TYR B 324 -7.16 -26.92 41.42
CA TYR B 324 -5.92 -27.63 41.67
C TYR B 324 -6.37 -28.81 42.53
N GLY B 325 -5.49 -29.72 42.91
CA GLY B 325 -5.94 -30.91 43.63
C GLY B 325 -6.47 -30.75 45.06
N VAL B 326 -6.42 -31.84 45.83
CA VAL B 326 -6.78 -31.78 47.26
C VAL B 326 -5.71 -31.03 48.01
N ASP B 327 -4.48 -31.12 47.53
CA ASP B 327 -3.34 -30.60 48.27
C ASP B 327 -2.98 -29.19 47.82
N PHE B 328 -3.90 -28.53 47.13
CA PHE B 328 -3.61 -27.20 46.64
C PHE B 328 -3.28 -26.33 47.81
N GLU B 329 -4.08 -26.47 48.86
CA GLU B 329 -3.86 -25.75 50.11
C GLU B 329 -2.40 -25.84 50.63
N ASP B 330 -1.77 -27.01 50.48
CA ASP B 330 -0.42 -27.22 50.99
C ASP B 330 0.61 -26.66 50.02
N ARG B 331 0.54 -27.11 48.76
CA ARG B 331 1.48 -26.73 47.70
C ARG B 331 1.34 -25.29 47.17
N LEU B 332 1.04 -24.35 48.05
CA LEU B 332 0.75 -22.97 47.65
C LEU B 332 1.99 -22.33 47.08
N GLN B 333 3.11 -22.52 47.75
CA GLN B 333 4.28 -21.78 47.34
C GLN B 333 4.67 -22.28 45.97
N GLU B 334 4.52 -23.59 45.77
CA GLU B 334 4.76 -24.17 44.47
C GLU B 334 3.84 -23.50 43.45
N GLN B 335 2.57 -23.75 43.63
CA GLN B 335 1.59 -23.37 42.64
C GLN B 335 1.53 -21.86 42.32
N ILE B 336 2.02 -21.03 43.25
CA ILE B 336 2.04 -19.58 43.05
C ILE B 336 3.19 -19.16 42.15
N ALA B 337 4.34 -19.81 42.35
CA ALA B 337 5.51 -19.60 41.52
C ALA B 337 5.08 -19.92 40.11
N LYS B 338 4.43 -21.07 39.99
CA LYS B 338 3.92 -21.55 38.71
C LYS B 338 2.95 -20.61 37.97
N ARG B 339 2.28 -19.70 38.66
CA ARG B 339 1.20 -18.94 38.05
C ARG B 339 1.69 -17.77 37.23
N ASN B 340 1.09 -17.56 36.05
CA ASN B 340 1.41 -16.39 35.21
C ASN B 340 0.23 -15.78 34.40
N ILE B 341 -0.32 -14.69 34.88
CA ILE B 341 -1.55 -14.20 34.26
C ILE B 341 -1.34 -13.21 33.13
N LYS B 342 -0.10 -12.96 32.72
CA LYS B 342 0.08 -12.05 31.61
C LYS B 342 -0.27 -12.82 30.37
N GLY B 343 -1.07 -12.22 29.51
CA GLY B 343 -1.47 -12.94 28.33
C GLY B 343 -2.88 -13.46 28.50
N LYS B 344 -3.15 -14.14 29.62
CA LYS B 344 -4.55 -14.28 30.01
C LYS B 344 -5.11 -12.86 30.08
N LEU B 345 -4.50 -12.02 30.91
CA LEU B 345 -4.87 -10.61 30.95
C LEU B 345 -4.87 -9.93 29.59
N ARG B 346 -3.81 -10.14 28.79
CA ARG B 346 -3.76 -9.56 27.46
C ARG B 346 -5.04 -9.89 26.66
N CYS B 347 -5.48 -11.15 26.70
CA CYS B 347 -6.66 -11.53 25.93
C CYS B 347 -7.92 -10.90 26.54
N SER B 348 -8.01 -11.03 27.86
CA SER B 348 -9.09 -10.50 28.67
C SER B 348 -9.42 -9.14 28.13
N ILE B 349 -8.37 -8.36 27.93
CA ILE B 349 -8.45 -6.99 27.46
C ILE B 349 -9.00 -6.83 26.05
N ASN B 350 -8.37 -7.53 25.10
CA ASN B 350 -8.80 -7.42 23.71
C ASN B 350 -10.21 -7.94 23.52
N ASP B 351 -10.53 -8.98 24.27
CA ASP B 351 -11.83 -9.59 24.15
C ASP B 351 -12.85 -8.51 24.46
N TRP B 352 -12.60 -7.82 25.57
CA TRP B 352 -13.56 -6.90 26.15
C TRP B 352 -13.65 -5.70 25.24
N ALA B 353 -12.53 -5.38 24.62
CA ALA B 353 -12.44 -4.25 23.72
C ALA B 353 -13.11 -4.53 22.39
N ILE B 354 -13.16 -5.81 22.02
CA ILE B 354 -13.84 -6.20 20.80
C ILE B 354 -15.29 -6.14 21.15
N ASN B 355 -15.57 -6.56 22.38
CA ASN B 355 -16.97 -6.74 22.75
C ASN B 355 -17.69 -5.40 22.73
N ALA B 356 -16.99 -4.35 23.16
CA ALA B 356 -17.60 -3.03 23.14
C ALA B 356 -17.82 -2.63 21.70
N LYS B 357 -16.91 -3.04 20.85
CA LYS B 357 -16.98 -2.68 19.44
C LYS B 357 -18.17 -3.42 18.83
N LEU B 358 -18.44 -4.63 19.32
CA LEU B 358 -19.57 -5.42 18.84
C LEU B 358 -20.87 -4.77 19.27
N LEU B 359 -20.97 -4.43 20.57
CA LEU B 359 -22.16 -3.81 21.14
C LEU B 359 -22.51 -2.54 20.37
N ALA B 360 -21.48 -1.94 19.79
CA ALA B 360 -21.61 -0.71 19.04
C ALA B 360 -22.43 -0.85 17.76
N ILE B 361 -22.48 -2.04 17.18
CA ILE B 361 -23.37 -2.24 16.06
C ILE B 361 -24.78 -2.27 16.59
N PRO B 362 -25.66 -1.43 16.02
CA PRO B 362 -27.02 -1.35 16.55
C PRO B 362 -27.74 -2.67 16.29
N TYR B 363 -28.66 -3.05 17.18
CA TYR B 363 -29.34 -4.34 17.10
C TYR B 363 -30.05 -4.44 15.76
N SER B 364 -30.69 -3.34 15.39
CA SER B 364 -31.48 -3.28 14.17
C SER B 364 -30.69 -3.71 12.93
N GLU B 365 -29.38 -3.62 13.01
CA GLU B 365 -28.51 -3.88 11.88
C GLU B 365 -27.70 -5.19 11.94
N LEU B 366 -27.91 -6.01 12.97
CA LEU B 366 -27.27 -7.32 12.99
C LEU B 366 -27.89 -8.08 11.84
N GLY B 367 -27.05 -8.75 11.06
CA GLY B 367 -27.52 -9.43 9.86
C GLY B 367 -26.37 -10.11 9.16
N GLU B 368 -26.62 -10.70 8.00
CA GLU B 368 -25.56 -11.41 7.29
C GLU B 368 -24.81 -10.49 6.35
N GLU B 369 -25.40 -9.33 6.09
CA GLU B 369 -24.78 -8.38 5.18
C GLU B 369 -24.02 -7.26 5.90
N ASN B 370 -23.80 -7.44 7.19
CA ASN B 370 -23.05 -6.48 7.96
C ASN B 370 -21.65 -7.03 8.11
N TYR B 371 -20.71 -6.52 7.32
CA TYR B 371 -19.35 -7.07 7.35
C TYR B 371 -18.47 -6.46 8.44
N GLU B 372 -18.94 -5.40 9.10
CA GLU B 372 -18.22 -4.93 10.28
C GLU B 372 -18.44 -5.92 11.40
N LEU B 373 -19.69 -6.38 11.52
CA LEU B 373 -20.04 -7.47 12.42
C LEU B 373 -19.16 -8.68 12.15
N LYS B 374 -19.17 -9.14 10.90
CA LYS B 374 -18.48 -10.36 10.55
C LYS B 374 -16.99 -10.34 10.88
N ASN B 375 -16.30 -9.26 10.53
CA ASN B 375 -14.90 -9.19 10.88
C ASN B 375 -14.70 -9.23 12.36
N LEU B 376 -15.55 -8.49 13.08
CA LEU B 376 -15.42 -8.43 14.53
C LEU B 376 -15.58 -9.81 15.14
N VAL B 377 -16.51 -10.60 14.59
CA VAL B 377 -16.70 -11.95 15.12
C VAL B 377 -15.50 -12.83 14.81
N LEU B 378 -15.08 -12.82 13.55
CA LEU B 378 -13.89 -13.56 13.16
C LEU B 378 -12.69 -13.13 14.01
N ASP B 379 -12.64 -11.83 14.35
CA ASP B 379 -11.57 -11.30 15.19
C ASP B 379 -11.67 -11.95 16.56
N ARG B 380 -12.86 -11.92 17.12
CA ARG B 380 -13.13 -12.51 18.44
C ARG B 380 -12.82 -14.00 18.40
N ILE B 381 -13.20 -14.64 17.29
CA ILE B 381 -13.02 -16.09 17.18
C ILE B 381 -11.55 -16.50 17.18
N LEU B 382 -10.72 -15.74 16.45
CA LEU B 382 -9.30 -15.98 16.45
C LEU B 382 -8.81 -15.79 17.88
N GLY B 383 -9.43 -14.85 18.57
CA GLY B 383 -9.05 -14.58 19.95
C GLY B 383 -9.37 -15.74 20.85
N GLU B 384 -10.52 -16.36 20.61
CA GLU B 384 -10.92 -17.54 21.34
C GLU B 384 -9.83 -18.54 21.13
N GLU B 385 -9.50 -18.77 19.87
CA GLU B 385 -8.54 -19.80 19.50
C GLU B 385 -7.22 -19.70 20.26
N ILE B 386 -6.79 -18.48 20.54
CA ILE B 386 -5.55 -18.20 21.26
C ILE B 386 -5.72 -18.35 22.76
N GLU B 387 -6.75 -17.72 23.30
CA GLU B 387 -6.88 -17.65 24.73
C GLU B 387 -7.19 -19.01 25.31
N ASN B 388 -7.57 -19.97 24.46
CA ASN B 388 -7.88 -21.29 24.96
C ASN B 388 -6.63 -22.08 25.31
N GLN B 389 -5.49 -21.65 24.77
CA GLN B 389 -4.25 -22.40 24.96
C GLN B 389 -3.59 -22.08 26.30
N LEU B 390 -4.24 -21.29 27.13
CA LEU B 390 -3.59 -20.83 28.35
C LEU B 390 -3.82 -21.79 29.51
N ASP B 391 -3.32 -21.44 30.69
CA ASP B 391 -3.29 -22.35 31.86
C ASP B 391 -4.57 -23.13 32.06
N SER B 392 -5.72 -22.52 31.76
CA SER B 392 -7.02 -23.21 31.86
C SER B 392 -7.39 -23.47 33.30
N ARG B 393 -6.69 -22.84 34.22
CA ARG B 393 -7.09 -22.91 35.60
C ARG B 393 -7.29 -21.47 36.03
N LEU B 394 -7.41 -20.61 35.02
CA LEU B 394 -7.52 -19.17 35.21
C LEU B 394 -8.96 -18.74 34.98
N MET C 1 -4.17 -47.14 42.55
CA MET C 1 -4.64 -48.45 42.14
C MET C 1 -4.57 -49.35 43.36
N ILE C 2 -5.61 -50.15 43.57
CA ILE C 2 -5.72 -50.99 44.75
C ILE C 2 -6.35 -52.29 44.33
N LEU C 3 -5.74 -53.38 44.73
CA LEU C 3 -6.01 -54.68 44.12
C LEU C 3 -5.91 -55.79 45.16
N GLN C 4 -7.04 -56.31 45.62
CA GLN C 4 -7.00 -57.41 46.58
C GLN C 4 -7.25 -58.72 45.86
N ILE C 5 -6.50 -59.75 46.25
CA ILE C 5 -6.69 -61.08 45.69
C ILE C 5 -7.02 -62.07 46.79
N HIS C 6 -8.12 -62.80 46.62
CA HIS C 6 -8.55 -63.82 47.58
C HIS C 6 -8.47 -65.23 46.98
N SER C 7 -8.28 -66.21 47.85
CA SER C 7 -8.63 -67.61 47.58
C SER C 7 -8.77 -68.31 48.92
N GLN C 8 -9.36 -69.50 48.96
CA GLN C 8 -9.39 -70.22 50.23
C GLN C 8 -8.29 -71.27 50.20
N ASN C 9 -7.66 -71.39 49.02
CA ASN C 9 -6.48 -72.21 48.80
C ASN C 9 -5.42 -71.94 49.85
N PRO C 10 -4.84 -73.00 50.45
CA PRO C 10 -3.78 -72.70 51.41
C PRO C 10 -2.52 -72.18 50.72
N HIS C 11 -2.20 -72.72 49.55
CA HIS C 11 -0.99 -72.28 48.84
C HIS C 11 -1.25 -71.21 47.76
N LEU C 12 -1.87 -70.10 48.19
CA LEU C 12 -2.11 -68.96 47.33
C LEU C 12 -0.79 -68.24 47.16
N LEU C 13 -0.34 -67.64 48.27
CA LEU C 13 0.92 -66.88 48.33
C LEU C 13 2.10 -67.57 47.64
N ASP C 14 2.08 -68.90 47.62
CA ASP C 14 3.05 -69.69 46.88
C ASP C 14 2.88 -69.37 45.41
N LEU C 15 1.70 -69.64 44.89
CA LEU C 15 1.40 -69.48 43.47
C LEU C 15 1.71 -68.12 42.87
N LEU C 16 1.57 -67.09 43.70
CA LEU C 16 1.82 -65.70 43.27
C LEU C 16 3.32 -65.36 43.33
N ASN C 17 4.14 -66.38 43.55
CA ASN C 17 5.60 -66.26 43.62
C ASN C 17 6.11 -65.40 44.79
N LYS C 18 5.31 -65.29 45.84
CA LYS C 18 5.68 -64.43 46.96
C LYS C 18 5.92 -65.18 48.30
N ASN C 19 6.87 -64.69 49.10
CA ASN C 19 7.16 -65.28 50.41
C ASN C 19 6.58 -64.47 51.58
N PRO C 20 5.63 -65.06 52.30
CA PRO C 20 4.90 -64.44 53.42
C PRO C 20 5.77 -64.17 54.65
N HIS C 21 6.98 -64.74 54.65
CA HIS C 21 7.91 -64.60 55.76
C HIS C 21 8.86 -63.43 55.53
N THR C 22 9.17 -63.18 54.26
CA THR C 22 10.12 -62.14 53.87
C THR C 22 9.58 -60.72 54.11
N ASP C 23 10.29 -59.98 54.97
CA ASP C 23 9.94 -58.63 55.40
C ASP C 23 8.43 -58.41 55.64
N LEU C 24 7.86 -59.13 56.61
CA LEU C 24 6.43 -59.04 56.95
C LEU C 24 5.44 -59.46 55.87
N GLY C 25 5.93 -59.96 54.75
CA GLY C 25 5.06 -60.39 53.67
C GLY C 25 4.88 -59.34 52.59
N ILE C 26 5.79 -58.38 52.58
CA ILE C 26 5.74 -57.30 51.63
C ILE C 26 6.71 -57.62 50.50
N TYR C 27 6.38 -57.15 49.31
CA TYR C 27 7.27 -57.18 48.17
C TYR C 27 7.12 -55.80 47.55
N ALA C 28 8.19 -55.01 47.51
CA ALA C 28 8.11 -53.64 47.00
C ALA C 28 8.99 -53.45 45.77
N LYS C 29 8.75 -52.40 45.00
CA LYS C 29 9.46 -52.15 43.75
C LYS C 29 8.97 -50.83 43.22
N SER C 30 9.84 -50.03 42.61
CA SER C 30 9.39 -48.73 42.09
C SER C 30 8.66 -48.93 40.77
N LEU C 31 7.55 -48.18 40.61
CA LEU C 31 6.72 -48.27 39.41
C LEU C 31 7.00 -47.12 38.47
N ARG C 32 6.49 -45.95 38.80
CA ARG C 32 6.97 -44.82 38.06
C ARG C 32 7.34 -43.83 39.10
N ASN C 33 6.46 -42.89 39.39
CA ASN C 33 6.79 -41.91 40.40
C ASN C 33 6.26 -42.10 41.84
N GLY C 34 6.03 -43.29 42.40
CA GLY C 34 6.24 -44.64 41.89
C GLY C 34 5.71 -45.51 43.01
N GLN C 35 6.32 -46.68 43.21
CA GLN C 35 6.12 -47.50 44.43
C GLN C 35 4.86 -48.35 44.48
N LEU C 36 5.05 -49.65 44.26
CA LEU C 36 3.99 -50.65 44.16
C LEU C 36 4.17 -51.70 45.28
N ILE C 37 3.22 -51.82 46.19
CA ILE C 37 3.45 -52.64 47.37
C ILE C 37 2.52 -53.87 47.50
N GLY C 38 3.08 -55.06 47.21
CA GLY C 38 2.35 -56.31 47.38
C GLY C 38 2.33 -56.76 48.85
N ASN C 39 1.22 -57.34 49.28
CA ASN C 39 1.03 -57.54 50.72
C ASN C 39 0.28 -58.83 51.09
N ALA C 40 0.95 -59.71 51.82
CA ALA C 40 0.25 -60.85 52.39
C ALA C 40 -0.33 -60.38 53.71
N VAL C 41 -1.64 -60.15 53.71
CA VAL C 41 -2.35 -59.79 54.92
C VAL C 41 -2.69 -61.09 55.65
N SER C 42 -2.48 -62.19 54.92
CA SER C 42 -2.62 -63.57 55.39
C SER C 42 -2.34 -64.41 54.15
N ALA C 43 -2.50 -65.73 54.22
CA ALA C 43 -2.70 -66.48 52.97
C ALA C 43 -4.13 -66.21 52.71
N TYR C 44 -4.68 -66.74 51.63
CA TYR C 44 -6.06 -66.43 51.29
C TYR C 44 -6.31 -64.96 50.88
N GLN C 45 -5.33 -64.06 51.10
CA GLN C 45 -5.47 -62.66 50.68
C GLN C 45 -4.16 -61.90 50.42
N TYR C 46 -3.95 -61.55 49.14
CA TYR C 46 -2.87 -60.64 48.74
C TYR C 46 -3.42 -59.26 48.34
N ASP C 47 -2.71 -58.19 48.70
CA ASP C 47 -3.15 -56.81 48.50
C ASP C 47 -2.06 -55.92 47.84
N VAL C 48 -2.20 -55.68 46.54
CA VAL C 48 -1.30 -54.75 45.83
C VAL C 48 -1.85 -53.32 45.91
N VAL C 49 -1.04 -52.38 46.39
CA VAL C 49 -1.42 -50.97 46.32
C VAL C 49 -0.45 -50.32 45.35
N PHE C 50 -0.87 -49.23 44.72
CA PHE C 50 0.08 -48.40 43.99
C PHE C 50 -0.04 -47.02 44.57
N GLN C 51 1.03 -46.51 45.12
CA GLN C 51 1.01 -45.15 45.57
C GLN C 51 1.55 -44.37 44.42
N ASP C 52 1.69 -43.08 44.59
CA ASP C 52 2.25 -42.26 43.54
C ASP C 52 2.49 -40.93 44.19
N THR C 53 3.44 -40.19 43.63
CA THR C 53 3.59 -38.82 44.02
C THR C 53 2.68 -38.08 43.06
N ARG C 54 3.16 -37.77 41.86
CA ARG C 54 2.35 -37.06 40.89
C ARG C 54 2.65 -37.49 39.46
N TYR C 55 1.66 -37.34 38.60
CA TYR C 55 1.79 -37.58 37.16
C TYR C 55 2.40 -38.90 36.74
N SER C 56 2.05 -39.99 37.39
CA SER C 56 2.58 -41.28 36.92
C SER C 56 1.83 -41.83 35.70
N TYR C 57 0.56 -41.45 35.51
CA TYR C 57 -0.24 -42.05 34.45
C TYR C 57 -0.96 -41.05 33.53
N LEU C 58 -0.86 -39.77 33.87
CA LEU C 58 -1.40 -38.70 33.04
C LEU C 58 -0.41 -37.56 33.05
N PRO C 59 0.13 -37.24 31.87
CA PRO C 59 1.11 -36.19 31.58
C PRO C 59 0.96 -34.99 32.50
N GLU C 60 2.07 -34.49 33.01
CA GLU C 60 2.02 -33.31 33.86
C GLU C 60 1.41 -32.15 33.08
N GLU C 61 1.67 -32.15 31.78
CA GLU C 61 1.22 -31.13 30.85
C GLU C 61 -0.23 -30.79 31.07
N SER C 62 -1.11 -31.74 30.84
CA SER C 62 -2.55 -31.56 31.05
C SER C 62 -2.76 -30.79 32.31
N ASN C 63 -3.42 -29.65 32.22
CA ASN C 63 -3.57 -28.89 33.43
C ASN C 63 -4.74 -29.44 34.20
N GLN C 64 -5.06 -30.70 33.89
CA GLN C 64 -6.23 -31.38 34.42
C GLN C 64 -6.09 -31.70 35.88
N ILE C 65 -7.20 -32.21 36.41
CA ILE C 65 -7.35 -32.58 37.81
C ILE C 65 -7.19 -34.11 37.87
N ASP C 66 -5.94 -34.57 37.96
CA ASP C 66 -5.52 -35.95 37.62
C ASP C 66 -5.77 -37.04 38.68
N PHE C 67 -6.36 -38.15 38.23
CA PHE C 67 -6.61 -39.29 39.09
C PHE C 67 -6.47 -40.62 38.38
N GLN C 68 -5.71 -40.65 37.28
CA GLN C 68 -5.52 -41.88 36.52
C GLN C 68 -4.72 -42.85 37.33
N SER C 69 -3.89 -42.32 38.21
CA SER C 69 -2.93 -43.16 38.91
C SER C 69 -3.70 -44.09 39.85
N TYR C 70 -4.96 -43.75 40.08
CA TYR C 70 -5.75 -44.51 41.02
C TYR C 70 -6.72 -45.52 40.40
N CYS C 71 -6.72 -45.65 39.07
CA CYS C 71 -7.80 -46.39 38.38
C CYS C 71 -7.58 -46.65 36.89
N SER C 72 -6.41 -46.33 36.36
CA SER C 72 -6.18 -46.55 34.93
C SER C 72 -5.96 -48.03 34.71
N PRO C 73 -6.64 -48.61 33.71
CA PRO C 73 -6.47 -50.05 33.43
C PRO C 73 -5.01 -50.39 33.17
N LEU C 74 -4.21 -49.36 32.93
CA LEU C 74 -2.81 -49.57 32.62
C LEU C 74 -2.00 -49.94 33.87
N VAL C 75 -2.34 -49.35 35.02
CA VAL C 75 -1.63 -49.67 36.27
C VAL C 75 -1.78 -51.17 36.53
N ILE C 76 -3.02 -51.63 36.35
CA ILE C 76 -3.32 -53.06 36.38
C ILE C 76 -2.42 -53.82 35.40
N LEU C 77 -2.40 -53.37 34.15
CA LEU C 77 -1.56 -53.97 33.11
C LEU C 77 -0.12 -54.15 33.54
N HIS C 78 0.42 -53.14 34.23
CA HIS C 78 1.79 -53.22 34.76
C HIS C 78 1.88 -54.23 35.89
N ILE C 79 1.14 -53.99 36.97
CA ILE C 79 1.04 -54.92 38.11
C ILE C 79 0.98 -56.39 37.68
N CYS C 80 0.35 -56.67 36.56
CA CYS C 80 0.39 -58.03 36.04
C CYS C 80 1.81 -58.39 35.63
N ASN C 81 2.35 -57.71 34.63
CA ASN C 81 3.68 -58.04 34.14
C ASN C 81 4.77 -57.48 35.00
N GLU C 82 4.63 -57.56 36.32
CA GLU C 82 5.65 -57.03 37.23
C GLU C 82 5.56 -57.59 38.65
N PHE C 83 4.41 -58.13 39.02
CA PHE C 83 4.32 -58.90 40.24
C PHE C 83 3.96 -60.31 39.88
N PHE C 84 3.09 -60.47 38.88
CA PHE C 84 2.53 -61.76 38.62
C PHE C 84 2.84 -62.24 37.20
N LYS C 85 4.09 -62.06 36.76
CA LYS C 85 4.38 -62.34 35.34
C LYS C 85 4.30 -63.82 34.95
N GLU C 86 4.92 -64.67 35.75
CA GLU C 86 4.90 -66.11 35.53
C GLU C 86 3.45 -66.63 35.50
N LEU C 87 2.55 -65.93 36.17
CA LEU C 87 1.14 -66.29 36.17
C LEU C 87 0.54 -66.16 34.78
N LEU C 88 1.08 -65.24 33.99
CA LEU C 88 0.59 -64.96 32.65
C LEU C 88 1.43 -65.68 31.59
N GLN C 89 1.99 -66.83 31.95
CA GLN C 89 2.87 -67.55 31.02
C GLN C 89 2.15 -68.09 29.80
N GLU C 90 1.78 -69.36 29.84
CA GLU C 90 1.02 -69.91 28.75
C GLU C 90 0.35 -71.18 29.18
N LYS C 91 -0.70 -71.56 28.43
CA LYS C 91 -1.50 -72.74 28.73
C LYS C 91 -0.65 -73.97 29.09
N GLN C 92 0.21 -74.36 28.16
CA GLN C 92 1.06 -75.53 28.32
C GLN C 92 2.14 -75.28 29.36
N THR C 93 2.97 -74.26 29.11
CA THR C 93 4.11 -73.95 29.95
C THR C 93 3.80 -73.72 31.43
N TYR C 94 2.58 -73.26 31.74
CA TYR C 94 2.19 -72.92 33.11
C TYR C 94 1.70 -74.15 33.88
N TRP C 95 0.73 -74.85 33.32
CA TRP C 95 0.08 -75.93 34.03
C TRP C 95 1.11 -77.00 34.32
N SER C 96 1.98 -77.23 33.33
CA SER C 96 3.12 -78.16 33.45
C SER C 96 4.43 -77.42 33.81
N GLN C 97 4.65 -77.23 35.11
CA GLN C 97 5.82 -76.50 35.60
C GLN C 97 6.08 -76.87 37.05
N GLN C 98 7.34 -76.82 37.47
CA GLN C 98 7.68 -77.13 38.85
C GLN C 98 7.09 -76.10 39.80
N ILE C 99 7.25 -76.33 41.10
CA ILE C 99 7.01 -75.30 42.09
C ILE C 99 8.32 -75.14 42.87
N LYS C 100 8.53 -73.95 43.43
CA LYS C 100 9.63 -73.64 44.35
C LYS C 100 9.96 -74.80 45.29
N TRP C 101 8.92 -75.33 45.93
CA TRP C 101 9.03 -76.45 46.86
C TRP C 101 7.94 -77.47 46.53
N LEU C 102 8.07 -78.08 45.34
CA LEU C 102 7.10 -79.00 44.73
C LEU C 102 6.12 -79.71 45.67
N GLU C 103 4.84 -79.64 45.31
CA GLU C 103 3.79 -80.54 45.80
C GLU C 103 3.04 -80.98 44.54
N ARG C 104 3.80 -81.52 43.58
CA ARG C 104 3.41 -81.73 42.18
C ARG C 104 3.56 -80.43 41.38
N THR C 105 2.87 -80.36 40.25
CA THR C 105 3.02 -79.23 39.36
C THR C 105 1.97 -78.17 39.68
N ARG C 106 1.96 -77.10 38.90
CA ARG C 106 0.99 -76.04 39.08
C ARG C 106 -0.39 -76.65 38.98
N ALA C 107 -0.56 -77.56 38.03
CA ALA C 107 -1.81 -78.28 37.85
C ALA C 107 -2.33 -78.95 39.12
N GLU C 108 -1.55 -78.97 40.19
CA GLU C 108 -2.02 -79.56 41.43
C GLU C 108 -2.27 -78.55 42.55
N VAL C 109 -1.44 -77.52 42.63
CA VAL C 109 -1.64 -76.53 43.69
C VAL C 109 -2.72 -75.47 43.35
N ASP C 110 -2.75 -75.06 42.09
CA ASP C 110 -3.70 -74.04 41.62
C ASP C 110 -4.96 -74.68 41.04
N THR C 111 -5.83 -75.13 41.93
CA THR C 111 -7.04 -75.80 41.51
C THR C 111 -8.15 -75.25 42.36
N TYR C 112 -7.80 -74.31 43.22
CA TYR C 112 -8.81 -73.68 44.07
C TYR C 112 -9.31 -72.35 43.49
N PRO C 113 -10.64 -72.17 43.49
CA PRO C 113 -11.30 -70.96 42.99
C PRO C 113 -10.69 -69.70 43.57
N CYS C 114 -10.41 -68.76 42.68
CA CYS C 114 -9.73 -67.52 43.03
C CYS C 114 -10.56 -66.33 42.64
N THR C 115 -10.71 -65.42 43.60
CA THR C 115 -11.45 -64.20 43.39
C THR C 115 -10.48 -63.03 43.48
N ILE C 116 -10.55 -62.14 42.49
CA ILE C 116 -9.71 -60.96 42.52
C ILE C 116 -10.53 -59.70 42.23
N GLU C 117 -10.25 -58.63 43.00
CA GLU C 117 -11.07 -57.43 42.97
C GLU C 117 -10.26 -56.17 42.74
N VAL C 118 -10.82 -55.25 41.96
CA VAL C 118 -10.24 -53.91 41.76
C VAL C 118 -11.15 -52.86 42.39
N LYS C 119 -10.57 -51.99 43.21
CA LYS C 119 -11.37 -51.05 43.96
C LYS C 119 -11.90 -49.97 43.03
N ASN C 120 -11.08 -49.57 42.05
CA ASN C 120 -11.45 -48.46 41.19
C ASN C 120 -10.84 -48.63 39.79
N LEU C 121 -11.67 -48.82 38.77
CA LEU C 121 -11.20 -48.93 37.39
C LEU C 121 -11.80 -47.78 36.59
N TYR C 122 -11.18 -47.40 35.48
CA TYR C 122 -11.70 -46.28 34.67
C TYR C 122 -11.93 -46.68 33.21
N ALA C 123 -13.19 -46.71 32.80
CA ALA C 123 -13.51 -47.12 31.44
C ALA C 123 -14.36 -46.08 30.76
N ASN C 124 -13.69 -45.27 29.96
CA ASN C 124 -14.31 -44.18 29.27
C ASN C 124 -14.50 -44.60 27.84
N SER C 125 -15.59 -45.33 27.58
CA SER C 125 -15.91 -45.73 26.19
C SER C 125 -17.27 -46.38 26.02
N THR C 126 -17.57 -46.63 24.74
CA THR C 126 -18.72 -47.38 24.30
C THR C 126 -18.85 -48.69 25.06
N TRP C 127 -17.74 -49.20 25.56
CA TRP C 127 -17.75 -50.52 26.16
C TRP C 127 -18.21 -50.50 27.61
N TYR C 128 -18.54 -49.31 28.09
CA TYR C 128 -19.17 -49.14 29.38
C TYR C 128 -20.06 -47.93 29.20
N SER C 129 -21.16 -48.12 28.45
CA SER C 129 -22.24 -47.14 28.42
C SER C 129 -23.13 -47.60 29.54
N LYS C 130 -23.43 -46.65 30.44
CA LYS C 130 -23.64 -47.00 31.84
C LYS C 130 -24.75 -48.00 32.14
N GLY C 131 -24.62 -48.59 33.30
CA GLY C 131 -25.16 -49.90 33.50
C GLY C 131 -23.97 -50.82 33.33
N HIS C 132 -23.74 -51.29 32.11
CA HIS C 132 -22.82 -52.39 31.95
C HIS C 132 -21.59 -52.27 31.05
N PHE C 133 -20.77 -53.31 31.18
CA PHE C 133 -19.44 -53.40 30.63
C PHE C 133 -19.52 -54.42 29.52
N MET C 134 -18.99 -54.10 28.34
CA MET C 134 -19.33 -54.90 27.19
C MET C 134 -18.73 -56.31 27.20
N MET C 135 -17.57 -56.50 27.81
CA MET C 135 -17.02 -57.85 27.89
C MET C 135 -17.84 -58.78 28.78
N GLU C 136 -18.75 -58.23 29.60
CA GLU C 136 -19.65 -59.04 30.42
C GLU C 136 -20.51 -59.88 29.50
N ARG C 137 -20.72 -59.38 28.28
CA ARG C 137 -21.47 -60.10 27.26
C ARG C 137 -20.78 -61.41 26.89
N TYR C 138 -19.44 -61.43 26.94
CA TYR C 138 -18.66 -62.53 26.37
C TYR C 138 -17.94 -63.34 27.43
N PHE C 139 -17.94 -62.82 28.65
CA PHE C 139 -17.29 -63.49 29.77
C PHE C 139 -18.16 -63.37 31.03
N LYS C 140 -18.70 -64.51 31.47
CA LYS C 140 -19.75 -64.52 32.47
C LYS C 140 -19.17 -64.28 33.86
N ASN C 141 -17.85 -64.29 33.96
CA ASN C 141 -17.16 -64.16 35.24
C ASN C 141 -16.81 -62.74 35.66
N ILE C 142 -17.26 -61.76 34.89
CA ILE C 142 -16.88 -60.38 35.13
C ILE C 142 -18.01 -59.67 35.84
N HIS C 143 -17.70 -58.97 36.94
CA HIS C 143 -18.75 -58.37 37.77
C HIS C 143 -18.57 -56.87 38.08
N ILE C 144 -19.46 -56.04 37.55
CA ILE C 144 -19.26 -54.61 37.60
C ILE C 144 -20.10 -53.96 38.67
N THR C 145 -19.50 -53.01 39.38
CA THR C 145 -20.26 -52.15 40.30
C THR C 145 -19.93 -50.68 40.06
N PRO C 146 -20.90 -49.93 39.53
CA PRO C 146 -20.67 -48.52 39.24
C PRO C 146 -20.35 -47.68 40.47
N ILE C 147 -19.49 -46.69 40.29
CA ILE C 147 -19.14 -45.81 41.37
C ILE C 147 -19.69 -44.46 41.01
N VAL C 148 -19.20 -43.88 39.92
CA VAL C 148 -19.61 -42.54 39.49
C VAL C 148 -18.94 -42.23 38.16
N GLY C 149 -19.63 -41.50 37.30
CA GLY C 149 -19.09 -41.17 36.00
C GLY C 149 -18.51 -42.39 35.33
N ASN C 150 -17.33 -42.22 34.74
CA ASN C 150 -16.71 -43.31 34.03
C ASN C 150 -15.96 -44.32 34.92
N ASN C 151 -16.12 -44.20 36.22
CA ASN C 151 -15.43 -45.11 37.13
C ASN C 151 -16.32 -46.22 37.69
N LEU C 152 -15.71 -47.39 37.86
CA LEU C 152 -16.44 -48.54 38.35
C LEU C 152 -15.52 -49.33 39.24
N SER C 153 -16.05 -50.38 39.86
CA SER C 153 -15.18 -51.35 40.50
C SER C 153 -15.38 -52.75 39.95
N LEU C 154 -14.27 -53.50 39.89
CA LEU C 154 -14.22 -54.78 39.22
C LEU C 154 -14.17 -55.93 40.22
N ARG C 155 -14.79 -57.05 39.89
CA ARG C 155 -14.60 -58.25 40.66
C ARG C 155 -14.52 -59.36 39.68
N VAL C 156 -13.39 -60.08 39.72
CA VAL C 156 -13.11 -61.12 38.77
C VAL C 156 -13.09 -62.48 39.43
N GLU C 157 -13.86 -63.41 38.88
CA GLU C 157 -13.97 -64.74 39.46
C GLU C 157 -13.32 -65.74 38.52
N GLY C 158 -12.65 -66.74 39.10
CA GLY C 158 -12.01 -67.79 38.33
C GLY C 158 -11.96 -69.12 39.05
N LYS C 159 -12.01 -70.21 38.26
CA LYS C 159 -11.90 -71.56 38.81
C LYS C 159 -10.50 -71.81 39.41
N SER C 160 -9.48 -71.15 38.83
CA SER C 160 -8.09 -71.28 39.24
C SER C 160 -7.54 -69.89 39.54
N VAL C 161 -6.32 -69.79 40.05
CA VAL C 161 -5.68 -68.46 40.08
C VAL C 161 -5.31 -68.05 38.65
N PHE C 162 -4.74 -68.98 37.88
CA PHE C 162 -4.39 -68.73 36.48
C PHE C 162 -5.55 -68.23 35.65
N GLU C 163 -6.73 -68.78 35.89
CA GLU C 163 -7.88 -68.38 35.08
C GLU C 163 -8.30 -66.98 35.45
N ALA C 164 -8.33 -66.70 36.75
CA ALA C 164 -8.78 -65.41 37.25
C ALA C 164 -7.87 -64.28 36.80
N MET C 165 -6.58 -64.48 37.04
CA MET C 165 -5.54 -63.49 36.81
C MET C 165 -5.39 -63.18 35.33
N ASN C 166 -5.60 -64.20 34.50
CA ASN C 166 -5.54 -64.01 33.07
C ASN C 166 -6.78 -63.34 32.49
N LEU C 167 -7.84 -63.25 33.28
CA LEU C 167 -9.00 -62.48 32.85
C LEU C 167 -8.80 -60.99 33.21
N LEU C 168 -8.40 -60.73 34.46
CA LEU C 168 -8.08 -59.39 34.91
C LEU C 168 -7.19 -58.66 33.89
N SER C 169 -6.15 -59.36 33.43
CA SER C 169 -5.24 -58.80 32.41
C SER C 169 -5.91 -58.68 31.04
N PHE C 170 -6.94 -59.50 30.78
CA PHE C 170 -7.68 -59.38 29.53
C PHE C 170 -8.57 -58.16 29.63
N ILE C 171 -9.21 -58.00 30.79
CA ILE C 171 -9.98 -56.79 31.02
C ILE C 171 -9.07 -55.57 30.84
N ALA C 172 -7.92 -55.57 31.50
CA ALA C 172 -7.07 -54.39 31.53
C ALA C 172 -6.69 -53.96 30.15
N VAL C 173 -6.27 -54.92 29.35
CA VAL C 173 -5.78 -54.61 28.02
C VAL C 173 -6.92 -54.27 27.05
N THR C 174 -8.09 -54.88 27.19
CA THR C 174 -9.19 -54.47 26.31
C THR C 174 -9.72 -53.09 26.74
N THR C 175 -9.97 -52.92 28.02
CA THR C 175 -10.42 -51.64 28.56
C THR C 175 -9.50 -50.49 28.18
N HIS C 176 -8.19 -50.69 28.26
CA HIS C 176 -7.26 -49.63 27.91
C HIS C 176 -7.27 -49.23 26.43
N ILE C 177 -7.24 -50.20 25.53
CA ILE C 177 -7.20 -49.85 24.11
C ILE C 177 -8.53 -49.33 23.62
N THR C 178 -9.54 -49.41 24.47
CA THR C 178 -10.80 -48.80 24.12
C THR C 178 -11.23 -47.92 25.28
N ASN C 179 -10.86 -46.65 25.20
CA ASN C 179 -10.79 -45.78 26.36
C ASN C 179 -10.17 -44.55 25.78
N THR C 180 -10.69 -43.38 26.09
CA THR C 180 -10.01 -42.16 25.71
C THR C 180 -9.68 -41.40 26.95
N TYR C 181 -8.45 -40.90 26.98
CA TYR C 181 -7.94 -40.18 28.14
C TYR C 181 -8.01 -38.70 27.82
N GLY C 182 -8.30 -38.41 26.55
CA GLY C 182 -8.66 -37.07 26.12
C GLY C 182 -7.45 -36.21 25.83
N GLU C 183 -7.11 -36.11 24.54
CA GLU C 183 -5.95 -35.37 24.08
C GLU C 183 -4.62 -36.08 24.41
N TYR C 184 -4.60 -36.86 25.49
CA TYR C 184 -3.41 -37.63 25.88
C TYR C 184 -3.54 -39.13 25.63
N THR C 185 -4.67 -39.51 25.05
CA THR C 185 -4.91 -40.82 24.47
C THR C 185 -3.72 -41.22 23.59
N TYR C 186 -2.92 -42.16 24.03
CA TYR C 186 -1.71 -42.48 23.30
C TYR C 186 -1.27 -43.93 23.57
N ILE C 187 -0.70 -44.59 22.56
CA ILE C 187 -0.13 -45.92 22.76
C ILE C 187 1.29 -46.06 22.17
N ASP C 188 2.27 -46.45 23.01
CA ASP C 188 3.67 -46.50 22.54
C ASP C 188 3.86 -47.55 21.43
N ASP C 189 5.02 -47.56 20.78
CA ASP C 189 5.18 -48.46 19.65
C ASP C 189 5.56 -49.87 20.10
N HIS C 190 5.97 -49.99 21.37
CA HIS C 190 6.32 -51.28 21.96
C HIS C 190 5.15 -51.93 22.68
N PHE C 191 3.96 -51.35 22.54
CA PHE C 191 2.80 -51.82 23.31
C PHE C 191 2.38 -53.20 22.84
N ALA C 192 2.04 -53.30 21.56
CA ALA C 192 1.83 -54.61 21.00
C ALA C 192 3.10 -55.41 21.25
N GLN C 193 2.94 -56.71 21.44
CA GLN C 193 4.08 -57.58 21.77
C GLN C 193 4.72 -57.02 23.02
N LYS C 194 3.88 -56.66 23.97
CA LYS C 194 4.26 -56.56 25.35
C LYS C 194 3.01 -57.09 26.02
N TYR C 195 1.90 -56.96 25.30
CA TYR C 195 0.59 -57.34 25.82
C TYR C 195 -0.18 -58.14 24.78
N ALA C 196 0.25 -58.05 23.53
CA ALA C 196 -0.49 -58.69 22.44
C ALA C 196 -0.82 -60.15 22.74
N ARG C 197 -0.03 -60.80 23.59
CA ARG C 197 -0.33 -62.18 23.94
C ARG C 197 -1.53 -62.34 24.91
N ILE C 198 -1.96 -61.27 25.60
CA ILE C 198 -3.02 -61.41 26.59
C ILE C 198 -4.31 -61.85 25.92
N LEU C 199 -4.54 -61.33 24.73
CA LEU C 199 -5.66 -61.74 23.90
C LEU C 199 -5.68 -63.23 23.58
N THR C 200 -4.58 -63.94 23.81
CA THR C 200 -4.49 -65.36 23.45
C THR C 200 -4.38 -66.26 24.65
N ASN C 201 -4.38 -65.69 25.85
CA ASN C 201 -4.19 -66.47 27.07
C ASN C 201 -5.46 -66.59 27.93
N ILE C 202 -6.60 -66.67 27.26
CA ILE C 202 -7.91 -66.76 27.90
C ILE C 202 -8.75 -67.25 26.74
N PRO C 203 -9.80 -68.01 27.00
CA PRO C 203 -10.03 -68.87 25.85
C PRO C 203 -11.29 -68.66 25.00
N GLN C 204 -11.95 -67.51 25.00
CA GLN C 204 -12.98 -67.40 23.98
C GLN C 204 -13.14 -66.02 23.40
N VAL C 205 -12.07 -65.23 23.48
CA VAL C 205 -12.05 -63.91 22.90
C VAL C 205 -12.53 -63.93 21.46
N PRO C 206 -13.55 -63.12 21.16
CA PRO C 206 -14.12 -63.03 19.82
C PRO C 206 -13.16 -62.41 18.82
N TYR C 207 -13.35 -62.74 17.55
CA TYR C 207 -12.55 -62.15 16.49
C TYR C 207 -12.58 -60.62 16.51
N PHE C 208 -13.73 -60.02 16.78
CA PHE C 208 -13.80 -58.56 16.75
C PHE C 208 -12.78 -57.90 17.68
N VAL C 209 -12.51 -58.52 18.83
CA VAL C 209 -11.57 -57.95 19.78
C VAL C 209 -10.17 -57.96 19.21
N PHE C 210 -9.81 -59.02 18.50
CA PHE C 210 -8.49 -59.10 17.90
C PHE C 210 -8.33 -58.02 16.84
N TYR C 211 -9.37 -57.84 16.04
CA TYR C 211 -9.32 -56.84 14.98
C TYR C 211 -9.08 -55.50 15.58
N LEU C 212 -9.86 -55.22 16.62
CA LEU C 212 -9.78 -53.97 17.34
C LEU C 212 -8.37 -53.69 17.84
N PHE C 213 -7.78 -54.69 18.45
CA PHE C 213 -6.44 -54.56 18.99
C PHE C 213 -5.40 -54.37 17.90
N ILE C 214 -5.64 -54.94 16.73
CA ILE C 214 -4.70 -54.80 15.62
C ILE C 214 -4.72 -53.38 15.09
N LYS C 215 -5.93 -52.85 14.92
CA LYS C 215 -6.10 -51.57 14.27
C LYS C 215 -5.81 -50.41 15.22
N ARG C 216 -5.94 -50.62 16.52
CA ARG C 216 -5.72 -49.51 17.46
C ARG C 216 -4.42 -49.61 18.25
N ALA C 217 -3.69 -50.72 18.14
CA ALA C 217 -2.56 -50.93 19.06
C ALA C 217 -1.25 -51.39 18.41
N ILE C 218 -1.32 -51.88 17.19
CA ILE C 218 -0.11 -52.35 16.52
C ILE C 218 0.37 -51.31 15.53
N LYS C 219 1.38 -50.54 15.92
CA LYS C 219 1.67 -49.30 15.22
C LYS C 219 2.36 -49.52 13.86
N SER C 220 3.11 -50.62 13.76
CA SER C 220 4.07 -50.84 12.68
C SER C 220 3.81 -52.10 11.85
N GLU C 221 3.73 -51.95 10.53
CA GLU C 221 3.59 -53.11 9.63
C GLU C 221 4.59 -54.20 9.97
N ARG C 222 5.80 -53.79 10.34
CA ARG C 222 6.83 -54.74 10.79
C ARG C 222 6.36 -55.54 12.01
N GLN C 223 5.70 -54.87 12.96
CA GLN C 223 5.31 -55.52 14.21
C GLN C 223 4.02 -56.30 14.10
N PHE C 224 3.16 -55.90 13.17
CA PHE C 224 1.96 -56.68 12.87
C PHE C 224 2.35 -58.04 12.40
N ALA C 225 3.41 -58.10 11.60
CA ALA C 225 3.84 -59.36 11.03
C ALA C 225 4.39 -60.33 12.09
N GLU C 226 4.85 -59.81 13.20
CA GLU C 226 5.41 -60.66 14.23
C GLU C 226 4.34 -61.25 15.13
N ILE C 227 3.21 -60.57 15.20
CA ILE C 227 2.13 -61.05 16.06
C ILE C 227 1.17 -61.92 15.26
N LYS C 228 0.98 -61.55 13.99
CA LYS C 228 0.08 -62.25 13.08
C LYS C 228 0.03 -63.77 13.31
N PRO C 229 1.18 -64.46 13.32
CA PRO C 229 1.07 -65.91 13.52
C PRO C 229 0.57 -66.34 14.91
N MET C 230 0.84 -65.56 15.96
CA MET C 230 0.40 -65.95 17.30
C MET C 230 -1.11 -65.94 17.36
N PHE C 231 -1.67 -64.86 16.81
CA PHE C 231 -3.12 -64.65 16.70
C PHE C 231 -3.71 -65.82 15.94
N GLU C 232 -3.24 -66.01 14.71
CA GLU C 232 -3.80 -67.02 13.83
C GLU C 232 -3.74 -68.42 14.41
N ALA C 233 -2.66 -68.72 15.12
CA ALA C 233 -2.47 -70.03 15.71
C ALA C 233 -3.50 -70.24 16.78
N TYR C 234 -3.77 -69.18 17.54
CA TYR C 234 -4.83 -69.17 18.55
C TYR C 234 -6.18 -69.49 17.97
N PHE C 235 -6.52 -68.83 16.86
CA PHE C 235 -7.80 -69.08 16.21
C PHE C 235 -7.90 -70.45 15.55
N LYS C 236 -6.75 -71.01 15.19
CA LYS C 236 -6.75 -72.38 14.71
C LYS C 236 -7.20 -73.28 15.86
N GLU C 237 -6.51 -73.20 16.99
CA GLU C 237 -6.87 -73.92 18.21
C GLU C 237 -8.35 -73.77 18.60
N GLU C 238 -8.92 -72.59 18.35
CA GLU C 238 -10.31 -72.30 18.70
C GLU C 238 -11.26 -72.72 17.61
N GLY C 239 -10.71 -73.27 16.53
CA GLY C 239 -11.52 -73.80 15.45
C GLY C 239 -11.96 -72.80 14.39
N LEU C 240 -11.02 -71.95 13.94
CA LEU C 240 -11.25 -71.03 12.82
C LEU C 240 -9.97 -70.73 12.04
N ASP C 241 -10.03 -70.86 10.72
CA ASP C 241 -8.90 -70.45 9.90
C ASP C 241 -9.01 -68.95 9.60
N ILE C 242 -8.21 -68.14 10.28
CA ILE C 242 -8.29 -66.69 10.06
C ILE C 242 -7.00 -66.05 9.52
N ASP C 243 -7.11 -65.32 8.41
CA ASP C 243 -5.92 -64.74 7.81
C ASP C 243 -5.37 -63.50 8.53
N PHE C 244 -6.21 -62.48 8.75
CA PHE C 244 -5.79 -61.19 9.35
C PHE C 244 -4.92 -60.37 8.40
N GLN C 245 -5.10 -59.07 8.44
CA GLN C 245 -4.35 -58.14 7.60
C GLN C 245 -4.30 -56.81 8.30
N PHE C 246 -3.16 -56.13 8.21
CA PHE C 246 -2.93 -54.86 8.89
C PHE C 246 -3.85 -53.74 8.38
N THR C 247 -3.76 -53.45 7.09
CA THR C 247 -4.64 -52.51 6.40
C THR C 247 -6.15 -52.83 6.65
N ASP C 248 -7.04 -51.86 6.47
CA ASP C 248 -8.39 -52.04 7.02
C ASP C 248 -9.56 -52.16 6.06
N THR C 249 -9.73 -53.33 5.45
CA THR C 249 -10.88 -53.57 4.57
C THR C 249 -10.94 -52.46 3.56
N HIS C 250 -11.60 -51.36 3.92
CA HIS C 250 -11.52 -50.16 3.10
C HIS C 250 -10.05 -49.84 2.94
N GLY C 251 -9.68 -49.40 1.75
CA GLY C 251 -8.30 -49.06 1.56
C GLY C 251 -7.47 -50.31 1.36
N SER C 252 -7.69 -51.32 2.20
CA SER C 252 -7.19 -52.63 1.83
C SER C 252 -7.89 -52.90 0.51
N ARG C 253 -9.13 -52.41 0.40
CA ARG C 253 -9.89 -52.46 -0.84
C ARG C 253 -9.28 -51.52 -1.84
N MET C 254 -9.39 -50.22 -1.57
CA MET C 254 -8.80 -49.17 -2.40
C MET C 254 -7.41 -49.55 -2.92
N ASP C 255 -6.62 -50.23 -2.10
CA ASP C 255 -5.33 -50.75 -2.54
C ASP C 255 -5.56 -51.69 -3.71
N PHE C 256 -6.32 -52.75 -3.45
CA PHE C 256 -6.62 -53.76 -4.47
C PHE C 256 -7.14 -53.16 -5.78
N ILE C 257 -8.08 -52.22 -5.72
CA ILE C 257 -8.59 -51.59 -6.94
C ILE C 257 -7.49 -50.86 -7.71
N VAL C 258 -6.57 -50.23 -6.99
CA VAL C 258 -5.52 -49.50 -7.67
C VAL C 258 -4.52 -50.43 -8.35
N LYS C 259 -3.95 -51.35 -7.59
CA LYS C 259 -2.94 -52.25 -8.14
C LYS C 259 -3.48 -53.07 -9.31
N GLU C 260 -4.77 -53.39 -9.29
CA GLU C 260 -5.37 -54.17 -10.35
C GLU C 260 -5.58 -53.35 -11.62
N LEU C 261 -6.17 -52.17 -11.46
CA LEU C 261 -6.57 -51.38 -12.62
C LEU C 261 -5.40 -50.72 -13.32
N GLY C 262 -4.45 -50.20 -12.54
CA GLY C 262 -3.30 -49.55 -13.11
C GLY C 262 -3.61 -48.21 -13.76
N MET C 263 -2.56 -47.56 -14.26
CA MET C 263 -2.70 -46.18 -14.68
C MET C 263 -2.77 -45.98 -16.17
N GLU C 264 -2.88 -47.08 -16.91
CA GLU C 264 -2.75 -46.96 -18.35
C GLU C 264 -4.08 -46.71 -19.06
N TYR C 265 -5.15 -46.69 -18.31
CA TYR C 265 -6.43 -46.45 -18.92
C TYR C 265 -7.21 -45.53 -18.03
N PRO C 266 -7.87 -44.51 -18.64
CA PRO C 266 -8.72 -43.49 -18.00
C PRO C 266 -9.80 -44.11 -17.14
N ILE C 267 -10.04 -43.55 -15.96
CA ILE C 267 -10.97 -44.16 -15.04
C ILE C 267 -12.40 -43.62 -15.18
N LEU C 268 -13.38 -44.49 -14.96
CA LEU C 268 -14.78 -44.11 -14.87
C LEU C 268 -15.32 -44.49 -13.50
N ASP C 269 -15.22 -43.55 -12.57
CA ASP C 269 -15.68 -43.77 -11.20
C ASP C 269 -17.21 -43.72 -11.14
N ILE C 270 -17.85 -44.81 -10.71
CA ILE C 270 -19.31 -44.83 -10.67
C ILE C 270 -19.98 -44.32 -9.35
N GLY C 271 -19.52 -44.74 -8.18
CA GLY C 271 -20.08 -44.20 -6.95
C GLY C 271 -19.03 -43.42 -6.18
N CYS C 272 -19.18 -42.09 -6.11
CA CYS C 272 -18.04 -41.25 -5.69
C CYS C 272 -18.31 -40.00 -4.82
N GLY C 273 -17.89 -40.05 -3.56
CA GLY C 273 -17.76 -38.84 -2.77
C GLY C 273 -16.34 -38.32 -2.95
N GLU C 274 -15.69 -38.81 -4.01
CA GLU C 274 -14.40 -38.33 -4.56
C GLU C 274 -13.08 -38.96 -4.11
N LEU C 275 -13.11 -39.80 -3.07
CA LEU C 275 -11.87 -40.29 -2.46
C LEU C 275 -11.03 -41.16 -3.41
N LYS C 276 -11.70 -41.91 -4.28
CA LYS C 276 -10.99 -42.74 -5.26
C LYS C 276 -10.23 -41.83 -6.22
N TYR C 277 -10.80 -40.67 -6.48
CA TYR C 277 -10.19 -39.70 -7.37
C TYR C 277 -8.84 -39.23 -6.88
N TYR C 278 -8.82 -38.65 -5.68
CA TYR C 278 -7.58 -38.19 -5.06
C TYR C 278 -6.54 -39.28 -5.23
N ARG C 279 -6.87 -40.46 -4.72
CA ARG C 279 -5.95 -41.59 -4.68
C ARG C 279 -5.24 -41.84 -6.01
N ARG C 280 -5.81 -41.32 -7.08
CA ARG C 280 -5.28 -41.64 -8.38
C ARG C 280 -4.29 -40.59 -8.91
N PHE C 281 -3.97 -39.60 -8.09
CA PHE C 281 -2.77 -38.84 -8.37
C PHE C 281 -1.95 -38.70 -7.12
N MET C 282 -1.73 -39.79 -6.39
CA MET C 282 -0.94 -39.75 -5.16
C MET C 282 0.39 -39.11 -5.56
N ARG C 283 0.41 -37.77 -5.56
CA ARG C 283 1.48 -36.99 -6.18
C ARG C 283 1.74 -37.54 -7.58
N ARG C 284 2.92 -37.25 -8.10
CA ARG C 284 3.29 -37.70 -9.42
C ARG C 284 3.38 -39.23 -9.42
N ASN C 285 3.52 -39.83 -8.24
CA ASN C 285 3.83 -41.26 -8.12
C ASN C 285 3.15 -42.15 -9.15
N TYR C 286 1.87 -41.86 -9.37
CA TYR C 286 1.15 -42.44 -10.49
C TYR C 286 0.98 -41.29 -11.49
N ASN C 287 1.87 -41.24 -12.48
CA ASN C 287 1.82 -40.16 -13.45
C ASN C 287 0.59 -40.32 -14.31
N TYR C 288 -0.55 -40.00 -13.71
CA TYR C 288 -1.84 -40.27 -14.30
C TYR C 288 -2.14 -39.29 -15.43
N SER C 289 -2.09 -39.82 -16.66
CA SER C 289 -2.07 -39.00 -17.86
C SER C 289 -3.44 -38.79 -18.55
N HIS C 290 -4.47 -39.43 -18.03
CA HIS C 290 -5.74 -39.49 -18.74
C HIS C 290 -6.71 -38.51 -18.08
N PRO C 291 -7.90 -38.31 -18.68
CA PRO C 291 -8.87 -37.58 -17.88
C PRO C 291 -9.47 -38.53 -16.85
N TYR C 292 -10.49 -38.09 -16.14
CA TYR C 292 -11.03 -38.92 -15.10
C TYR C 292 -12.50 -38.59 -14.95
N PHE C 293 -13.33 -39.60 -15.23
CA PHE C 293 -14.78 -39.46 -15.29
C PHE C 293 -15.41 -39.98 -14.00
N ALA C 294 -16.48 -39.29 -13.57
CA ALA C 294 -17.21 -39.65 -12.36
C ALA C 294 -18.70 -39.42 -12.56
N THR C 295 -19.52 -40.17 -11.84
CA THR C 295 -20.98 -40.02 -11.88
C THR C 295 -21.58 -40.38 -10.54
N ASP C 296 -22.79 -39.92 -10.31
CA ASP C 296 -23.45 -40.13 -9.05
C ASP C 296 -24.81 -39.48 -9.16
N THR C 297 -25.81 -40.10 -8.52
CA THR C 297 -27.13 -39.54 -8.49
C THR C 297 -27.22 -38.46 -7.41
N ASP C 298 -26.44 -38.61 -6.34
CA ASP C 298 -26.41 -37.65 -5.22
C ASP C 298 -26.28 -36.22 -5.69
N LYS C 299 -27.27 -35.39 -5.37
CA LYS C 299 -27.17 -33.96 -5.61
C LYS C 299 -25.93 -33.45 -4.89
N SER C 300 -25.76 -33.86 -3.64
CA SER C 300 -24.61 -33.47 -2.82
C SER C 300 -23.26 -33.67 -3.50
N VAL C 301 -23.07 -34.85 -4.09
CA VAL C 301 -21.82 -35.15 -4.80
C VAL C 301 -21.73 -34.32 -6.08
N GLY C 302 -22.85 -34.17 -6.76
CA GLY C 302 -22.92 -33.35 -7.96
C GLY C 302 -22.32 -31.97 -7.76
N ASP C 303 -22.66 -31.37 -6.62
CA ASP C 303 -22.24 -30.01 -6.28
C ASP C 303 -20.78 -29.95 -5.85
N TYR C 304 -20.33 -30.92 -5.07
CA TYR C 304 -18.95 -30.98 -4.59
C TYR C 304 -17.98 -31.11 -5.76
N ALA C 305 -18.41 -31.78 -6.81
CA ALA C 305 -17.60 -31.84 -8.02
C ALA C 305 -17.23 -30.42 -8.42
N ALA C 306 -18.25 -29.58 -8.54
CA ALA C 306 -18.09 -28.21 -9.00
C ALA C 306 -17.36 -27.30 -8.00
N LEU C 307 -17.44 -27.63 -6.72
CA LEU C 307 -16.72 -26.87 -5.69
C LEU C 307 -15.22 -27.11 -5.86
N LEU C 308 -14.87 -28.18 -6.55
CA LEU C 308 -13.47 -28.46 -6.88
C LEU C 308 -13.13 -27.88 -8.26
N LYS C 309 -14.15 -27.39 -8.96
CA LYS C 309 -13.96 -26.80 -10.29
C LYS C 309 -14.24 -25.29 -10.34
N GLU C 310 -14.20 -24.62 -9.20
CA GLU C 310 -14.35 -23.17 -9.18
C GLU C 310 -13.23 -22.26 -8.61
N ARG C 311 -11.98 -22.71 -8.44
CA ARG C 311 -11.46 -24.05 -8.75
C ARG C 311 -10.28 -24.42 -7.89
N MET C 312 -10.29 -25.65 -7.40
CA MET C 312 -9.10 -26.21 -6.81
C MET C 312 -8.60 -27.21 -7.82
N GLU C 313 -8.02 -28.31 -7.35
CA GLU C 313 -7.53 -29.32 -8.27
C GLU C 313 -8.64 -30.24 -8.76
N ALA C 314 -9.21 -29.89 -9.92
CA ALA C 314 -10.16 -30.75 -10.62
C ALA C 314 -9.90 -30.59 -12.10
N ASP C 315 -8.62 -30.64 -12.48
CA ASP C 315 -8.23 -30.26 -13.82
C ASP C 315 -8.71 -31.21 -14.91
N ASN C 316 -8.61 -32.50 -14.67
CA ASN C 316 -9.04 -33.47 -15.67
C ASN C 316 -10.26 -34.24 -15.18
N LEU C 317 -10.89 -33.73 -14.14
CA LEU C 317 -12.08 -34.36 -13.55
C LEU C 317 -13.31 -33.98 -14.37
N TYR C 318 -14.00 -34.97 -14.93
CA TYR C 318 -15.30 -34.71 -15.57
C TYR C 318 -16.40 -35.47 -14.88
N PHE C 319 -17.36 -34.74 -14.33
CA PHE C 319 -18.43 -35.35 -13.54
C PHE C 319 -19.77 -35.21 -14.23
N PHE C 320 -20.53 -36.30 -14.29
CA PHE C 320 -21.82 -36.27 -14.99
C PHE C 320 -22.95 -36.96 -14.23
N SER C 321 -24.16 -36.45 -14.42
CA SER C 321 -25.32 -37.00 -13.74
C SER C 321 -26.22 -37.80 -14.68
N ASP C 322 -26.58 -37.23 -15.83
CA ASP C 322 -27.29 -38.02 -16.82
C ASP C 322 -26.27 -38.92 -17.53
N TRP C 323 -26.67 -40.15 -17.84
CA TRP C 323 -25.76 -41.11 -18.48
C TRP C 323 -25.57 -40.92 -19.98
N THR C 324 -26.21 -39.90 -20.52
CA THR C 324 -26.06 -39.55 -21.92
C THR C 324 -25.27 -38.26 -22.03
N ASP C 325 -24.74 -37.80 -20.90
CA ASP C 325 -23.76 -36.73 -20.88
C ASP C 325 -22.35 -37.31 -20.96
N TYR C 326 -22.26 -38.64 -20.77
CA TYR C 326 -21.00 -39.38 -20.94
C TYR C 326 -20.82 -39.79 -22.41
N GLU C 327 -19.88 -39.17 -23.11
CA GLU C 327 -19.79 -39.42 -24.53
C GLU C 327 -18.47 -40.07 -24.92
N TYR C 328 -17.60 -40.29 -23.95
CA TYR C 328 -16.23 -40.72 -24.22
C TYR C 328 -16.15 -42.10 -24.88
N LYS C 329 -15.87 -42.11 -26.18
CA LYS C 329 -15.89 -43.35 -26.93
C LYS C 329 -14.52 -43.98 -27.11
N ASN C 330 -13.78 -44.13 -26.02
CA ASN C 330 -12.49 -44.83 -26.06
C ASN C 330 -12.39 -45.82 -24.89
N PRO C 331 -11.31 -46.61 -24.80
CA PRO C 331 -11.24 -47.57 -23.68
C PRO C 331 -11.12 -46.92 -22.29
N VAL C 332 -11.71 -47.57 -21.31
CA VAL C 332 -11.86 -47.03 -19.96
C VAL C 332 -11.71 -48.16 -18.94
N ASN C 333 -11.14 -47.89 -17.78
CA ASN C 333 -11.32 -48.78 -16.63
C ASN C 333 -12.41 -48.23 -15.72
N ILE C 334 -13.20 -49.12 -15.13
CA ILE C 334 -14.48 -48.70 -14.54
C ILE C 334 -14.70 -49.29 -13.13
N ILE C 335 -15.23 -48.46 -12.22
CA ILE C 335 -15.24 -48.77 -10.78
C ILE C 335 -16.61 -48.62 -10.08
N LEU C 336 -16.94 -49.59 -9.23
CA LEU C 336 -18.25 -49.72 -8.58
C LEU C 336 -18.17 -50.15 -7.10
N THR C 337 -17.33 -49.50 -6.30
CA THR C 337 -16.86 -50.15 -5.07
C THR C 337 -17.86 -50.30 -3.92
N GLU C 338 -18.82 -49.39 -3.83
CA GLU C 338 -19.99 -49.68 -3.02
C GLU C 338 -21.08 -49.69 -4.03
N VAL C 339 -21.84 -48.60 -4.03
CA VAL C 339 -22.80 -48.32 -5.08
C VAL C 339 -23.94 -49.35 -5.17
N ILE C 340 -23.62 -50.55 -5.66
CA ILE C 340 -24.67 -51.49 -6.06
C ILE C 340 -25.62 -51.92 -4.94
N GLU C 341 -25.20 -51.78 -3.69
CA GLU C 341 -26.07 -52.14 -2.58
C GLU C 341 -26.40 -50.95 -1.66
N HIS C 342 -25.61 -49.86 -1.77
CA HIS C 342 -25.81 -48.60 -1.02
C HIS C 342 -27.24 -48.14 -1.27
N ASN C 343 -27.69 -48.44 -2.48
CA ASN C 343 -29.01 -48.99 -2.79
C ASN C 343 -29.20 -49.12 -4.29
N THR C 344 -30.31 -48.58 -4.78
CA THR C 344 -30.73 -48.77 -6.15
C THR C 344 -30.71 -50.27 -6.49
N PRO C 345 -31.63 -51.06 -5.90
CA PRO C 345 -31.57 -52.52 -6.04
C PRO C 345 -32.13 -53.02 -7.38
N GLU C 346 -31.42 -53.97 -7.99
CA GLU C 346 -31.86 -54.66 -9.22
C GLU C 346 -31.97 -53.80 -10.46
N ALA C 347 -32.06 -52.48 -10.24
CA ALA C 347 -31.65 -51.51 -11.22
C ALA C 347 -30.13 -51.60 -11.18
N ALA C 348 -29.65 -52.27 -10.15
CA ALA C 348 -28.26 -52.67 -10.04
C ALA C 348 -27.86 -53.55 -11.22
N GLU C 349 -28.78 -54.39 -11.68
CA GLU C 349 -28.52 -55.16 -12.89
C GLU C 349 -28.55 -54.26 -14.12
N ALA C 350 -29.41 -53.24 -14.10
CA ALA C 350 -29.50 -52.28 -15.18
C ALA C 350 -28.20 -51.51 -15.33
N LEU C 351 -27.74 -50.94 -14.20
CA LEU C 351 -26.50 -50.18 -14.13
C LEU C 351 -25.30 -50.96 -14.69
N VAL C 352 -25.09 -52.17 -14.18
CA VAL C 352 -23.91 -52.96 -14.57
C VAL C 352 -23.99 -53.42 -16.02
N LYS C 353 -25.20 -53.66 -16.51
CA LYS C 353 -25.36 -54.10 -17.87
C LYS C 353 -25.03 -52.94 -18.79
N HIS C 354 -25.39 -51.75 -18.34
CA HIS C 354 -25.06 -50.54 -19.08
C HIS C 354 -23.55 -50.45 -19.23
N CYS C 355 -22.84 -50.72 -18.15
CA CYS C 355 -21.38 -50.65 -18.14
C CYS C 355 -20.74 -51.63 -19.11
N LEU C 356 -21.33 -52.81 -19.25
CA LEU C 356 -20.75 -53.86 -20.05
C LEU C 356 -20.87 -53.56 -21.54
N SER C 357 -21.74 -52.61 -21.88
CA SER C 357 -21.88 -52.13 -23.24
C SER C 357 -20.78 -51.12 -23.55
N LEU C 358 -20.43 -50.33 -22.53
CA LEU C 358 -19.42 -49.28 -22.62
C LEU C 358 -18.04 -49.85 -22.92
N ASN C 359 -17.41 -49.34 -23.97
CA ASN C 359 -16.08 -49.81 -24.38
C ASN C 359 -15.06 -49.77 -23.24
N PHE C 360 -14.95 -50.87 -22.52
CA PHE C 360 -14.05 -50.92 -21.38
C PHE C 360 -12.95 -51.95 -21.57
N HIS C 361 -12.00 -51.95 -20.65
CA HIS C 361 -10.93 -52.92 -20.71
C HIS C 361 -11.01 -53.80 -19.50
N LYS C 362 -11.50 -53.25 -18.40
CA LYS C 362 -11.51 -53.94 -17.11
C LYS C 362 -12.56 -53.30 -16.19
N MET C 363 -13.36 -54.13 -15.53
CA MET C 363 -14.32 -53.61 -14.59
C MET C 363 -14.01 -54.17 -13.22
N ILE C 364 -14.28 -53.40 -12.16
CA ILE C 364 -14.27 -53.96 -10.81
C ILE C 364 -15.54 -53.58 -10.08
N ILE C 365 -16.18 -54.56 -9.45
CA ILE C 365 -17.37 -54.29 -8.68
C ILE C 365 -17.13 -54.79 -7.25
N THR C 366 -17.85 -54.23 -6.28
CA THR C 366 -17.62 -54.59 -4.88
C THR C 366 -18.87 -54.47 -4.01
N THR C 367 -19.11 -55.49 -3.17
CA THR C 367 -20.23 -55.52 -2.23
C THR C 367 -19.79 -56.26 -0.99
N PRO C 368 -20.30 -55.84 0.18
CA PRO C 368 -20.18 -56.59 1.44
C PRO C 368 -20.42 -58.10 1.28
N ASN C 369 -19.81 -58.89 2.17
CA ASN C 369 -19.83 -60.36 2.03
C ASN C 369 -20.96 -61.03 2.73
N SER C 370 -21.55 -60.35 3.72
CA SER C 370 -22.78 -60.85 4.36
C SER C 370 -22.56 -62.09 5.20
N LEU C 371 -21.83 -63.06 4.65
CA LEU C 371 -21.54 -64.22 5.44
C LEU C 371 -20.59 -63.77 6.52
N PHE C 372 -20.06 -62.56 6.39
CA PHE C 372 -19.14 -62.00 7.38
C PHE C 372 -19.82 -61.36 8.62
N ASN C 373 -21.08 -60.95 8.46
CA ASN C 373 -21.75 -60.21 9.52
C ASN C 373 -21.75 -60.88 10.86
N LYS C 374 -21.62 -62.20 10.86
CA LYS C 374 -21.54 -62.94 12.12
C LYS C 374 -20.38 -62.42 12.95
N TYR C 375 -19.39 -61.86 12.28
CA TYR C 375 -18.08 -61.64 12.91
C TYR C 375 -17.87 -60.28 13.59
N TYR C 376 -18.91 -59.44 13.51
CA TYR C 376 -18.94 -58.13 14.17
C TYR C 376 -19.79 -58.12 15.45
N PHE C 377 -19.93 -56.95 16.07
CA PHE C 377 -20.90 -56.82 17.17
C PHE C 377 -21.99 -55.80 16.84
N HIS C 390 -31.11 -51.04 0.61
CA HIS C 390 -29.90 -51.54 1.24
C HIS C 390 -30.04 -53.02 1.59
N PHE C 391 -29.78 -53.87 0.60
CA PHE C 391 -29.76 -55.33 0.75
C PHE C 391 -28.35 -55.85 1.11
N GLU C 392 -28.19 -57.16 1.20
CA GLU C 392 -26.85 -57.72 1.40
C GLU C 392 -26.73 -59.15 0.88
N TRP C 393 -25.82 -59.38 -0.05
CA TRP C 393 -25.66 -60.67 -0.70
C TRP C 393 -24.59 -61.59 -0.11
N THR C 394 -24.87 -62.89 -0.10
CA THR C 394 -23.88 -63.93 0.16
C THR C 394 -23.12 -64.13 -1.14
N PRO C 395 -21.94 -64.78 -1.09
CA PRO C 395 -21.19 -64.96 -2.35
C PRO C 395 -21.99 -65.74 -3.40
N GLN C 396 -22.78 -66.71 -2.96
CA GLN C 396 -23.61 -67.43 -3.91
C GLN C 396 -24.57 -66.48 -4.58
N GLU C 397 -25.19 -65.59 -3.80
CA GLU C 397 -26.13 -64.60 -4.33
C GLU C 397 -25.46 -63.64 -5.31
N PHE C 398 -24.29 -63.14 -4.88
CA PHE C 398 -23.46 -62.23 -5.67
C PHE C 398 -22.99 -62.89 -6.95
N GLN C 399 -22.39 -64.08 -6.83
CA GLN C 399 -21.85 -64.78 -7.99
C GLN C 399 -22.96 -65.03 -9.01
N ASP C 400 -24.17 -65.23 -8.51
CA ASP C 400 -25.33 -65.43 -9.37
C ASP C 400 -25.66 -64.14 -10.10
N PHE C 401 -25.59 -63.01 -9.40
CA PHE C 401 -25.81 -61.69 -10.03
C PHE C 401 -24.87 -61.42 -11.21
N ILE C 402 -23.57 -61.60 -11.00
CA ILE C 402 -22.58 -61.41 -12.06
C ILE C 402 -22.98 -62.26 -13.24
N ARG C 403 -23.20 -63.55 -12.96
CA ARG C 403 -23.57 -64.54 -13.96
C ARG C 403 -24.72 -64.07 -14.85
N HIS C 404 -25.82 -63.63 -14.23
CA HIS C 404 -27.03 -63.31 -14.99
C HIS C 404 -27.11 -61.87 -15.49
N CYS C 405 -25.96 -61.29 -15.80
CA CYS C 405 -25.87 -60.07 -16.61
C CYS C 405 -24.63 -60.07 -17.50
N VAL C 406 -23.56 -60.71 -17.02
CA VAL C 406 -22.39 -60.85 -17.86
C VAL C 406 -22.56 -62.02 -18.82
N GLY C 407 -23.56 -62.87 -18.54
CA GLY C 407 -23.72 -64.16 -19.19
C GLY C 407 -23.67 -64.22 -20.70
N ASP C 408 -23.53 -65.44 -21.20
CA ASP C 408 -23.48 -65.75 -22.64
C ASP C 408 -22.58 -64.89 -23.53
N THR C 409 -21.78 -64.01 -22.93
CA THR C 409 -20.79 -63.24 -23.67
C THR C 409 -19.37 -63.71 -23.35
N SER C 410 -18.41 -63.23 -24.13
CA SER C 410 -17.04 -63.73 -24.09
C SER C 410 -16.20 -62.95 -23.10
N LEU C 411 -16.82 -62.49 -22.03
CA LEU C 411 -16.12 -61.74 -20.98
C LEU C 411 -15.43 -62.67 -20.01
N GLU C 412 -14.18 -62.36 -19.64
CA GLU C 412 -13.47 -63.17 -18.67
C GLU C 412 -13.72 -62.68 -17.26
N VAL C 413 -14.26 -63.56 -16.43
CA VAL C 413 -14.65 -63.15 -15.09
C VAL C 413 -13.81 -63.86 -14.02
N THR C 414 -13.29 -63.06 -13.08
CA THR C 414 -12.45 -63.57 -12.00
C THR C 414 -12.77 -62.92 -10.63
N TYR C 415 -13.00 -63.77 -9.62
CA TYR C 415 -13.43 -63.35 -8.29
C TYR C 415 -12.30 -63.36 -7.28
N CYS C 416 -12.56 -62.76 -6.11
CA CYS C 416 -11.64 -62.70 -4.97
C CYS C 416 -12.20 -61.77 -3.90
N GLY C 417 -11.91 -62.08 -2.65
CA GLY C 417 -12.39 -61.28 -1.55
C GLY C 417 -11.31 -60.41 -0.93
N ILE C 418 -11.71 -59.29 -0.35
CA ILE C 418 -10.72 -58.37 0.20
C ILE C 418 -10.94 -58.18 1.68
N GLY C 419 -9.85 -58.13 2.43
CA GLY C 419 -9.95 -57.93 3.86
C GLY C 419 -9.58 -59.18 4.62
N ASP C 420 -9.77 -59.15 5.93
CA ASP C 420 -9.44 -60.29 6.77
C ASP C 420 -10.22 -61.51 6.26
N ARG C 421 -9.60 -62.69 6.23
CA ARG C 421 -10.29 -63.88 5.74
C ARG C 421 -10.51 -64.90 6.86
N ILE C 422 -11.77 -65.29 7.05
CA ILE C 422 -12.18 -66.30 8.05
C ILE C 422 -12.95 -67.45 7.38
N ASN C 423 -12.27 -68.58 7.23
CA ASN C 423 -12.80 -69.72 6.48
C ASN C 423 -13.17 -69.27 5.08
N GLY C 424 -12.23 -68.61 4.42
CA GLY C 424 -12.42 -68.26 3.02
C GLY C 424 -13.33 -67.07 2.81
N GLU C 425 -13.99 -66.65 3.88
CA GLU C 425 -14.93 -65.55 3.80
C GLU C 425 -14.29 -64.23 4.26
N THR C 426 -14.23 -63.26 3.35
CA THR C 426 -13.74 -61.94 3.69
C THR C 426 -14.95 -61.09 4.07
N PRO C 427 -14.75 -59.80 4.39
CA PRO C 427 -15.96 -58.96 4.51
C PRO C 427 -16.29 -58.16 3.25
N THR C 428 -15.54 -58.36 2.18
CA THR C 428 -15.81 -57.62 0.95
C THR C 428 -15.60 -58.52 -0.28
N GLN C 429 -16.50 -58.41 -1.27
CA GLN C 429 -16.47 -59.23 -2.49
C GLN C 429 -16.08 -58.43 -3.70
N ALA C 430 -15.48 -59.08 -4.69
CA ALA C 430 -15.05 -58.35 -5.88
C ALA C 430 -14.95 -59.20 -7.14
N VAL C 431 -15.41 -58.63 -8.24
CA VAL C 431 -15.22 -59.26 -9.53
C VAL C 431 -14.31 -58.42 -10.41
N VAL C 432 -13.55 -59.09 -11.27
CA VAL C 432 -12.77 -58.39 -12.27
C VAL C 432 -13.13 -58.90 -13.66
N ILE C 433 -14.12 -58.25 -14.27
CA ILE C 433 -14.50 -58.53 -15.65
C ILE C 433 -13.53 -57.90 -16.66
N THR C 434 -12.87 -58.75 -17.46
CA THR C 434 -11.90 -58.30 -18.45
C THR C 434 -12.36 -58.59 -19.88
N ARG C 435 -12.67 -57.57 -20.65
CA ARG C 435 -13.04 -57.82 -22.04
C ARG C 435 -11.81 -58.24 -22.86
N LYS C 436 -11.97 -59.33 -23.60
CA LYS C 436 -10.92 -59.92 -24.43
C LYS C 436 -10.62 -59.10 -25.69
N LYS D 4 28.58 -0.22 -33.35
CA LYS D 4 28.28 1.12 -33.80
C LYS D 4 28.31 2.09 -32.63
N ASN D 5 28.34 3.39 -32.92
CA ASN D 5 28.18 4.39 -31.85
C ASN D 5 26.99 5.35 -31.92
N ASN D 6 25.82 4.78 -31.65
CA ASN D 6 24.61 5.52 -31.32
C ASN D 6 24.39 5.48 -29.81
N THR D 7 24.65 4.31 -29.23
CA THR D 7 24.29 3.94 -27.87
C THR D 7 22.78 4.13 -27.58
N HIS D 8 22.17 3.14 -26.94
CA HIS D 8 20.75 3.26 -26.61
C HIS D 8 20.55 3.41 -25.10
N HIS D 9 19.52 4.17 -24.70
CA HIS D 9 19.34 4.48 -23.30
C HIS D 9 18.13 3.81 -22.63
N PHE D 10 18.41 3.09 -21.56
CA PHE D 10 17.42 2.23 -20.92
C PHE D 10 16.99 2.84 -19.59
N PRO D 11 15.83 2.41 -19.07
CA PRO D 11 15.34 2.90 -17.77
C PRO D 11 16.24 2.49 -16.63
N LYS D 12 16.09 3.14 -15.48
CA LYS D 12 16.91 2.82 -14.33
C LYS D 12 16.13 2.14 -13.20
N LEU D 13 16.62 0.99 -12.78
CA LEU D 13 16.08 0.28 -11.62
C LEU D 13 17.09 0.39 -10.48
N LEU D 14 16.65 0.93 -9.35
CA LEU D 14 17.55 1.21 -8.24
C LEU D 14 17.18 0.41 -6.99
N ILE D 15 17.98 -0.59 -6.63
CA ILE D 15 17.68 -1.39 -5.44
C ILE D 15 18.25 -0.78 -4.16
N LEU D 16 17.40 -0.55 -3.17
CA LEU D 16 17.87 0.04 -1.93
C LEU D 16 18.18 -1.04 -0.91
N VAL D 17 19.41 -1.50 -0.88
CA VAL D 17 19.79 -2.56 0.05
C VAL D 17 20.13 -2.06 1.48
N GLY D 18 19.45 -2.64 2.45
CA GLY D 18 19.62 -2.27 3.85
C GLY D 18 18.70 -3.12 4.70
N ALA D 19 18.83 -2.99 6.01
CA ALA D 19 18.01 -3.76 6.94
C ALA D 19 17.23 -2.84 7.86
N PRO D 20 15.95 -3.14 8.05
CA PRO D 20 14.90 -2.40 8.77
C PRO D 20 15.40 -1.36 9.77
N GLY D 21 15.31 -0.09 9.39
CA GLY D 21 15.77 0.99 10.26
C GLY D 21 16.84 1.81 9.58
N SER D 22 17.47 1.21 8.57
CA SER D 22 18.59 1.80 7.83
C SER D 22 18.36 3.26 7.48
N GLY D 23 17.57 3.48 6.43
CA GLY D 23 17.20 4.83 6.02
C GLY D 23 16.62 4.83 4.61
N LYS D 24 16.52 3.63 4.03
CA LYS D 24 16.15 3.47 2.64
C LYS D 24 14.78 4.09 2.26
N SER D 25 13.78 3.95 3.14
CA SER D 25 12.44 4.45 2.85
C SER D 25 12.38 5.95 3.07
N THR D 26 13.34 6.48 3.83
CA THR D 26 13.43 7.93 4.03
C THR D 26 14.20 8.63 2.91
N PHE D 27 15.21 7.94 2.37
CA PHE D 27 15.86 8.37 1.14
C PHE D 27 14.84 8.42 -0.01
N ALA D 28 14.20 7.29 -0.28
CA ALA D 28 13.25 7.19 -1.37
C ALA D 28 12.13 8.22 -1.27
N ARG D 29 11.84 8.68 -0.05
CA ARG D 29 10.81 9.71 0.12
C ARG D 29 11.32 11.03 -0.45
N TYR D 30 12.55 11.39 -0.10
CA TYR D 30 13.20 12.56 -0.68
C TYR D 30 13.43 12.33 -2.16
N PHE D 31 13.90 11.14 -2.50
CA PHE D 31 14.23 10.83 -3.89
C PHE D 31 13.04 10.91 -4.85
N ILE D 32 11.84 10.62 -4.37
CA ILE D 32 10.68 10.70 -5.24
C ILE D 32 10.31 12.16 -5.45
N ARG D 33 10.16 12.89 -4.34
CA ARG D 33 9.72 14.30 -4.38
C ARG D 33 10.66 15.24 -5.12
N THR D 34 11.93 14.87 -5.26
CA THR D 34 12.89 15.75 -5.91
C THR D 34 13.23 15.34 -7.35
N GLU D 35 13.28 14.04 -7.63
CA GLU D 35 13.57 13.57 -8.99
C GLU D 35 12.32 13.53 -9.86
N ASP D 36 12.53 13.35 -11.16
CA ASP D 36 11.42 13.47 -12.10
C ASP D 36 10.70 12.14 -12.32
N ASN D 37 11.25 11.34 -13.21
CA ASN D 37 10.58 10.14 -13.69
C ASN D 37 10.87 8.90 -12.83
N TRP D 38 10.24 8.83 -11.66
CA TRP D 38 10.52 7.73 -10.76
C TRP D 38 9.29 7.28 -9.96
N VAL D 39 9.09 5.96 -9.94
CA VAL D 39 8.04 5.33 -9.12
C VAL D 39 8.61 4.35 -8.09
N ARG D 40 7.98 4.29 -6.92
CA ARG D 40 8.36 3.35 -5.85
C ARG D 40 7.62 2.02 -5.99
N VAL D 41 8.30 0.93 -5.65
CA VAL D 41 7.69 -0.39 -5.60
C VAL D 41 8.14 -1.02 -4.32
N ASN D 42 7.25 -1.08 -3.34
CA ASN D 42 7.60 -1.61 -2.04
C ASN D 42 6.79 -2.84 -1.66
N ARG D 43 7.49 -3.95 -1.39
CA ARG D 43 6.83 -5.21 -1.10
C ARG D 43 5.86 -5.10 0.06
N ASP D 44 6.21 -4.29 1.05
CA ASP D 44 5.39 -4.16 2.25
C ASP D 44 4.01 -3.56 2.00
N ASP D 45 3.94 -2.55 1.15
CA ASP D 45 2.67 -1.90 0.87
C ASP D 45 1.70 -2.89 0.19
N PHE D 46 2.25 -3.91 -0.50
CA PHE D 46 1.46 -4.97 -1.14
C PHE D 46 0.83 -5.91 -0.13
N ARG D 47 1.60 -6.24 0.92
CA ARG D 47 1.05 -6.99 2.03
C ARG D 47 -0.13 -6.22 2.59
N LEU D 48 0.07 -4.92 2.83
CA LEU D 48 -0.97 -4.05 3.39
C LEU D 48 -2.24 -4.04 2.56
N MSE D 49 -2.10 -4.46 1.30
CA MSE D 49 -3.19 -4.41 0.38
C MSE D 49 -4.01 -5.66 0.62
O MSE D 49 -5.19 -5.73 0.27
CB MSE D 49 -2.63 -4.39 -1.04
CG MSE D 49 -3.46 -3.65 -2.09
SE MSE D 49 -2.55 -3.78 -3.83
CE MSE D 49 -1.17 -2.43 -3.55
N GLN D 50 -3.38 -6.65 1.24
CA GLN D 50 -4.05 -7.89 1.62
C GLN D 50 -4.47 -7.86 3.10
N PHE D 51 -4.37 -6.69 3.71
CA PHE D 51 -4.55 -6.52 5.16
C PHE D 51 -3.60 -7.43 5.90
N GLY D 52 -2.31 -7.13 5.83
CA GLY D 52 -1.32 -7.93 6.50
C GLY D 52 -0.30 -7.06 7.22
N ASP D 53 -0.05 -7.37 8.48
CA ASP D 53 0.95 -6.68 9.31
C ASP D 53 2.34 -6.72 8.66
N SER D 54 2.88 -7.93 8.57
CA SER D 54 4.16 -8.20 7.94
C SER D 54 4.31 -9.71 7.95
N LEU D 55 4.86 -10.26 6.88
CA LEU D 55 4.96 -11.70 6.62
C LEU D 55 3.61 -12.40 6.63
N MSE D 56 3.35 -13.18 5.59
CA MSE D 56 2.07 -13.85 5.49
C MSE D 56 2.22 -15.29 5.06
O MSE D 56 3.32 -15.83 5.02
CB MSE D 56 1.14 -13.13 4.50
CG MSE D 56 1.25 -11.61 4.50
SE MSE D 56 -0.21 -10.84 3.48
CE MSE D 56 -1.67 -11.30 4.69
N SER D 57 1.08 -15.90 4.73
CA SER D 57 1.02 -17.22 4.15
C SER D 57 2.00 -17.26 3.01
N PRO D 58 2.59 -18.43 2.75
CA PRO D 58 3.53 -18.46 1.63
C PRO D 58 2.72 -18.26 0.35
N PHE D 59 1.42 -18.54 0.42
CA PHE D 59 0.50 -18.26 -0.65
C PHE D 59 0.58 -16.80 -1.07
N TYR D 60 0.12 -15.93 -0.18
CA TYR D 60 0.11 -14.48 -0.38
C TYR D 60 1.48 -13.99 -0.80
N GLU D 61 2.51 -14.47 -0.11
CA GLU D 61 3.87 -14.05 -0.38
C GLU D 61 4.19 -14.36 -1.82
N GLU D 62 3.78 -15.53 -2.27
CA GLU D 62 4.07 -15.95 -3.64
C GLU D 62 3.26 -15.12 -4.63
N ARG D 63 1.99 -14.89 -4.32
CA ARG D 63 1.13 -14.13 -5.23
C ARG D 63 1.53 -12.67 -5.23
N ILE D 64 1.97 -12.16 -4.09
CA ILE D 64 2.48 -10.80 -4.04
C ILE D 64 3.61 -10.68 -5.06
N THR D 65 4.70 -11.42 -4.84
CA THR D 65 5.83 -11.48 -5.77
C THR D 65 5.45 -11.47 -7.26
N LYS D 66 4.46 -12.27 -7.63
CA LYS D 66 4.05 -12.30 -9.03
C LYS D 66 3.54 -10.95 -9.52
N MSE D 67 3.12 -10.09 -8.59
CA MSE D 67 2.59 -8.77 -8.97
C MSE D 67 3.56 -7.62 -8.66
O MSE D 67 3.31 -6.45 -8.97
CB MSE D 67 1.16 -8.54 -8.42
CG MSE D 67 1.00 -7.92 -7.00
SE MSE D 67 -0.51 -8.71 -5.94
CE MSE D 67 -1.73 -7.23 -5.64
N VAL D 68 4.70 -7.97 -8.06
CA VAL D 68 5.75 -6.98 -7.84
C VAL D 68 6.55 -6.93 -9.12
N GLU D 69 6.85 -8.11 -9.65
CA GLU D 69 7.55 -8.26 -10.90
C GLU D 69 6.67 -7.70 -12.00
N ALA D 70 5.37 -7.89 -11.85
CA ALA D 70 4.40 -7.42 -12.84
C ALA D 70 4.50 -5.93 -12.95
N SER D 71 4.43 -5.28 -11.80
CA SER D 71 4.35 -3.83 -11.72
C SER D 71 5.68 -3.15 -12.02
N VAL D 72 6.78 -3.84 -11.77
CA VAL D 72 8.07 -3.25 -12.06
C VAL D 72 8.32 -3.32 -13.57
N ILE D 73 8.14 -4.51 -14.15
CA ILE D 73 8.35 -4.68 -15.58
C ILE D 73 7.40 -3.82 -16.37
N ALA D 74 6.15 -3.73 -15.90
CA ALA D 74 5.17 -2.94 -16.60
C ALA D 74 5.64 -1.49 -16.66
N LEU D 75 6.28 -1.06 -15.59
CA LEU D 75 6.80 0.30 -15.52
C LEU D 75 8.02 0.47 -16.43
N LEU D 76 9.05 -0.35 -16.23
CA LEU D 76 10.26 -0.29 -17.07
C LEU D 76 9.96 -0.28 -18.57
N LYS D 77 8.93 -1.00 -18.97
CA LYS D 77 8.59 -1.04 -20.38
C LYS D 77 7.92 0.26 -20.80
N ASN D 78 7.23 0.93 -19.89
CA ASN D 78 6.69 2.26 -20.18
C ASN D 78 7.81 3.28 -20.13
N ARG D 79 9.04 2.78 -19.98
CA ARG D 79 10.24 3.61 -19.88
C ARG D 79 10.08 4.52 -18.69
N THR D 80 10.20 3.92 -17.51
CA THR D 80 9.98 4.64 -16.27
C THR D 80 10.92 4.10 -15.24
N ASN D 81 11.72 4.98 -14.65
CA ASN D 81 12.67 4.52 -13.66
C ASN D 81 11.99 4.06 -12.37
N VAL D 82 12.48 2.96 -11.83
CA VAL D 82 11.81 2.26 -10.74
C VAL D 82 12.73 2.01 -9.57
N ILE D 83 12.27 2.39 -8.39
CA ILE D 83 13.06 2.25 -7.18
C ILE D 83 12.45 1.13 -6.34
N ILE D 84 13.29 0.36 -5.65
CA ILE D 84 12.81 -0.78 -4.89
C ILE D 84 13.34 -0.85 -3.46
N ASP D 85 12.44 -0.83 -2.49
CA ASP D 85 12.79 -0.88 -1.08
C ASP D 85 13.12 -2.28 -0.57
N ALA D 86 14.00 -2.99 -1.28
CA ALA D 86 14.32 -4.41 -1.01
C ALA D 86 14.32 -4.81 0.47
N THR D 87 13.13 -5.15 0.95
CA THR D 87 12.95 -5.66 2.31
C THR D 87 13.35 -7.14 2.37
N ASN D 88 14.57 -7.41 1.91
CA ASN D 88 15.14 -8.75 1.81
C ASN D 88 16.65 -8.68 2.02
N SER D 89 17.36 -8.10 1.05
CA SER D 89 18.80 -7.86 1.11
C SER D 89 19.62 -9.08 1.55
N SER D 90 19.04 -10.26 1.33
CA SER D 90 19.52 -11.50 1.92
C SER D 90 20.87 -11.94 1.36
N LEU D 91 21.40 -13.06 1.87
CA LEU D 91 22.56 -13.71 1.24
C LEU D 91 22.18 -14.07 -0.20
N ARG D 92 22.21 -13.06 -1.05
CA ARG D 92 21.64 -13.13 -2.37
C ARG D 92 20.17 -13.58 -2.37
N SER D 93 19.30 -12.63 -2.06
CA SER D 93 17.96 -12.62 -2.61
C SER D 93 18.04 -11.51 -3.66
N LEU D 94 19.25 -10.96 -3.78
CA LEU D 94 19.55 -9.88 -4.72
C LEU D 94 19.74 -10.40 -6.14
N GLN D 95 20.37 -11.56 -6.26
CA GLN D 95 20.68 -12.12 -7.57
C GLN D 95 19.44 -12.44 -8.42
N ASP D 96 18.38 -12.95 -7.79
CA ASP D 96 17.12 -13.25 -8.50
C ASP D 96 16.59 -11.94 -9.04
N MSE D 97 16.48 -10.99 -8.12
CA MSE D 97 16.07 -9.62 -8.38
C MSE D 97 16.85 -9.07 -9.57
O MSE D 97 16.29 -8.37 -10.41
CB MSE D 97 16.34 -8.77 -7.14
CG MSE D 97 15.49 -7.52 -6.99
SE MSE D 97 15.38 -6.97 -5.10
CE MSE D 97 14.28 -8.45 -4.43
N VAL D 98 18.12 -9.41 -9.65
CA VAL D 98 18.96 -8.94 -10.75
C VAL D 98 18.74 -9.76 -12.02
N HIS D 99 18.61 -11.07 -11.87
CA HIS D 99 18.41 -11.91 -13.04
C HIS D 99 17.05 -11.67 -13.65
N THR D 100 16.07 -11.38 -12.78
CA THR D 100 14.71 -11.18 -13.25
C THR D 100 14.56 -9.88 -14.04
N TYR D 101 15.31 -8.85 -13.68
CA TYR D 101 15.14 -7.53 -14.30
C TYR D 101 16.18 -7.10 -15.35
N THR D 102 17.46 -7.47 -15.17
CA THR D 102 18.57 -6.96 -16.00
C THR D 102 18.29 -6.94 -17.50
N GLU D 103 17.35 -7.78 -17.93
CA GLU D 103 16.83 -7.75 -19.28
C GLU D 103 16.17 -6.40 -19.63
N TYR D 104 15.78 -5.65 -18.60
CA TYR D 104 14.84 -4.56 -18.80
C TYR D 104 15.34 -3.16 -18.44
N ALA D 105 16.44 -3.08 -17.70
CA ALA D 105 16.89 -1.78 -17.16
C ALA D 105 18.35 -1.73 -16.64
N ASP D 106 18.87 -0.51 -16.56
CA ASP D 106 20.19 -0.28 -15.98
C ASP D 106 20.08 -0.31 -14.47
N ILE D 107 20.63 -1.36 -13.86
CA ILE D 107 20.46 -1.62 -12.43
C ILE D 107 21.47 -0.89 -11.53
N SER D 108 20.98 -0.13 -10.56
CA SER D 108 21.87 0.60 -9.64
C SER D 108 21.54 0.19 -8.23
N PHE D 109 22.49 0.37 -7.31
CA PHE D 109 22.25 0.00 -5.92
C PHE D 109 22.51 1.18 -5.00
N LYS D 110 22.00 1.13 -3.77
CA LYS D 110 22.37 2.12 -2.76
C LYS D 110 22.22 1.53 -1.38
N VAL D 111 23.30 0.91 -0.90
CA VAL D 111 23.27 0.25 0.39
C VAL D 111 23.29 1.24 1.58
N PHE D 112 22.38 1.02 2.52
CA PHE D 112 22.30 1.87 3.70
C PHE D 112 22.87 1.10 4.88
N ASP D 113 24.16 1.27 5.10
CA ASP D 113 24.85 0.58 6.19
C ASP D 113 24.73 1.38 7.47
N LEU D 114 24.57 0.69 8.59
CA LEU D 114 24.43 1.37 9.88
C LEU D 114 24.61 0.40 11.04
N PRO D 115 25.54 0.72 11.96
CA PRO D 115 25.84 -0.08 13.15
C PRO D 115 24.60 -0.30 14.03
N VAL D 116 24.41 -1.53 14.51
CA VAL D 116 23.18 -1.96 15.18
C VAL D 116 22.84 -1.21 16.47
N GLU D 117 23.83 -0.54 17.06
CA GLU D 117 23.59 0.26 18.26
C GLU D 117 22.81 1.51 17.90
N GLU D 118 23.01 1.97 16.67
CA GLU D 118 22.26 3.10 16.14
C GLU D 118 21.00 2.63 15.42
N LEU D 119 21.10 1.46 14.79
CA LEU D 119 20.02 0.90 13.97
C LEU D 119 18.75 0.65 14.78
N VAL D 120 18.90 0.41 16.08
CA VAL D 120 17.74 0.30 16.95
C VAL D 120 17.54 1.58 17.76
N LYS D 121 17.57 2.72 17.06
CA LYS D 121 17.06 3.98 17.60
C LYS D 121 15.55 3.98 17.35
N ARG D 122 14.95 2.81 17.59
CA ARG D 122 13.51 2.59 17.53
C ARG D 122 13.14 1.30 18.23
N GLN D 145 18.87 -5.92 17.85
CA GLN D 145 19.62 -7.10 17.39
C GLN D 145 20.47 -6.85 16.11
N LEU D 146 21.16 -7.87 15.63
CA LEU D 146 22.06 -7.76 14.48
C LEU D 146 21.41 -8.05 13.12
N GLN D 147 22.06 -7.56 12.06
CA GLN D 147 21.71 -7.90 10.67
C GLN D 147 22.96 -8.05 9.79
N TYR D 148 23.51 -9.27 9.78
CA TYR D 148 24.62 -9.74 8.92
C TYR D 148 24.77 -9.01 7.58
N THR D 149 25.99 -8.66 7.19
CA THR D 149 26.15 -8.02 5.87
C THR D 149 25.66 -8.94 4.71
N LYS D 150 26.36 -10.01 4.30
CA LYS D 150 27.72 -10.40 4.67
C LYS D 150 28.17 -11.15 3.41
N GLU D 151 29.09 -10.57 2.65
CA GLU D 151 29.15 -10.94 1.24
C GLU D 151 30.42 -10.68 0.43
N LYS D 152 30.45 -11.30 -0.76
CA LYS D 152 31.40 -11.01 -1.82
C LYS D 152 30.64 -10.37 -2.99
N PHE D 153 29.50 -9.75 -2.70
CA PHE D 153 28.56 -9.25 -3.73
C PHE D 153 29.12 -8.13 -4.61
N ASP D 154 29.47 -7.02 -3.98
CA ASP D 154 30.04 -5.85 -4.68
C ASP D 154 29.05 -5.24 -5.63
N PHE D 155 28.72 -3.98 -5.40
CA PHE D 155 27.55 -3.37 -6.01
C PHE D 155 27.83 -2.54 -7.26
N LYS D 156 28.42 -3.21 -8.25
CA LYS D 156 28.71 -2.64 -9.56
C LYS D 156 27.44 -2.40 -10.38
N PRO D 157 27.14 -1.14 -10.70
CA PRO D 157 26.05 -0.84 -11.63
C PRO D 157 26.14 -1.65 -12.92
N ILE D 158 25.20 -2.57 -13.07
CA ILE D 158 25.07 -3.38 -14.27
C ILE D 158 24.28 -2.64 -15.35
N PRO D 159 24.71 -2.76 -16.62
CA PRO D 159 23.91 -2.23 -17.74
C PRO D 159 22.63 -3.03 -17.96
N ARG D 160 22.06 -2.93 -19.16
CA ARG D 160 21.01 -3.86 -19.54
C ARG D 160 21.69 -5.16 -19.98
N ALA D 161 20.91 -6.24 -20.05
CA ALA D 161 21.39 -7.57 -20.43
C ALA D 161 20.87 -7.95 -21.82
N LEU D 162 20.62 -9.25 -22.04
CA LEU D 162 19.84 -9.77 -23.18
C LEU D 162 19.76 -11.31 -23.17
N LYS D 163 20.75 -11.94 -23.81
CA LYS D 163 20.87 -13.40 -23.98
C LYS D 163 19.82 -13.99 -24.95
N GLU D 164 19.28 -15.17 -24.62
CA GLU D 164 18.55 -16.06 -25.54
C GLU D 164 19.20 -16.05 -26.92
N THR D 165 20.51 -16.31 -26.92
CA THR D 165 21.34 -16.00 -28.08
C THR D 165 21.51 -17.14 -29.09
N SER D 166 20.75 -18.23 -28.92
CA SER D 166 20.66 -19.28 -29.93
C SER D 166 19.47 -20.20 -29.64
N LEU D 167 19.14 -21.06 -30.60
CA LEU D 167 17.98 -21.92 -30.45
C LEU D 167 18.34 -23.41 -30.41
N THR D 168 18.09 -24.02 -29.26
CA THR D 168 18.34 -25.45 -29.06
C THR D 168 17.24 -26.32 -29.70
N TYR D 169 17.27 -26.45 -31.01
CA TYR D 169 16.16 -27.04 -31.76
C TYR D 169 15.93 -28.56 -31.67
N ALA D 170 16.43 -29.22 -30.61
CA ALA D 170 16.26 -30.67 -30.43
C ALA D 170 16.81 -31.53 -31.58
N ASP D 171 17.59 -32.54 -31.24
CA ASP D 171 18.20 -33.35 -32.27
C ASP D 171 17.12 -34.20 -32.92
N GLN D 172 16.88 -34.00 -34.20
CA GLN D 172 15.77 -34.67 -34.87
C GLN D 172 16.26 -35.67 -35.93
N ASP D 173 15.62 -36.82 -36.00
CA ASP D 173 15.96 -37.81 -37.01
C ASP D 173 15.66 -37.24 -38.39
N THR D 174 16.69 -36.83 -39.11
CA THR D 174 16.51 -36.13 -40.37
C THR D 174 16.31 -37.06 -41.58
N SER D 175 15.69 -38.22 -41.33
CA SER D 175 15.45 -39.21 -42.37
C SER D 175 13.96 -39.51 -42.57
N LEU D 176 13.18 -39.35 -41.51
CA LEU D 176 11.72 -39.45 -41.56
C LEU D 176 11.12 -38.47 -42.56
N PRO D 177 9.95 -38.79 -43.14
CA PRO D 177 9.40 -37.92 -44.20
C PRO D 177 9.24 -36.49 -43.69
N LYS D 178 9.81 -35.53 -44.39
CA LYS D 178 9.77 -34.16 -43.93
C LYS D 178 8.34 -33.62 -44.01
N ALA D 179 7.86 -33.05 -42.89
CA ALA D 179 6.46 -32.62 -42.73
C ALA D 179 6.27 -31.38 -41.86
N VAL D 180 5.19 -30.63 -42.08
CA VAL D 180 4.84 -29.47 -41.25
C VAL D 180 3.53 -29.69 -40.49
N ILE D 181 3.30 -28.93 -39.42
CA ILE D 181 2.13 -29.14 -38.57
C ILE D 181 1.37 -27.84 -38.33
N CYS D 182 0.05 -27.87 -38.35
CA CYS D 182 -0.75 -26.64 -38.32
C CYS D 182 -2.03 -26.75 -37.49
N ASP D 183 -2.17 -25.88 -36.48
CA ASP D 183 -3.43 -25.73 -35.71
C ASP D 183 -4.57 -25.34 -36.66
N LEU D 184 -5.82 -25.51 -36.24
CA LEU D 184 -6.97 -25.10 -37.04
C LEU D 184 -7.56 -23.79 -36.55
N ASP D 185 -8.01 -23.80 -35.30
CA ASP D 185 -8.66 -22.62 -34.73
C ASP D 185 -7.66 -21.51 -34.46
N GLY D 186 -7.89 -20.39 -35.14
CA GLY D 186 -7.11 -19.19 -34.96
C GLY D 186 -5.86 -19.21 -35.81
N THR D 187 -5.68 -20.28 -36.56
CA THR D 187 -4.54 -20.39 -37.43
C THR D 187 -5.06 -20.48 -38.84
N LEU D 188 -5.65 -21.63 -39.17
CA LEU D 188 -6.18 -21.87 -40.50
C LEU D 188 -7.67 -21.53 -40.54
N SER D 189 -8.38 -21.80 -39.45
CA SER D 189 -9.81 -21.52 -39.37
C SER D 189 -10.09 -20.27 -38.51
N LEU D 190 -10.48 -19.20 -39.18
CA LEU D 190 -10.95 -18.01 -38.49
C LEU D 190 -12.36 -18.29 -38.05
N LEU D 191 -12.64 -18.15 -36.75
CA LEU D 191 -13.98 -18.43 -36.21
C LEU D 191 -15.09 -17.51 -36.69
N ASN D 192 -14.72 -16.30 -37.13
CA ASN D 192 -15.67 -15.25 -37.48
C ASN D 192 -16.79 -15.13 -36.45
N GLY D 193 -16.43 -15.30 -35.18
CA GLY D 193 -17.37 -15.14 -34.09
C GLY D 193 -18.12 -16.39 -33.72
N ARG D 194 -17.61 -17.55 -34.13
CA ARG D 194 -18.24 -18.83 -33.80
C ARG D 194 -18.09 -19.12 -32.29
N ASP D 195 -18.77 -20.16 -31.82
CA ASP D 195 -18.53 -20.62 -30.46
C ASP D 195 -17.31 -21.52 -30.53
N PRO D 196 -16.21 -21.13 -29.87
CA PRO D 196 -14.93 -21.85 -29.91
C PRO D 196 -14.98 -23.23 -29.25
N TYR D 197 -16.12 -23.56 -28.68
CA TYR D 197 -16.28 -24.80 -27.95
C TYR D 197 -17.28 -25.73 -28.64
N ASN D 198 -18.15 -25.11 -29.45
CA ASN D 198 -19.13 -25.80 -30.28
C ASN D 198 -18.73 -25.74 -31.76
N ALA D 199 -17.83 -26.64 -32.13
CA ALA D 199 -17.26 -26.65 -33.48
C ALA D 199 -18.19 -27.27 -34.52
N SER D 200 -19.50 -27.24 -34.28
CA SER D 200 -20.44 -27.93 -35.18
C SER D 200 -20.66 -27.11 -36.44
N THR D 201 -20.42 -25.81 -36.33
CA THR D 201 -20.68 -24.92 -37.44
C THR D 201 -19.37 -24.59 -38.18
N ALA D 202 -18.28 -25.23 -37.76
CA ALA D 202 -16.94 -24.92 -38.25
C ALA D 202 -16.77 -24.93 -39.77
N ASP D 203 -17.79 -25.39 -40.48
CA ASP D 203 -17.73 -25.47 -41.94
C ASP D 203 -18.05 -24.12 -42.57
N GLN D 204 -18.83 -23.31 -41.86
CA GLN D 204 -19.16 -21.97 -42.34
C GLN D 204 -18.15 -20.95 -41.82
N ASP D 205 -17.10 -21.45 -41.18
CA ASP D 205 -15.99 -20.61 -40.72
C ASP D 205 -15.17 -20.11 -41.91
N LEU D 206 -14.20 -19.27 -41.60
CA LEU D 206 -13.46 -18.51 -42.60
C LEU D 206 -12.01 -18.95 -42.77
N LEU D 207 -11.39 -18.58 -43.89
CA LEU D 207 -10.00 -18.98 -44.14
C LEU D 207 -9.00 -17.86 -43.87
N ASN D 208 -7.96 -18.19 -43.10
CA ASN D 208 -6.81 -17.31 -42.93
C ASN D 208 -5.83 -17.49 -44.10
N THR D 209 -6.26 -17.05 -45.26
CA THR D 209 -5.55 -17.28 -46.53
C THR D 209 -3.99 -17.39 -46.51
N PRO D 210 -3.26 -16.45 -45.86
CA PRO D 210 -1.80 -16.58 -45.83
C PRO D 210 -1.30 -17.82 -45.10
N VAL D 211 -2.01 -18.27 -44.06
CA VAL D 211 -1.69 -19.55 -43.40
C VAL D 211 -1.90 -20.67 -44.39
N ALA D 212 -2.98 -20.55 -45.14
CA ALA D 212 -3.36 -21.57 -46.10
C ALA D 212 -2.36 -21.51 -47.25
N MSE D 213 -1.89 -20.31 -47.56
CA MSE D 213 -0.91 -20.16 -48.61
C MSE D 213 0.41 -20.85 -48.26
O MSE D 213 1.14 -21.30 -49.14
CB MSE D 213 -0.71 -18.68 -48.97
CG MSE D 213 -1.76 -18.15 -49.92
SE MSE D 213 -2.15 -19.37 -51.39
CE MSE D 213 -3.31 -18.21 -52.45
N VAL D 214 0.70 -20.95 -46.97
CA VAL D 214 1.88 -21.68 -46.53
C VAL D 214 1.72 -23.18 -46.78
N LEU D 215 0.55 -23.71 -46.42
CA LEU D 215 0.27 -25.13 -46.60
C LEU D 215 0.20 -25.53 -48.09
N LYS D 216 -0.08 -24.55 -48.94
CA LYS D 216 -0.18 -24.80 -50.37
C LYS D 216 1.22 -25.11 -50.89
N MSE D 217 2.16 -24.22 -50.60
CA MSE D 217 3.52 -24.37 -51.06
C MSE D 217 4.25 -25.43 -50.24
O MSE D 217 5.23 -26.01 -50.68
CB MSE D 217 4.28 -23.04 -51.03
CG MSE D 217 4.25 -22.34 -49.68
SE MSE D 217 5.10 -20.57 -49.67
CE MSE D 217 4.85 -20.15 -47.79
N ALA D 218 3.75 -25.67 -49.02
CA ALA D 218 4.30 -26.75 -48.20
C ALA D 218 4.28 -28.05 -49.00
N LYS D 219 3.07 -28.50 -49.37
CA LYS D 219 2.86 -29.71 -50.18
C LYS D 219 3.85 -29.75 -51.34
N GLN D 220 3.79 -28.73 -52.18
CA GLN D 220 4.57 -28.68 -53.40
C GLN D 220 6.11 -28.71 -53.29
N GLN D 221 6.60 -29.35 -52.24
CA GLN D 221 8.04 -29.39 -51.96
C GLN D 221 8.56 -30.68 -51.34
N GLY D 222 7.66 -31.59 -51.03
CA GLY D 222 8.06 -32.80 -50.37
C GLY D 222 7.66 -32.74 -48.91
N TYR D 223 6.67 -31.92 -48.62
CA TYR D 223 6.18 -31.84 -47.26
C TYR D 223 4.83 -32.55 -47.14
N LYS D 224 4.67 -33.28 -46.05
CA LYS D 224 3.36 -33.81 -45.68
C LYS D 224 2.71 -32.78 -44.77
N VAL D 225 1.55 -32.26 -45.17
CA VAL D 225 0.80 -31.35 -44.31
C VAL D 225 -0.06 -32.13 -43.31
N ILE D 226 0.19 -31.92 -42.02
CA ILE D 226 -0.47 -32.64 -40.93
C ILE D 226 -1.29 -31.67 -40.13
N LEU D 227 -2.59 -31.91 -40.01
CA LEU D 227 -3.41 -31.03 -39.18
C LEU D 227 -3.53 -31.60 -37.77
N LEU D 228 -3.88 -30.74 -36.80
CA LEU D 228 -3.86 -31.14 -35.39
C LEU D 228 -4.67 -30.14 -34.57
N SER D 229 -5.80 -30.59 -34.03
CA SER D 229 -6.79 -29.69 -33.46
C SER D 229 -7.20 -29.97 -32.03
N GLY D 230 -7.98 -29.07 -31.48
CA GLY D 230 -8.51 -29.19 -30.13
C GLY D 230 -10.00 -29.41 -30.22
N ARG D 231 -10.48 -29.42 -31.45
CA ARG D 231 -11.86 -29.76 -31.75
C ARG D 231 -12.05 -31.22 -31.32
N GLU D 232 -13.06 -31.48 -30.50
CA GLU D 232 -13.37 -32.86 -30.19
C GLU D 232 -13.84 -33.57 -31.48
N ASN D 233 -13.44 -34.84 -31.64
CA ASN D 233 -13.73 -35.69 -32.82
C ASN D 233 -15.18 -35.62 -33.30
N ALA D 234 -16.09 -35.42 -32.34
CA ALA D 234 -17.50 -35.15 -32.60
C ALA D 234 -17.72 -34.15 -33.73
N TYR D 235 -16.92 -33.09 -33.75
CA TYR D 235 -17.12 -32.07 -34.76
C TYR D 235 -16.22 -32.28 -35.96
N ARG D 236 -15.92 -33.53 -36.31
CA ARG D 236 -15.01 -33.79 -37.45
C ARG D 236 -15.64 -33.60 -38.83
N GLU D 237 -16.90 -33.99 -38.97
CA GLU D 237 -17.63 -33.72 -40.20
C GLU D 237 -17.58 -32.24 -40.59
N PRO D 238 -17.99 -31.32 -39.68
CA PRO D 238 -17.96 -29.91 -40.09
C PRO D 238 -16.53 -29.37 -40.35
N THR D 239 -15.53 -30.06 -39.81
CA THR D 239 -14.14 -29.73 -40.07
C THR D 239 -13.74 -30.10 -41.50
N GLU D 240 -13.91 -31.38 -41.83
CA GLU D 240 -13.53 -31.89 -43.15
C GLU D 240 -14.24 -31.15 -44.29
N ARG D 241 -15.43 -30.61 -43.99
CA ARG D 241 -16.19 -29.81 -44.96
C ARG D 241 -15.55 -28.45 -45.18
N PHE D 242 -15.18 -27.79 -44.09
CA PHE D 242 -14.42 -26.54 -44.14
C PHE D 242 -13.14 -26.72 -44.99
N LEU D 243 -12.45 -27.84 -44.80
CA LEU D 243 -11.23 -28.14 -45.53
C LEU D 243 -11.46 -28.39 -47.02
N ALA D 244 -12.47 -29.20 -47.34
CA ALA D 244 -12.82 -29.44 -48.73
C ALA D 244 -13.26 -28.15 -49.44
N LYS D 245 -14.04 -27.33 -48.73
CA LYS D 245 -14.60 -26.10 -49.29
C LYS D 245 -13.48 -25.20 -49.78
N TYR D 246 -12.45 -25.04 -48.96
CA TYR D 246 -11.33 -24.19 -49.34
C TYR D 246 -10.22 -25.00 -50.00
N GLN D 247 -10.55 -26.24 -50.38
CA GLN D 247 -9.64 -27.15 -51.06
C GLN D 247 -8.27 -27.25 -50.38
N ILE D 248 -8.25 -27.51 -49.08
CA ILE D 248 -7.00 -27.66 -48.35
C ILE D 248 -6.49 -29.10 -48.53
N ASP D 249 -5.23 -29.25 -48.92
CA ASP D 249 -4.67 -30.59 -49.17
C ASP D 249 -3.89 -31.14 -47.98
N TYR D 250 -4.44 -32.17 -47.32
CA TYR D 250 -3.89 -32.61 -46.03
C TYR D 250 -3.81 -34.11 -45.81
N ASP D 251 -2.75 -34.53 -45.10
CA ASP D 251 -2.36 -35.94 -44.97
C ASP D 251 -2.83 -36.65 -43.69
N LEU D 252 -2.76 -35.95 -42.56
CA LEU D 252 -3.28 -36.46 -41.30
C LEU D 252 -4.29 -35.47 -40.73
N LEU D 253 -5.12 -35.93 -39.80
CA LEU D 253 -6.02 -35.02 -39.07
C LEU D 253 -6.27 -35.55 -37.68
N LEU D 254 -5.45 -35.12 -36.75
CA LEU D 254 -5.51 -35.63 -35.39
C LEU D 254 -6.33 -34.68 -34.55
N MSE D 255 -7.22 -35.22 -33.73
CA MSE D 255 -8.15 -34.40 -32.99
C MSE D 255 -8.22 -34.77 -31.53
O MSE D 255 -7.58 -35.72 -31.07
CB MSE D 255 -9.54 -34.49 -33.60
CG MSE D 255 -9.61 -34.07 -35.06
SE MSE D 255 -11.46 -33.75 -35.60
CE MSE D 255 -11.15 -32.86 -37.28
N ARG D 256 -9.06 -34.03 -30.80
CA ARG D 256 -9.31 -34.33 -29.40
C ARG D 256 -10.30 -35.48 -29.27
N ASP D 257 -10.04 -36.40 -28.34
CA ASP D 257 -10.99 -37.45 -28.02
C ASP D 257 -12.29 -36.79 -27.63
N THR D 258 -13.42 -37.25 -28.16
CA THR D 258 -14.69 -36.63 -27.83
C THR D 258 -14.89 -36.70 -26.34
N ASN D 259 -15.42 -35.63 -25.76
CA ASN D 259 -15.60 -35.60 -24.31
C ASN D 259 -14.29 -35.86 -23.54
N ASP D 260 -13.18 -35.28 -24.01
CA ASP D 260 -11.91 -35.30 -23.27
C ASP D 260 -11.82 -34.06 -22.38
N TYR D 261 -12.08 -32.90 -22.97
CA TYR D 261 -12.35 -31.66 -22.22
C TYR D 261 -11.26 -31.10 -21.31
N ARG D 262 -10.07 -31.72 -21.27
CA ARG D 262 -9.01 -31.16 -20.43
C ARG D 262 -8.07 -30.26 -21.22
N LYS D 263 -7.00 -29.81 -20.58
CA LYS D 263 -6.24 -28.66 -21.09
C LYS D 263 -5.69 -28.82 -22.52
N ASP D 264 -6.33 -28.07 -23.43
CA ASP D 264 -5.93 -27.84 -24.82
C ASP D 264 -4.43 -28.07 -25.07
N ASN D 265 -3.61 -27.44 -24.24
CA ASN D 265 -2.18 -27.62 -24.28
C ASN D 265 -1.74 -29.10 -24.22
N ILE D 266 -2.15 -29.84 -23.19
CA ILE D 266 -1.63 -31.18 -22.95
C ILE D 266 -2.10 -32.23 -23.97
N ILE D 267 -3.26 -31.96 -24.57
CA ILE D 267 -3.84 -32.83 -25.59
C ILE D 267 -2.94 -32.91 -26.81
N LYS D 268 -2.56 -31.75 -27.33
CA LYS D 268 -1.66 -31.68 -28.47
C LYS D 268 -0.33 -32.35 -28.14
N LYS D 269 0.23 -32.02 -26.96
CA LYS D 269 1.49 -32.59 -26.48
C LYS D 269 1.46 -34.08 -26.64
N GLU D 270 0.35 -34.68 -26.19
CA GLU D 270 0.12 -36.12 -26.27
C GLU D 270 0.05 -36.58 -27.72
N LEU D 271 -0.93 -36.07 -28.46
CA LEU D 271 -1.11 -36.43 -29.87
C LEU D 271 0.20 -36.43 -30.64
N PHE D 272 1.06 -35.46 -30.35
CA PHE D 272 2.37 -35.36 -31.01
C PHE D 272 3.21 -36.58 -30.67
N LEU D 273 3.37 -36.83 -29.38
CA LEU D 273 4.28 -37.87 -28.91
C LEU D 273 3.84 -39.27 -29.29
N GLU D 274 2.54 -39.41 -29.56
CA GLU D 274 1.98 -40.66 -30.06
C GLU D 274 2.11 -40.73 -31.58
N GLU D 275 1.37 -39.87 -32.28
CA GLU D 275 1.29 -39.94 -33.75
C GLU D 275 2.50 -39.43 -34.56
N ILE D 276 2.99 -38.23 -34.25
CA ILE D 276 3.96 -37.53 -35.14
C ILE D 276 5.44 -37.72 -34.76
N GLN D 277 5.69 -37.81 -33.45
CA GLN D 277 7.03 -37.95 -32.88
C GLN D 277 7.79 -39.18 -33.37
N GLY D 278 8.96 -38.96 -33.97
CA GLY D 278 9.77 -40.06 -34.44
C GLY D 278 9.16 -40.82 -35.61
N LYS D 279 8.05 -40.32 -36.15
CA LYS D 279 7.38 -40.91 -37.32
C LYS D 279 7.40 -39.95 -38.51
N TYR D 280 7.53 -38.66 -38.23
CA TYR D 280 7.77 -37.69 -39.28
C TYR D 280 8.99 -36.86 -38.90
N PHE D 281 9.38 -35.93 -39.76
CA PHE D 281 10.38 -34.94 -39.42
C PHE D 281 9.77 -33.55 -39.42
N VAL D 282 9.63 -32.97 -38.24
CA VAL D 282 9.02 -31.66 -38.07
C VAL D 282 9.94 -30.55 -38.57
N GLU D 283 9.46 -29.81 -39.56
CA GLU D 283 10.21 -28.69 -40.13
C GLU D 283 9.89 -27.39 -39.38
N PHE D 284 8.61 -27.24 -39.04
CA PHE D 284 8.08 -26.18 -38.17
C PHE D 284 6.58 -26.37 -37.86
N LEU D 285 6.04 -25.59 -36.94
CA LEU D 285 4.60 -25.65 -36.67
C LEU D 285 3.95 -24.29 -36.75
N LEU D 286 2.78 -24.21 -37.40
CA LEU D 286 1.99 -22.99 -37.36
C LEU D 286 0.93 -23.11 -36.29
N ASP D 287 0.99 -22.22 -35.30
CA ASP D 287 -0.01 -22.21 -34.24
C ASP D 287 -0.34 -20.77 -33.82
N ASP D 288 -1.23 -20.65 -32.86
CA ASP D 288 -1.83 -19.36 -32.61
C ASP D 288 -1.89 -19.06 -31.13
N ARG D 289 -2.52 -19.95 -30.38
CA ARG D 289 -2.74 -19.71 -28.96
C ARG D 289 -1.41 -19.81 -28.21
N ASN D 290 -1.19 -18.90 -27.26
CA ASN D 290 0.06 -18.87 -26.49
C ASN D 290 0.37 -20.18 -25.80
N GLN D 291 -0.54 -20.56 -24.90
CA GLN D 291 -0.45 -21.80 -24.12
C GLN D 291 0.20 -22.93 -24.89
N VAL D 292 -0.09 -23.00 -26.18
CA VAL D 292 0.41 -24.05 -27.05
C VAL D 292 1.77 -23.72 -27.61
N VAL D 293 1.92 -22.50 -28.13
CA VAL D 293 3.16 -22.11 -28.75
C VAL D 293 4.32 -22.28 -27.79
N ASP D 294 4.05 -22.02 -26.50
CA ASP D 294 5.06 -22.21 -25.48
C ASP D 294 5.44 -23.67 -25.40
N MSE D 295 4.42 -24.52 -25.34
CA MSE D 295 4.62 -25.96 -25.25
C MSE D 295 5.52 -26.42 -26.40
O MSE D 295 6.47 -27.17 -26.17
CB MSE D 295 3.28 -26.69 -25.27
CG MSE D 295 3.34 -28.19 -25.03
SE MSE D 295 3.60 -29.26 -26.67
CE MSE D 295 2.04 -28.75 -27.70
N TRP D 296 5.25 -25.95 -27.61
CA TRP D 296 6.06 -26.38 -28.75
C TRP D 296 7.51 -25.97 -28.58
N ARG D 297 7.71 -24.70 -28.24
CA ARG D 297 9.04 -24.11 -28.24
C ARG D 297 9.83 -24.46 -27.00
N ARG D 298 9.18 -24.46 -25.84
CA ARG D 298 9.96 -24.69 -24.63
C ARG D 298 9.83 -26.08 -24.00
N GLU D 299 8.90 -26.89 -24.46
CA GLU D 299 8.88 -28.26 -24.00
C GLU D 299 9.48 -29.20 -25.05
N LEU D 300 8.91 -29.21 -26.25
CA LEU D 300 9.35 -30.12 -27.30
C LEU D 300 10.49 -29.58 -28.16
N ALA D 301 10.86 -28.33 -27.89
CA ALA D 301 12.03 -27.74 -28.51
C ALA D 301 11.91 -27.73 -30.01
N LEU D 302 10.72 -27.48 -30.52
CA LEU D 302 10.53 -27.46 -31.96
C LEU D 302 10.37 -26.03 -32.45
N PRO D 303 10.62 -25.81 -33.74
CA PRO D 303 10.38 -24.48 -34.29
C PRO D 303 8.88 -24.25 -34.42
N CYS D 304 8.42 -23.09 -33.98
CA CYS D 304 7.00 -22.78 -34.06
C CYS D 304 6.72 -21.33 -34.46
N PHE D 305 6.32 -21.13 -35.71
CA PHE D 305 5.87 -19.82 -36.14
C PHE D 305 4.45 -19.59 -35.62
N GLN D 306 4.24 -18.43 -35.00
CA GLN D 306 2.95 -18.09 -34.41
C GLN D 306 2.26 -17.01 -35.24
N VAL D 307 1.31 -17.44 -36.06
CA VAL D 307 0.54 -16.51 -36.85
C VAL D 307 -0.32 -15.79 -35.86
N ASN D 308 -0.41 -14.47 -35.96
CA ASN D 308 -1.35 -13.71 -35.14
C ASN D 308 -1.38 -13.90 -33.56
N TYR D 309 -2.07 -13.01 -32.86
CA TYR D 309 -2.03 -12.95 -31.40
C TYR D 309 -2.93 -13.97 -30.72
N GLY D 310 -2.42 -14.64 -29.71
CA GLY D 310 -3.29 -15.53 -28.99
C GLY D 310 -3.05 -15.49 -27.50
N ASP D 311 -3.69 -14.57 -26.81
CA ASP D 311 -3.53 -14.52 -25.35
C ASP D 311 -4.71 -15.10 -24.56
N PHE D 312 -4.74 -16.43 -24.44
CA PHE D 312 -5.72 -17.15 -23.62
C PHE D 312 -5.29 -18.62 -23.50
N GLU E 2 7.91 26.28 -6.65
CA GLU E 2 8.59 24.98 -6.61
C GLU E 2 9.02 24.50 -8.00
N ASP E 3 10.32 24.55 -8.26
CA ASP E 3 10.86 23.83 -9.40
C ASP E 3 11.86 22.85 -8.86
N LYS E 4 11.59 21.58 -9.11
CA LYS E 4 12.39 20.53 -8.51
C LYS E 4 13.89 20.61 -8.85
N THR E 5 14.23 20.92 -10.09
CA THR E 5 15.65 20.89 -10.47
C THR E 5 16.43 22.01 -9.80
N LEU E 6 15.71 23.06 -9.40
CA LEU E 6 16.33 24.19 -8.72
C LEU E 6 16.04 24.26 -7.21
N ILE E 7 15.14 23.41 -6.72
CA ILE E 7 15.03 23.23 -5.27
C ILE E 7 16.08 22.21 -4.85
N LYS E 8 16.36 21.29 -5.76
CA LYS E 8 17.36 20.28 -5.49
C LYS E 8 18.68 21.02 -5.25
N LYS E 9 18.91 22.06 -6.06
CA LYS E 9 20.01 22.99 -5.88
C LYS E 9 20.09 23.50 -4.45
N ARG E 10 19.12 24.33 -4.08
CA ARG E 10 19.06 24.98 -2.77
C ARG E 10 19.32 24.05 -1.57
N ILE E 11 18.68 22.89 -1.58
CA ILE E 11 18.81 21.95 -0.49
C ILE E 11 20.23 21.46 -0.36
N ASP E 12 20.85 21.13 -1.48
CA ASP E 12 22.27 20.78 -1.52
C ASP E 12 23.15 21.85 -0.85
N TRP E 13 22.78 23.12 -1.01
CA TRP E 13 23.56 24.17 -0.37
C TRP E 13 23.38 24.18 1.13
N PHE E 14 22.14 24.05 1.59
CA PHE E 14 21.88 23.94 3.02
C PHE E 14 22.69 22.77 3.63
N CYS E 15 23.01 21.79 2.82
CA CYS E 15 23.70 20.64 3.35
C CYS E 15 25.17 20.94 3.26
N LYS E 16 25.62 21.38 2.10
CA LYS E 16 27.04 21.68 1.89
C LYS E 16 27.57 22.63 2.97
N ASN E 17 26.87 23.75 3.16
CA ASN E 17 27.26 24.79 4.12
C ASN E 17 27.22 24.42 5.60
N LYS E 18 26.81 23.20 5.92
CA LYS E 18 26.62 22.79 7.31
C LYS E 18 25.73 23.79 8.05
N ILE E 19 24.47 23.90 7.64
CA ILE E 19 23.50 24.70 8.40
C ILE E 19 22.62 23.71 9.17
N ASN E 20 22.33 24.04 10.43
CA ASN E 20 21.73 23.07 11.33
C ASN E 20 20.39 23.47 11.89
N ALA E 21 19.74 24.44 11.27
CA ALA E 21 18.49 25.02 11.77
C ALA E 21 18.01 26.02 10.74
N PHE E 22 16.71 26.27 10.71
CA PHE E 22 16.17 27.22 9.74
C PHE E 22 15.60 28.39 10.51
N SER E 23 14.30 28.50 10.56
CA SER E 23 13.72 29.63 11.27
C SER E 23 12.22 29.52 11.45
N PRO E 24 11.72 30.16 12.49
CA PRO E 24 10.30 30.38 12.66
C PRO E 24 9.87 31.65 11.95
N THR E 25 8.63 31.67 11.47
CA THR E 25 7.97 32.95 11.24
C THR E 25 7.50 33.33 12.61
N ILE E 26 7.02 34.54 12.78
CA ILE E 26 6.51 34.90 14.09
C ILE E 26 5.18 35.60 13.90
N SER E 27 4.16 35.13 14.61
CA SER E 27 2.84 35.76 14.48
C SER E 27 2.72 36.89 15.48
N PRO E 28 1.97 37.95 15.11
CA PRO E 28 1.84 39.04 16.07
C PRO E 28 0.94 38.57 17.20
N ALA E 29 0.83 39.39 18.24
CA ALA E 29 -0.08 39.07 19.32
C ALA E 29 -1.53 39.16 18.81
N PRO E 30 -2.38 38.19 19.21
CA PRO E 30 -3.80 38.17 18.82
C PRO E 30 -4.47 39.51 19.11
N LYS E 31 -5.56 39.81 18.38
CA LYS E 31 -6.27 41.10 18.48
C LYS E 31 -6.58 41.56 19.91
N SER E 32 -7.07 42.78 20.03
CA SER E 32 -7.86 43.19 21.19
C SER E 32 -8.80 44.25 20.64
N VAL E 33 -9.88 43.78 20.01
CA VAL E 33 -10.98 44.66 19.65
C VAL E 33 -11.33 45.44 20.93
N GLU E 34 -11.28 44.72 22.06
CA GLU E 34 -11.45 45.25 23.42
C GLU E 34 -10.60 46.49 23.77
N ARG E 35 -9.28 46.40 23.57
CA ARG E 35 -8.36 47.49 23.90
C ARG E 35 -7.92 48.31 22.70
N ASN E 36 -8.50 48.00 21.53
CA ASN E 36 -8.16 48.58 20.23
C ASN E 36 -6.67 48.57 19.83
N GLU E 37 -5.89 47.70 20.48
CA GLU E 37 -4.51 47.43 20.09
C GLU E 37 -4.47 46.22 19.15
N ILE E 38 -4.07 46.50 17.91
CA ILE E 38 -4.06 45.55 16.79
C ILE E 38 -3.12 44.36 17.06
N GLU E 39 -2.09 44.62 17.87
CA GLU E 39 -1.25 43.58 18.44
C GLU E 39 -1.23 43.80 19.95
N SER E 40 -1.94 42.92 20.66
CA SER E 40 -2.23 43.11 22.07
C SER E 40 -1.25 42.42 23.00
N LEU E 41 -0.46 43.22 23.72
CA LEU E 41 0.46 42.69 24.72
C LEU E 41 -0.30 41.79 25.65
N TYR E 42 -1.48 42.26 26.05
CA TYR E 42 -2.33 41.53 26.96
C TYR E 42 -2.81 40.20 26.34
N GLU E 43 -3.59 40.29 25.25
CA GLU E 43 -4.22 39.10 24.66
C GLU E 43 -3.21 38.09 24.12
N GLY E 44 -1.97 38.53 23.97
CA GLY E 44 -0.88 37.67 23.54
C GLY E 44 -0.19 36.93 24.67
N ILE E 45 -0.20 37.52 25.88
CA ILE E 45 0.26 36.80 27.07
C ILE E 45 -0.84 35.88 27.60
N LEU E 46 -2.08 36.38 27.60
CA LEU E 46 -3.21 35.58 28.07
C LEU E 46 -3.37 34.31 27.24
N TRP E 47 -3.01 34.38 25.95
CA TRP E 47 -3.14 33.23 25.06
C TRP E 47 -2.27 32.09 25.58
N PHE E 48 -1.14 32.45 26.16
CA PHE E 48 -0.11 31.51 26.61
C PHE E 48 -0.47 30.81 27.93
N VAL E 49 -0.88 31.59 28.92
CA VAL E 49 -1.32 31.04 30.22
C VAL E 49 -2.48 30.05 29.98
N LEU E 50 -3.37 30.40 29.03
CA LEU E 50 -4.48 29.55 28.59
C LEU E 50 -4.01 28.21 27.99
N ASN E 51 -2.72 28.12 27.67
CA ASN E 51 -2.18 26.93 27.04
C ASN E 51 -0.99 26.32 27.79
N GLY E 52 -0.74 26.84 28.97
CA GLY E 52 0.08 26.12 29.91
C GLY E 52 1.40 26.72 30.33
N VAL E 53 1.67 27.97 29.99
CA VAL E 53 2.92 28.55 30.48
C VAL E 53 2.82 29.06 31.91
N LYS E 54 3.83 28.67 32.69
CA LYS E 54 3.92 29.02 34.10
C LYS E 54 5.00 30.08 34.24
N GLU E 55 5.96 30.05 33.33
CA GLU E 55 7.00 31.07 33.27
C GLU E 55 7.22 31.56 31.84
N ILE E 56 7.13 32.88 31.64
CA ILE E 56 7.42 33.52 30.34
C ILE E 56 8.50 34.58 30.49
N VAL E 57 9.12 34.92 29.37
CA VAL E 57 10.21 35.91 29.36
C VAL E 57 9.94 37.02 28.34
N ILE E 58 10.39 38.23 28.69
CA ILE E 58 10.19 39.38 27.82
C ILE E 58 11.50 40.06 27.36
N GLU E 59 11.73 39.98 26.05
CA GLU E 59 12.91 40.53 25.38
C GLU E 59 12.42 41.73 24.57
N LYS E 60 13.27 42.74 24.39
CA LYS E 60 13.03 43.80 23.42
C LYS E 60 13.09 43.20 22.01
N LYS E 61 12.27 43.69 21.11
CA LYS E 61 12.31 43.24 19.71
C LYS E 61 13.22 44.15 18.90
N TYR E 62 14.24 43.57 18.28
CA TYR E 62 15.30 44.36 17.62
C TYR E 62 15.06 44.60 16.13
N MET E 63 15.40 45.81 15.66
CA MET E 63 15.13 46.17 14.27
C MET E 63 16.33 45.88 13.38
N GLY E 64 16.45 44.65 12.92
CA GLY E 64 17.56 44.29 12.05
C GLY E 64 17.21 43.21 11.06
N SER E 65 17.96 42.12 11.08
CA SER E 65 17.69 40.99 10.20
C SER E 65 18.05 39.68 10.92
N TYR E 66 17.21 38.67 10.80
CA TYR E 66 17.45 37.44 11.54
C TYR E 66 18.73 36.80 11.05
N CYS E 67 19.59 36.45 11.98
CA CYS E 67 20.92 35.93 11.66
C CYS E 67 21.33 34.89 12.69
N ASP E 68 21.35 33.63 12.27
CA ASP E 68 21.91 32.56 13.09
C ASP E 68 23.41 32.75 13.06
N ILE E 69 24.04 32.83 14.24
CA ILE E 69 25.49 32.96 14.31
C ILE E 69 26.07 31.60 14.61
N TYR E 70 26.95 31.11 13.75
CA TYR E 70 27.61 29.88 14.08
C TYR E 70 28.96 30.23 14.68
N LEU E 71 28.99 30.48 15.99
CA LEU E 71 30.22 30.82 16.69
C LEU E 71 31.15 29.61 16.89
N HIS E 72 32.29 29.61 16.22
CA HIS E 72 33.36 28.63 16.42
C HIS E 72 34.36 29.15 17.44
N ARG E 73 35.03 28.24 18.13
CA ARG E 73 36.04 28.66 19.07
C ARG E 73 37.10 29.46 18.33
N ARG E 74 37.53 28.98 17.17
CA ARG E 74 38.35 29.80 16.27
C ARG E 74 37.43 30.86 15.67
N LEU E 75 37.29 32.01 16.34
CA LEU E 75 36.34 33.04 15.90
C LEU E 75 36.50 33.39 14.42
N GLU E 76 37.71 33.18 13.91
CA GLU E 76 38.03 33.45 12.52
C GLU E 76 37.18 32.65 11.53
N ASP E 77 36.70 31.47 11.93
CA ASP E 77 35.89 30.65 11.01
C ASP E 77 34.39 30.44 11.38
N THR E 78 33.80 31.48 11.97
CA THR E 78 32.37 31.51 12.21
C THR E 78 31.65 31.96 10.93
N TYR E 79 30.37 31.65 10.83
CA TYR E 79 29.58 32.13 9.71
C TYR E 79 28.17 32.49 10.12
N LEU E 80 27.47 33.12 9.18
CA LEU E 80 26.18 33.70 9.45
C LEU E 80 25.18 33.15 8.46
N VAL E 81 24.11 32.52 8.94
CA VAL E 81 23.05 32.11 8.03
C VAL E 81 21.84 33.03 8.25
N SER E 82 21.04 33.24 7.19
CA SER E 82 20.02 34.30 7.20
C SER E 82 18.68 33.89 7.80
N ARG E 83 17.65 34.71 7.57
CA ARG E 83 16.28 34.38 7.98
C ARG E 83 15.86 33.01 7.45
N ASN E 84 15.99 32.82 6.15
CA ASN E 84 15.85 31.49 5.55
C ASN E 84 17.20 30.73 5.46
N GLY E 85 17.32 29.77 4.54
CA GLY E 85 18.44 28.84 4.57
C GLY E 85 19.83 29.26 4.07
N TYR E 86 20.08 30.56 3.98
CA TYR E 86 21.27 31.01 3.26
C TYR E 86 22.36 31.60 4.15
N LYS E 87 23.61 31.40 3.72
CA LYS E 87 24.74 32.12 4.30
C LYS E 87 24.73 33.59 3.88
N ILE E 88 25.06 34.47 4.81
CA ILE E 88 25.33 35.86 4.45
C ILE E 88 26.84 35.97 4.35
N ASN E 89 27.37 36.03 3.13
CA ASN E 89 28.75 36.50 2.96
C ASN E 89 28.87 37.53 1.84
N HIS E 90 28.40 38.73 2.14
CA HIS E 90 28.68 39.91 1.35
C HIS E 90 28.89 41.08 2.30
N LEU E 91 29.22 40.77 3.55
CA LEU E 91 29.59 41.79 4.50
C LEU E 91 31.07 41.71 4.72
N ASP E 92 31.63 42.78 5.28
CA ASP E 92 33.05 42.86 5.60
C ASP E 92 33.38 41.82 6.66
N GLN E 93 33.81 40.63 6.24
CA GLN E 93 33.99 39.51 7.19
C GLN E 93 35.06 39.81 8.25
N GLU E 94 35.71 40.95 8.10
CA GLU E 94 36.57 41.47 9.15
C GLU E 94 35.72 42.25 10.17
N GLN E 95 35.19 43.37 9.71
CA GLN E 95 34.31 44.25 10.48
C GLN E 95 33.20 43.49 11.23
N CYS E 96 32.78 42.36 10.65
CA CYS E 96 31.79 41.47 11.24
C CYS E 96 32.38 40.73 12.41
N LEU E 97 33.49 40.04 12.15
CA LEU E 97 34.19 39.29 13.17
C LEU E 97 34.56 40.19 14.34
N ARG E 98 34.93 41.42 14.02
CA ARG E 98 35.17 42.43 15.03
C ARG E 98 33.93 42.56 15.96
N ALA E 99 32.77 42.81 15.39
CA ALA E 99 31.56 42.97 16.21
C ALA E 99 31.19 41.71 17.00
N LEU E 100 31.58 40.55 16.47
CA LEU E 100 31.24 39.29 17.09
C LEU E 100 32.10 38.98 18.29
N GLN E 101 33.21 39.70 18.47
CA GLN E 101 34.07 39.38 19.60
C GLN E 101 33.49 39.83 20.94
N GLY E 102 32.56 40.77 20.89
CA GLY E 102 31.74 41.05 22.04
C GLY E 102 31.21 39.73 22.54
N LEU E 103 30.37 39.11 21.73
CA LEU E 103 29.82 37.81 22.02
C LEU E 103 30.86 36.73 22.41
N HIS E 104 31.89 36.54 21.60
CA HIS E 104 32.82 35.41 21.77
C HIS E 104 33.51 35.40 23.13
N ASP E 105 33.93 36.58 23.60
CA ASP E 105 34.70 36.72 24.83
C ASP E 105 33.86 36.51 26.08
N ARG E 106 32.54 36.32 25.92
CA ARG E 106 31.64 36.07 27.05
C ARG E 106 31.55 34.61 27.41
N PHE E 107 32.30 33.78 26.70
CA PHE E 107 32.21 32.35 26.93
C PHE E 107 33.49 31.69 27.35
N SER E 108 33.42 30.37 27.44
CA SER E 108 34.58 29.56 27.74
C SER E 108 34.54 28.45 26.71
N TRP E 109 35.62 28.29 25.96
CA TRP E 109 35.64 27.37 24.84
C TRP E 109 36.61 26.21 25.00
N ASP E 110 36.97 25.89 26.24
CA ASP E 110 37.69 24.64 26.46
C ASP E 110 36.69 23.53 26.19
N GLY E 111 36.98 22.73 25.17
CA GLY E 111 36.17 21.57 24.85
C GLY E 111 34.83 21.85 24.20
N VAL E 112 34.54 23.12 23.97
CA VAL E 112 33.38 23.56 23.20
C VAL E 112 33.88 24.06 21.85
N GLU E 113 33.39 23.49 20.75
CA GLU E 113 33.92 23.86 19.43
C GLU E 113 33.02 24.80 18.61
N LEU E 114 31.71 24.76 18.88
CA LEU E 114 30.76 25.62 18.18
C LEU E 114 29.62 25.97 19.11
N ARG E 115 29.04 27.15 18.90
CA ARG E 115 27.86 27.56 19.65
C ARG E 115 26.87 28.29 18.73
N ILE E 116 25.84 27.59 18.29
CA ILE E 116 24.82 28.18 17.42
C ILE E 116 23.85 29.12 18.16
N ILE E 117 23.96 30.40 17.87
CA ILE E 117 23.25 31.46 18.57
C ILE E 117 22.42 32.33 17.62
N GLN E 118 21.11 32.45 17.87
CA GLN E 118 20.27 33.29 17.02
C GLN E 118 20.23 34.73 17.53
N SER E 119 20.39 35.66 16.60
CA SER E 119 20.56 37.08 16.92
C SER E 119 19.93 37.98 15.89
N GLU E 120 19.90 39.27 16.19
CA GLU E 120 19.56 40.28 15.18
C GLU E 120 20.83 40.98 14.69
N LEU E 121 21.10 40.85 13.39
CA LEU E 121 22.21 41.58 12.79
C LEU E 121 21.77 43.02 12.51
N MET E 122 22.54 43.96 13.06
CA MET E 122 22.11 45.33 13.13
C MET E 122 22.99 46.19 12.26
N PRO E 123 22.48 47.35 11.83
CA PRO E 123 21.09 47.74 11.98
C PRO E 123 20.33 47.32 10.75
N TRP E 124 19.19 47.97 10.57
CA TRP E 124 18.27 47.60 9.52
C TRP E 124 18.95 47.62 8.17
N SER E 125 19.70 48.69 7.90
CA SER E 125 20.19 48.96 6.56
C SER E 125 21.43 48.16 6.14
N ILE E 126 21.97 47.30 7.01
CA ILE E 126 23.09 46.44 6.62
C ILE E 126 22.72 45.56 5.42
N LEU E 127 21.44 45.16 5.33
CA LEU E 127 20.97 44.40 4.17
C LEU E 127 19.70 45.02 3.62
N GLY E 128 19.11 45.93 4.39
CA GLY E 128 17.81 46.47 4.07
C GLY E 128 17.78 47.86 3.46
N LYS E 129 18.90 48.58 3.48
CA LYS E 129 18.99 49.88 2.79
C LYS E 129 18.64 49.65 1.33
N GLY E 130 18.08 50.66 0.67
CA GLY E 130 17.66 50.48 -0.71
C GLY E 130 16.25 49.94 -0.80
N LEU E 131 15.95 48.93 0.00
CA LEU E 131 14.57 48.66 0.30
C LEU E 131 14.13 49.85 1.14
N ILE E 132 15.03 50.37 1.97
CA ILE E 132 14.81 51.64 2.63
C ILE E 132 14.74 52.80 1.64
N ASN E 133 15.69 52.87 0.72
CA ASN E 133 15.66 53.95 -0.26
C ASN E 133 14.43 53.88 -1.17
N ASN E 134 14.29 52.75 -1.85
CA ASN E 134 13.36 52.60 -2.98
C ASN E 134 11.87 52.62 -2.61
N GLU E 135 11.56 51.98 -1.49
CA GLU E 135 10.21 51.88 -1.03
C GLU E 135 9.98 52.91 0.05
N PHE E 136 10.54 52.68 1.23
CA PHE E 136 10.20 53.49 2.41
C PHE E 136 10.44 55.02 2.31
N SER E 137 11.64 55.44 1.93
CA SER E 137 11.90 56.87 1.77
C SER E 137 11.11 57.48 0.61
N ALA E 138 10.63 56.63 -0.29
CA ALA E 138 9.90 57.11 -1.45
C ALA E 138 8.45 57.34 -1.09
N TYR E 139 7.91 56.47 -0.25
CA TYR E 139 6.57 56.67 0.28
C TYR E 139 6.64 58.02 1.01
N TYR E 140 7.59 58.13 1.94
CA TYR E 140 7.73 59.35 2.76
C TYR E 140 7.72 60.61 1.92
N ILE E 141 8.73 60.75 1.06
CA ILE E 141 8.90 61.92 0.23
C ILE E 141 7.64 62.26 -0.59
N SER E 142 6.99 61.26 -1.20
CA SER E 142 5.78 61.49 -1.99
C SER E 142 4.79 62.24 -1.15
N HIS E 143 4.41 61.63 -0.02
CA HIS E 143 3.42 62.21 0.86
C HIS E 143 3.81 63.57 1.36
N GLU E 144 5.09 63.71 1.69
CA GLU E 144 5.61 64.97 2.18
C GLU E 144 5.56 66.03 1.08
N ILE E 145 5.90 65.66 -0.15
CA ILE E 145 5.78 66.57 -1.30
C ILE E 145 4.33 66.98 -1.51
N HIS E 146 3.46 65.98 -1.44
CA HIS E 146 2.05 66.16 -1.67
C HIS E 146 1.52 67.15 -0.64
N ALA E 147 1.91 66.96 0.62
CA ALA E 147 1.47 67.84 1.69
C ALA E 147 1.98 69.27 1.54
N GLU E 148 3.20 69.42 1.04
CA GLU E 148 3.73 70.74 0.76
C GLU E 148 2.77 71.42 -0.21
N TYR E 149 2.50 70.74 -1.31
CA TYR E 149 1.63 71.34 -2.31
C TYR E 149 0.32 71.85 -1.71
N LEU E 150 -0.46 70.94 -1.13
CA LEU E 150 -1.72 71.31 -0.49
C LEU E 150 -1.64 72.54 0.44
N VAL E 151 -0.52 72.68 1.14
CA VAL E 151 -0.36 73.80 2.06
C VAL E 151 -0.04 75.12 1.34
N GLN E 152 0.90 75.08 0.39
CA GLN E 152 1.28 76.25 -0.37
C GLN E 152 0.18 76.66 -1.37
N SER E 153 -0.51 75.67 -1.94
CA SER E 153 -1.44 75.90 -3.05
C SER E 153 -2.81 76.43 -2.64
N SER E 154 -3.34 77.36 -3.43
CA SER E 154 -4.67 77.90 -3.22
C SER E 154 -5.79 76.86 -3.33
N LEU E 155 -5.42 75.62 -3.67
CA LEU E 155 -6.41 74.60 -3.97
C LEU E 155 -7.47 74.47 -2.88
N TYR E 156 -7.16 73.77 -1.78
CA TYR E 156 -8.14 73.57 -0.70
C TYR E 156 -9.01 74.80 -0.44
N GLU E 157 -8.48 75.98 -0.70
CA GLU E 157 -9.22 77.21 -0.44
C GLU E 157 -10.41 77.38 -1.40
N LYS E 158 -10.11 77.44 -2.69
CA LYS E 158 -11.12 77.60 -3.73
C LYS E 158 -12.20 76.54 -3.62
N LEU E 159 -11.80 75.31 -3.33
CA LEU E 159 -12.79 74.24 -3.19
C LEU E 159 -13.75 74.63 -2.11
N GLN E 160 -13.24 75.11 -1.00
CA GLN E 160 -14.10 75.38 0.14
C GLN E 160 -15.06 76.53 -0.12
N LYS E 161 -14.68 77.41 -1.04
CA LYS E 161 -15.49 78.58 -1.40
C LYS E 161 -16.67 78.15 -2.27
N ILE E 162 -16.40 77.25 -3.20
CA ILE E 162 -17.41 76.70 -4.10
C ILE E 162 -18.39 75.92 -3.25
N GLN E 163 -17.88 74.94 -2.51
CA GLN E 163 -18.68 74.15 -1.58
C GLN E 163 -19.62 74.99 -0.69
N GLN E 164 -19.56 76.32 -0.80
CA GLN E 164 -20.42 77.19 -0.02
C GLN E 164 -21.51 77.83 -0.85
N GLU E 165 -21.18 78.20 -2.09
CA GLU E 165 -22.12 78.81 -3.03
C GLU E 165 -23.48 78.08 -3.09
N PRO E 166 -24.54 78.80 -3.51
CA PRO E 166 -25.88 78.20 -3.45
C PRO E 166 -26.15 77.26 -4.64
N ALA E 167 -25.44 77.47 -5.77
CA ALA E 167 -25.53 76.59 -6.93
C ALA E 167 -25.27 75.15 -6.52
N TYR E 168 -24.03 74.88 -6.12
CA TYR E 168 -23.69 73.70 -5.35
C TYR E 168 -24.60 73.64 -4.10
N LEU E 169 -24.64 72.49 -3.42
CA LEU E 169 -25.45 72.26 -2.20
C LEU E 169 -26.87 71.97 -2.62
N SER E 170 -27.41 72.85 -3.47
CA SER E 170 -28.66 72.60 -4.17
C SER E 170 -28.48 71.24 -4.83
N PHE E 171 -27.39 71.14 -5.58
CA PHE E 171 -27.00 69.89 -6.19
C PHE E 171 -26.87 68.75 -5.19
N VAL E 172 -26.09 68.93 -4.16
CA VAL E 172 -25.82 67.82 -3.26
C VAL E 172 -27.02 67.37 -2.40
N ALA E 173 -28.07 68.19 -2.35
CA ALA E 173 -29.29 67.82 -1.66
C ALA E 173 -30.24 67.08 -2.59
N ASP E 174 -30.70 67.78 -3.63
CA ASP E 174 -31.57 67.15 -4.63
C ASP E 174 -30.77 66.18 -5.54
N ALA E 175 -30.16 65.19 -4.91
CA ALA E 175 -29.31 64.20 -5.57
C ALA E 175 -28.90 63.24 -4.51
N LYS E 176 -29.10 63.65 -3.27
CA LYS E 176 -28.84 62.76 -2.16
C LYS E 176 -30.12 61.98 -1.95
N VAL E 177 -31.19 62.49 -2.58
CA VAL E 177 -32.53 61.97 -2.33
C VAL E 177 -33.17 61.42 -3.61
N LEU E 178 -32.87 62.02 -4.76
CA LEU E 178 -33.29 61.43 -6.02
C LEU E 178 -32.12 60.65 -6.63
N SER E 179 -32.40 59.42 -7.08
CA SER E 179 -31.38 58.43 -7.41
C SER E 179 -31.07 58.31 -8.92
N ALA E 180 -29.86 58.75 -9.31
CA ALA E 180 -29.38 58.76 -10.70
C ALA E 180 -30.44 59.20 -11.73
N LYS E 181 -31.26 60.16 -11.34
CA LYS E 181 -32.54 60.29 -12.01
C LYS E 181 -32.57 61.15 -13.22
N GLU E 182 -33.79 61.20 -13.74
CA GLU E 182 -34.43 62.31 -14.48
C GLU E 182 -34.35 62.44 -16.03
N LEU E 183 -33.34 63.04 -16.66
CA LEU E 183 -32.03 63.37 -16.13
C LEU E 183 -32.01 64.57 -15.22
N LYS E 184 -31.14 64.41 -14.22
CA LYS E 184 -30.76 65.45 -13.30
C LYS E 184 -30.48 66.71 -14.10
N ASP E 185 -31.55 67.41 -14.49
CA ASP E 185 -31.43 68.45 -15.53
C ASP E 185 -30.56 69.66 -15.21
N LYS E 186 -29.72 69.47 -14.21
CA LYS E 186 -28.42 70.11 -14.10
C LYS E 186 -27.76 69.85 -15.46
N TYR E 187 -27.32 70.91 -16.14
CA TYR E 187 -26.72 70.84 -17.47
C TYR E 187 -25.84 69.61 -17.62
N PRO E 188 -26.03 68.86 -18.71
CA PRO E 188 -25.39 67.55 -18.96
C PRO E 188 -24.02 67.62 -19.62
N MET E 189 -23.04 66.91 -19.07
CA MET E 189 -23.14 66.40 -17.69
C MET E 189 -22.55 67.55 -16.91
N HIS E 190 -21.58 68.20 -17.57
CA HIS E 190 -21.21 69.61 -17.40
C HIS E 190 -21.18 70.09 -15.96
N ILE E 191 -22.31 69.97 -15.29
CA ILE E 191 -22.46 70.30 -13.89
C ILE E 191 -22.40 68.99 -13.10
N ILE E 192 -23.20 68.00 -13.49
CA ILE E 192 -23.29 66.75 -12.74
C ILE E 192 -21.92 66.15 -12.51
N ARG E 193 -21.02 66.42 -13.44
CA ARG E 193 -19.63 66.03 -13.29
C ARG E 193 -18.95 66.83 -12.18
N GLN E 194 -18.84 68.13 -12.44
CA GLN E 194 -18.12 69.08 -11.58
C GLN E 194 -18.52 69.07 -10.12
N TYR E 195 -19.77 69.39 -9.81
CA TYR E 195 -20.20 69.39 -8.40
C TYR E 195 -20.16 68.00 -7.80
N GLN E 196 -20.07 66.97 -8.63
CA GLN E 196 -20.03 65.65 -8.04
C GLN E 196 -18.60 65.35 -7.68
N SER E 197 -17.66 65.91 -8.43
CA SER E 197 -16.25 65.59 -8.26
C SER E 197 -15.68 66.31 -7.06
N ILE E 198 -16.02 67.58 -6.96
CA ILE E 198 -15.92 68.32 -5.71
C ILE E 198 -16.87 67.59 -4.79
N ARG E 199 -16.77 67.81 -3.48
CA ARG E 199 -17.60 67.09 -2.50
C ARG E 199 -17.11 65.65 -2.29
N ASP E 200 -16.88 64.93 -3.39
CA ASP E 200 -16.28 63.61 -3.29
C ASP E 200 -14.75 63.73 -3.22
N PHE E 201 -14.28 64.98 -3.15
CA PHE E 201 -12.85 65.26 -3.04
C PHE E 201 -12.43 64.97 -1.62
N LYS E 202 -11.33 64.24 -1.44
CA LYS E 202 -10.89 63.95 -0.08
C LYS E 202 -10.00 65.07 0.49
N PHE E 203 -10.61 65.93 1.30
CA PHE E 203 -9.85 66.91 2.05
C PHE E 203 -9.00 66.17 3.08
N LEU E 204 -8.06 66.88 3.70
CA LEU E 204 -7.18 66.28 4.70
C LEU E 204 -6.88 67.31 5.77
N ASP E 205 -6.92 66.90 7.04
CA ASP E 205 -6.50 67.80 8.12
C ASP E 205 -5.02 68.08 7.93
N LEU E 206 -4.73 69.08 7.10
CA LEU E 206 -3.37 69.33 6.65
C LEU E 206 -2.30 69.31 7.73
N PRO E 207 -2.54 70.01 8.87
CA PRO E 207 -1.57 69.86 9.97
C PRO E 207 -1.43 68.41 10.42
N HIS E 208 -2.56 67.76 10.71
CA HIS E 208 -2.58 66.36 11.12
C HIS E 208 -1.99 65.45 10.03
N TYR E 209 -2.13 65.87 8.78
CA TYR E 209 -1.54 65.09 7.71
C TYR E 209 -0.03 65.20 7.79
N GLN E 210 0.44 66.39 8.16
CA GLN E 210 1.86 66.62 8.29
C GLN E 210 2.40 65.88 9.51
N GLN E 211 1.79 66.08 10.69
CA GLN E 211 2.24 65.41 11.94
C GLN E 211 2.41 63.92 11.66
N ASN E 212 1.41 63.35 10.98
CA ASN E 212 1.45 61.97 10.54
C ASN E 212 2.66 61.64 9.62
N ILE E 213 2.88 62.49 8.64
CA ILE E 213 4.01 62.31 7.76
C ILE E 213 5.31 62.36 8.57
N GLN E 214 5.36 63.27 9.54
CA GLN E 214 6.58 63.50 10.35
C GLN E 214 6.89 62.34 11.31
N LEU E 215 5.85 61.73 11.86
CA LEU E 215 6.00 60.52 12.66
C LEU E 215 6.62 59.40 11.81
N PHE E 216 6.17 59.29 10.57
CA PHE E 216 6.74 58.32 9.64
C PHE E 216 8.22 58.61 9.49
N LYS E 217 8.55 59.89 9.35
CA LYS E 217 9.93 60.34 9.19
C LYS E 217 10.77 60.02 10.40
N ARG E 218 10.28 60.40 11.58
CA ARG E 218 10.94 60.14 12.86
C ARG E 218 11.27 58.67 13.06
N GLN E 219 10.32 57.81 12.73
CA GLN E 219 10.51 56.37 12.86
C GLN E 219 11.60 55.95 11.89
N LEU E 220 11.45 56.36 10.64
CA LEU E 220 12.37 55.96 9.58
C LEU E 220 13.77 56.44 9.90
N ASP E 221 13.86 57.55 10.62
CA ASP E 221 15.15 58.12 11.03
C ASP E 221 15.86 57.32 12.12
N ILE E 222 15.10 56.75 13.05
CA ILE E 222 15.68 55.92 14.10
C ILE E 222 16.24 54.60 13.54
N PHE E 223 15.33 53.71 13.17
CA PHE E 223 15.67 52.39 12.68
C PHE E 223 16.41 52.38 11.33
N GLY E 224 16.11 53.37 10.50
CA GLY E 224 16.52 53.30 9.11
C GLY E 224 17.84 53.91 8.79
N LYS E 225 18.49 54.53 9.79
CA LYS E 225 19.76 55.21 9.50
C LYS E 225 20.96 54.29 9.62
N GLU E 226 21.99 54.58 8.82
CA GLU E 226 23.17 53.76 8.68
C GLU E 226 24.17 53.94 9.83
N ALA E 227 25.02 52.97 10.23
CA ALA E 227 25.11 51.51 9.96
C ALA E 227 26.56 51.06 10.10
N ALA E 228 27.03 50.85 11.31
CA ALA E 228 28.24 50.07 11.47
C ALA E 228 27.81 48.77 12.12
N PRO E 229 28.02 47.63 11.43
CA PRO E 229 27.50 46.31 11.81
C PRO E 229 27.71 45.94 13.28
N PHE E 230 26.67 45.42 13.90
CA PHE E 230 26.77 44.89 15.24
C PHE E 230 25.63 43.92 15.56
N PHE E 231 25.78 43.21 16.68
CA PHE E 231 24.90 42.11 16.96
C PHE E 231 24.16 42.23 18.29
N LYS E 232 22.89 41.86 18.23
CA LYS E 232 22.04 41.77 19.40
C LYS E 232 21.58 40.32 19.55
N PRO E 233 22.46 39.45 20.06
CA PRO E 233 22.18 38.03 20.28
C PRO E 233 21.01 37.82 21.25
N PHE E 234 20.14 36.84 21.04
CA PHE E 234 19.00 36.68 21.96
C PHE E 234 18.64 35.27 22.41
N ASN E 235 19.02 34.25 21.64
CA ASN E 235 18.79 32.89 22.08
C ASN E 235 19.93 31.97 21.65
N ILE E 236 20.40 31.12 22.55
CA ILE E 236 21.33 30.04 22.20
C ILE E 236 20.57 28.78 21.80
N LEU E 237 20.66 28.42 20.53
CA LEU E 237 19.92 27.25 20.05
C LEU E 237 20.55 25.96 20.56
N LYS E 238 21.86 25.80 20.36
CA LYS E 238 22.61 24.69 20.98
C LYS E 238 24.13 24.90 21.05
N GLU E 239 24.77 24.21 22.00
CA GLU E 239 26.22 24.23 22.18
C GLU E 239 26.83 22.92 21.65
N VAL E 240 27.89 23.00 20.84
CA VAL E 240 28.53 21.80 20.29
C VAL E 240 29.94 21.57 20.81
N TYR E 241 30.10 20.55 21.63
CA TYR E 241 31.37 20.22 22.28
C TYR E 241 32.37 19.57 21.33
N THR E 242 33.66 19.65 21.67
CA THR E 242 34.68 18.94 20.88
C THR E 242 34.47 17.44 21.04
N ASP E 243 34.13 17.02 22.25
CA ASP E 243 33.99 15.59 22.56
C ASP E 243 32.74 14.90 21.97
N GLY E 244 32.44 15.20 20.71
CA GLY E 244 31.29 14.63 20.02
C GLY E 244 29.93 15.14 20.48
N ARG E 245 29.68 15.11 21.79
CA ARG E 245 28.35 15.42 22.35
C ARG E 245 27.89 16.86 22.11
N GLU E 246 26.58 17.06 22.14
CA GLU E 246 25.94 18.35 21.96
C GLU E 246 24.96 18.62 23.11
N HIS E 247 24.60 19.89 23.31
CA HIS E 247 23.68 20.28 24.38
C HIS E 247 22.54 21.08 23.76
N PHE E 248 21.34 20.51 23.72
CA PHE E 248 20.19 21.25 23.21
C PHE E 248 19.69 22.17 24.33
N VAL E 249 20.03 23.45 24.22
CA VAL E 249 19.74 24.47 25.23
C VAL E 249 18.27 24.52 25.67
N ASN E 250 17.38 24.71 24.70
CA ASN E 250 15.95 24.85 24.94
C ASN E 250 15.59 25.82 26.05
N ASP E 251 16.26 26.97 26.07
CA ASP E 251 15.97 27.96 27.09
C ASP E 251 16.19 29.34 26.48
N ASN E 252 15.12 30.13 26.46
CA ASN E 252 15.17 31.49 25.97
C ASN E 252 15.84 32.43 26.97
N LEU E 253 15.95 31.98 28.21
CA LEU E 253 16.59 32.78 29.24
C LEU E 253 18.10 32.78 29.05
N SER E 254 18.58 31.96 28.11
CA SER E 254 20.00 31.94 27.71
C SER E 254 20.48 33.36 27.47
N PHE E 255 19.56 34.12 26.89
CA PHE E 255 19.63 35.56 26.65
C PHE E 255 20.61 36.32 27.53
N GLN E 256 20.37 36.35 28.84
CA GLN E 256 21.18 37.18 29.73
C GLN E 256 22.64 36.75 29.80
N GLN E 257 22.96 35.62 29.17
CA GLN E 257 24.36 35.18 29.06
C GLN E 257 24.99 35.59 27.72
N ILE E 258 24.38 35.21 26.60
CA ILE E 258 24.86 35.66 25.29
C ILE E 258 24.49 37.10 25.10
N ASN E 259 25.40 37.96 25.49
CA ASN E 259 25.20 39.38 25.33
C ASN E 259 23.87 39.81 25.95
N ASP E 260 23.44 40.99 25.55
CA ASP E 260 22.19 41.55 25.96
C ASP E 260 22.14 41.59 27.46
N ASP E 261 22.93 42.50 27.97
CA ASP E 261 22.82 42.96 29.33
C ASP E 261 21.71 44.01 29.30
N ASP E 262 21.15 44.18 28.11
CA ASP E 262 19.89 44.89 27.90
C ASP E 262 18.80 44.26 28.76
N PHE E 263 18.03 45.12 29.43
CA PHE E 263 16.96 44.69 30.31
C PHE E 263 15.97 43.78 29.57
N LEU E 264 15.89 42.53 30.00
CA LEU E 264 14.80 41.64 29.62
C LEU E 264 13.89 41.68 30.83
N HIS E 265 12.89 40.79 30.88
CA HIS E 265 12.36 40.34 32.17
C HIS E 265 11.61 39.02 32.17
N TYR E 266 11.31 38.57 33.39
CA TYR E 266 11.00 37.18 33.70
C TYR E 266 9.88 37.08 34.74
N GLN E 267 8.68 36.66 34.31
CA GLN E 267 7.53 36.59 35.21
C GLN E 267 6.87 35.18 35.28
N PHE E 268 6.35 34.82 36.45
CA PHE E 268 5.73 33.51 36.68
C PHE E 268 4.19 33.52 36.68
N THR E 269 3.61 34.20 35.71
CA THR E 269 2.16 34.39 35.66
C THR E 269 1.39 33.11 35.27
N ASP E 270 1.13 32.25 36.27
CA ASP E 270 0.34 31.00 36.06
C ASP E 270 -1.05 30.94 36.75
N ARG E 271 -2.06 30.74 35.91
CA ARG E 271 -3.45 30.61 36.32
C ARG E 271 -4.06 31.88 36.91
N GLU E 272 -4.10 32.90 36.05
CA GLU E 272 -4.75 34.18 36.32
C GLU E 272 -4.63 34.79 37.73
N ASP E 273 -3.45 34.65 38.35
CA ASP E 273 -3.02 35.57 39.40
C ASP E 273 -2.43 36.76 38.64
N PHE E 274 -2.09 36.47 37.39
CA PHE E 274 -2.00 37.43 36.31
C PHE E 274 -3.36 38.17 36.24
N GLU E 275 -3.41 39.28 35.50
CA GLU E 275 -4.45 40.34 35.58
C GLU E 275 -4.11 41.30 36.70
N ALA E 276 -3.70 40.74 37.83
CA ALA E 276 -3.16 41.51 38.94
C ALA E 276 -1.67 41.66 38.69
N LYS E 277 -1.15 40.81 37.82
CA LYS E 277 0.26 40.83 37.41
C LYS E 277 0.48 41.65 36.13
N TYR E 278 -0.54 41.75 35.28
CA TYR E 278 -0.42 42.52 34.04
C TYR E 278 0.01 43.99 34.12
N PRO E 279 -0.42 44.74 35.16
CA PRO E 279 -0.07 46.17 35.19
C PRO E 279 1.41 46.53 35.29
N GLN E 280 2.26 45.62 35.76
CA GLN E 280 3.69 45.94 35.91
C GLN E 280 4.46 45.67 34.61
N ILE E 281 4.11 44.57 33.94
CA ILE E 281 4.68 44.19 32.64
C ILE E 281 4.37 45.23 31.57
N ARG E 282 3.13 45.72 31.59
CA ARG E 282 2.69 46.78 30.69
C ARG E 282 3.37 48.10 31.04
N ALA E 283 3.60 48.35 32.33
CA ALA E 283 4.23 49.60 32.77
C ALA E 283 5.66 49.80 32.25
N TRP E 284 6.38 48.69 32.09
CA TRP E 284 7.77 48.70 31.65
C TRP E 284 7.90 48.72 30.12
N VAL E 285 7.09 47.91 29.44
CA VAL E 285 7.00 47.94 27.98
C VAL E 285 6.72 49.34 27.43
N ASP E 286 5.92 50.13 28.14
CA ASP E 286 5.63 51.49 27.71
C ASP E 286 6.82 52.41 27.95
N GLN E 287 7.70 52.02 28.87
CA GLN E 287 9.00 52.67 28.96
C GLN E 287 9.76 52.36 27.67
N VAL E 288 9.70 51.09 27.24
CA VAL E 288 10.41 50.62 26.04
C VAL E 288 9.98 51.37 24.79
N ASN E 289 8.69 51.59 24.63
CA ASN E 289 8.17 52.27 23.45
C ASN E 289 8.52 53.74 23.38
N GLN E 290 8.43 54.43 24.52
CA GLN E 290 8.91 55.80 24.61
C GLN E 290 10.41 55.84 24.31
N SER E 291 11.07 54.72 24.60
CA SER E 291 12.52 54.59 24.48
C SER E 291 12.98 54.16 23.07
N ASP E 292 12.16 54.50 22.06
CA ASP E 292 12.56 54.39 20.63
C ASP E 292 12.78 52.98 20.03
N GLU E 293 12.07 51.98 20.52
CA GLU E 293 12.29 50.61 20.07
C GLU E 293 11.17 50.15 19.16
N GLU E 294 11.38 49.04 18.45
CA GLU E 294 10.36 48.53 17.53
C GLU E 294 9.15 48.09 18.31
N GLY E 295 9.39 47.48 19.46
CA GLY E 295 8.33 46.88 20.22
C GLY E 295 8.87 45.81 21.14
N VAL E 296 8.10 44.73 21.33
CA VAL E 296 8.47 43.70 22.29
C VAL E 296 8.05 42.31 21.82
N VAL E 297 8.84 41.31 22.19
CA VAL E 297 8.50 39.92 21.90
C VAL E 297 8.32 39.13 23.20
N ILE E 298 7.30 38.26 23.19
CA ILE E 298 7.03 37.37 24.31
C ILE E 298 7.15 35.89 23.90
N LYS E 299 7.86 35.13 24.72
CA LYS E 299 8.18 33.72 24.46
C LYS E 299 7.98 32.89 25.72
N PRO E 300 7.55 31.62 25.55
CA PRO E 300 7.58 30.68 26.69
C PRO E 300 9.03 30.51 27.17
N ARG E 301 9.26 30.51 28.48
CA ARG E 301 10.63 30.47 29.01
C ARG E 301 11.47 29.35 28.42
N THR E 302 10.89 28.19 28.21
CA THR E 302 11.64 27.17 27.50
C THR E 302 11.30 27.23 26.02
N ALA E 303 12.35 27.28 25.21
CA ALA E 303 12.26 27.65 23.80
C ALA E 303 11.23 26.86 23.01
N PHE E 304 11.25 25.54 23.16
CA PHE E 304 10.34 24.69 22.40
C PHE E 304 9.34 23.96 23.30
N LEU E 305 8.07 24.04 22.93
CA LEU E 305 7.01 23.33 23.63
C LEU E 305 6.22 22.80 22.47
N PRO E 306 5.74 21.55 22.58
CA PRO E 306 5.11 20.92 21.41
C PRO E 306 3.73 21.51 21.17
N GLY E 307 3.35 21.64 19.89
CA GLY E 307 2.09 22.24 19.49
C GLY E 307 2.00 23.74 19.72
N MET E 308 3.14 24.36 19.99
CA MET E 308 3.23 25.79 20.35
C MET E 308 3.91 26.70 19.31
N PRO E 309 3.55 27.99 19.31
CA PRO E 309 4.35 28.96 18.58
C PRO E 309 5.54 29.32 19.44
N PRO E 310 6.64 29.74 18.81
CA PRO E 310 7.85 30.15 19.55
C PRO E 310 7.66 31.49 20.20
N ALA E 311 6.83 32.35 19.60
CA ALA E 311 6.68 33.69 20.14
C ALA E 311 5.51 34.49 19.58
N PHE E 312 5.24 35.60 20.27
CA PHE E 312 4.34 36.64 19.79
C PHE E 312 5.05 38.01 19.76
N LYS E 313 4.79 38.78 18.71
CA LYS E 313 5.38 40.10 18.62
C LYS E 313 4.37 41.19 18.98
N VAL E 314 4.85 42.25 19.62
CA VAL E 314 4.04 43.44 19.79
C VAL E 314 4.73 44.71 19.29
N ARG E 315 4.50 44.99 18.02
CA ARG E 315 5.04 46.19 17.40
C ARG E 315 4.17 47.34 17.86
N ASN E 316 4.78 48.36 18.47
CA ASN E 316 3.97 49.51 18.87
C ASN E 316 3.34 50.21 17.67
N ASN E 317 2.40 51.09 17.99
CA ASN E 317 1.60 51.71 16.95
C ASN E 317 2.41 52.75 16.17
N ASP E 318 3.33 53.43 16.85
CA ASP E 318 4.27 54.34 16.21
C ASP E 318 5.09 53.63 15.11
N TYR E 319 5.75 52.52 15.46
CA TYR E 319 6.49 51.73 14.48
C TYR E 319 5.58 51.25 13.36
N LEU E 320 4.34 50.89 13.71
CA LEU E 320 3.42 50.30 12.74
C LEU E 320 3.04 51.23 11.59
N THR E 321 3.28 52.52 11.77
CA THR E 321 3.05 53.48 10.70
C THR E 321 4.08 53.32 9.59
N LEU E 322 5.12 52.53 9.83
CA LEU E 322 6.11 52.22 8.77
C LEU E 322 5.51 51.11 7.93
N VAL E 323 4.70 50.29 8.59
CA VAL E 323 4.10 49.09 8.00
C VAL E 323 2.84 49.41 7.23
N TYR E 324 1.98 50.20 7.87
CA TYR E 324 0.73 50.67 7.30
C TYR E 324 1.02 52.09 6.89
N GLY E 325 0.06 52.78 6.29
CA GLY E 325 0.31 54.14 5.81
C GLY E 325 0.69 55.16 6.88
N VAL E 326 0.68 56.44 6.52
CA VAL E 326 0.84 57.49 7.53
C VAL E 326 -0.44 57.59 8.39
N ASP E 327 -1.52 57.03 7.85
CA ASP E 327 -2.83 57.10 8.49
C ASP E 327 -3.27 55.78 9.14
N PHE E 328 -2.32 55.06 9.74
CA PHE E 328 -2.66 53.91 10.57
C PHE E 328 -3.31 54.40 11.84
N GLU E 329 -2.71 55.43 12.43
CA GLU E 329 -3.24 56.09 13.62
C GLU E 329 -4.75 56.38 13.55
N ASP E 330 -5.17 56.96 12.42
CA ASP E 330 -6.57 57.31 12.17
C ASP E 330 -7.37 56.03 11.95
N ARG E 331 -7.32 55.45 10.76
CA ARG E 331 -8.10 54.23 10.47
C ARG E 331 -7.65 52.99 11.26
N LEU E 332 -7.52 53.17 12.56
CA LEU E 332 -7.11 52.11 13.48
C LEU E 332 -8.10 50.94 13.49
N GLN E 333 -9.40 51.24 13.63
CA GLN E 333 -10.45 50.20 13.74
C GLN E 333 -10.63 49.31 12.50
N GLU E 334 -10.72 49.94 11.33
CA GLU E 334 -10.98 49.21 10.08
C GLU E 334 -10.01 48.07 9.84
N GLN E 335 -8.77 48.28 10.26
CA GLN E 335 -7.69 47.31 10.03
C GLN E 335 -7.61 46.26 11.14
N ILE E 336 -8.03 46.61 12.36
CA ILE E 336 -8.18 45.61 13.41
C ILE E 336 -9.14 44.55 12.89
N ALA E 337 -10.00 44.98 11.97
CA ALA E 337 -11.03 44.13 11.40
C ALA E 337 -10.52 43.19 10.29
N LYS E 338 -9.74 43.73 9.37
CA LYS E 338 -9.29 42.93 8.24
C LYS E 338 -8.25 41.91 8.70
N ARG E 339 -7.88 42.02 9.96
CA ARG E 339 -6.78 41.28 10.60
C ARG E 339 -7.13 39.87 11.12
N ASN E 340 -6.31 38.87 10.81
CA ASN E 340 -6.46 37.55 11.41
C ASN E 340 -5.11 36.91 11.76
N ILE E 341 -4.74 37.01 13.03
CA ILE E 341 -3.50 36.48 13.56
C ILE E 341 -3.32 34.97 13.24
N LYS E 342 -4.40 34.26 12.90
CA LYS E 342 -4.26 32.86 12.51
C LYS E 342 -3.81 32.75 11.05
N GLY E 343 -3.22 31.61 10.71
CA GLY E 343 -2.52 31.44 9.46
C GLY E 343 -1.04 31.63 9.71
N LYS E 344 -0.71 32.80 10.25
CA LYS E 344 0.62 33.03 10.79
C LYS E 344 0.86 32.07 11.94
N LEU E 345 -0.01 32.11 12.95
CA LEU E 345 0.11 31.21 14.08
C LEU E 345 0.16 29.75 13.65
N ARG E 346 -0.61 29.40 12.61
CA ARG E 346 -0.59 28.04 12.03
C ARG E 346 0.78 27.66 11.48
N CYS E 347 1.42 28.61 10.82
CA CYS E 347 2.73 28.36 10.23
C CYS E 347 3.79 28.51 11.32
N SER E 348 3.59 29.51 12.18
CA SER E 348 4.52 29.85 13.26
C SER E 348 4.81 28.64 14.13
N ILE E 349 3.86 27.72 14.24
CA ILE E 349 4.09 26.53 15.04
C ILE E 349 4.87 25.50 14.24
N ASN E 350 4.53 25.36 12.97
CA ASN E 350 5.22 24.40 12.13
C ASN E 350 6.72 24.65 11.97
N ASP E 351 7.02 25.86 11.48
CA ASP E 351 8.40 26.35 11.32
C ASP E 351 9.28 26.02 12.51
N TRP E 352 8.82 26.39 13.71
CA TRP E 352 9.55 26.14 14.95
C TRP E 352 9.71 24.64 15.18
N ALA E 353 8.60 23.92 14.95
CA ALA E 353 8.55 22.50 15.24
C ALA E 353 9.38 21.70 14.25
N ILE E 354 9.52 22.23 13.03
CA ILE E 354 10.48 21.63 12.10
C ILE E 354 11.87 21.98 12.60
N ASN E 355 12.04 23.24 13.00
CA ASN E 355 13.35 23.80 13.32
C ASN E 355 14.01 23.01 14.42
N ALA E 356 13.19 22.49 15.32
CA ALA E 356 13.71 21.70 16.43
C ALA E 356 14.07 20.27 16.06
N LYS E 357 13.44 19.73 15.03
CA LYS E 357 13.78 18.38 14.59
C LYS E 357 15.02 18.49 13.70
N LEU E 358 15.24 19.69 13.17
CA LEU E 358 16.48 20.04 12.47
C LEU E 358 17.60 20.14 13.49
N LEU E 359 17.46 21.07 14.43
CA LEU E 359 18.42 21.24 15.49
C LEU E 359 18.71 19.90 16.12
N ALA E 360 17.68 19.06 16.19
CA ALA E 360 17.80 17.68 16.65
C ALA E 360 18.92 16.88 15.96
N ILE E 361 19.15 17.10 14.66
CA ILE E 361 20.23 16.40 13.95
C ILE E 361 21.57 16.96 14.38
N PRO E 362 22.50 16.07 14.79
CA PRO E 362 23.83 16.46 15.30
C PRO E 362 24.69 17.14 14.24
N TYR E 363 25.52 18.08 14.67
CA TYR E 363 26.36 18.85 13.75
C TYR E 363 27.20 17.96 12.85
N SER E 364 27.77 16.90 13.42
CA SER E 364 28.61 15.98 12.69
C SER E 364 27.91 15.37 11.50
N GLU E 365 26.58 15.28 11.57
CA GLU E 365 25.85 14.52 10.59
C GLU E 365 25.38 15.31 9.37
N LEU E 366 25.37 16.63 9.47
CA LEU E 366 24.91 17.47 8.34
C LEU E 366 25.70 17.17 7.06
N GLY E 367 25.00 17.11 5.93
CA GLY E 367 25.63 16.80 4.67
C GLY E 367 24.61 16.38 3.62
N GLU E 368 25.08 15.80 2.54
CA GLU E 368 24.21 15.41 1.45
C GLU E 368 23.83 13.93 1.51
N GLU E 369 24.33 13.23 2.52
CA GLU E 369 24.04 11.82 2.72
C GLU E 369 23.07 11.62 3.90
N ASN E 370 22.66 12.74 4.49
CA ASN E 370 21.64 12.74 5.54
C ASN E 370 20.27 13.16 4.98
N TYR E 371 19.52 12.16 4.54
CA TYR E 371 18.27 12.40 3.85
C TYR E 371 17.14 12.74 4.81
N GLU E 372 17.38 12.60 6.10
CA GLU E 372 16.42 13.11 7.07
C GLU E 372 16.56 14.63 7.12
N LEU E 373 17.80 15.12 7.03
CA LEU E 373 18.05 16.55 6.89
C LEU E 373 17.26 17.06 5.69
N LYS E 374 17.56 16.48 4.53
CA LYS E 374 16.98 16.91 3.27
C LYS E 374 15.45 16.90 3.25
N ASN E 375 14.85 15.93 3.93
CA ASN E 375 13.40 15.88 4.02
C ASN E 375 12.84 17.04 4.84
N LEU E 376 13.34 17.20 6.07
CA LEU E 376 12.98 18.33 6.94
C LEU E 376 13.09 19.68 6.24
N VAL E 377 14.16 19.84 5.46
CA VAL E 377 14.39 21.07 4.72
C VAL E 377 13.25 21.36 3.74
N LEU E 378 13.16 20.53 2.71
CA LEU E 378 12.09 20.62 1.71
C LEU E 378 10.75 20.83 2.40
N ASP E 379 10.54 20.09 3.48
CA ASP E 379 9.35 20.29 4.29
C ASP E 379 9.33 21.75 4.73
N ARG E 380 10.43 22.21 5.31
CA ARG E 380 10.51 23.59 5.77
C ARG E 380 10.36 24.57 4.61
N ILE E 381 10.96 24.24 3.47
CA ILE E 381 10.89 25.06 2.26
C ILE E 381 9.48 25.26 1.77
N LEU E 382 8.68 24.19 1.81
CA LEU E 382 7.27 24.30 1.45
C LEU E 382 6.63 25.31 2.37
N GLY E 383 6.91 25.15 3.66
CA GLY E 383 6.34 26.01 4.68
C GLY E 383 6.57 27.47 4.34
N GLU E 384 7.74 27.72 3.79
CA GLU E 384 8.03 29.03 3.24
C GLU E 384 7.03 29.35 2.14
N GLU E 385 7.14 28.65 1.01
CA GLU E 385 6.32 28.91 -0.16
C GLU E 385 4.89 29.22 0.22
N ILE E 386 4.42 28.54 1.26
CA ILE E 386 3.08 28.74 1.76
C ILE E 386 2.98 29.97 2.66
N GLU E 387 3.89 30.10 3.63
CA GLU E 387 3.74 31.18 4.58
C GLU E 387 3.95 32.56 3.94
N ASN E 388 4.67 32.59 2.81
CA ASN E 388 4.93 33.84 2.12
C ASN E 388 3.68 34.41 1.52
N GLN E 389 2.70 33.54 1.28
CA GLN E 389 1.47 33.97 0.65
C GLN E 389 0.54 34.61 1.66
N LEU E 390 1.03 34.87 2.86
CA LEU E 390 0.18 35.51 3.87
C LEU E 390 0.17 37.03 3.76
N ASP E 391 -0.49 37.68 4.72
CA ASP E 391 -0.76 39.13 4.66
C ASP E 391 0.51 39.90 4.41
N SER E 392 1.65 39.33 4.81
CA SER E 392 2.95 39.91 4.49
C SER E 392 3.03 41.31 5.07
N ARG E 393 2.36 41.51 6.19
CA ARG E 393 2.51 42.74 6.93
C ARG E 393 2.60 42.41 8.40
N LEU E 394 2.85 41.12 8.68
CA LEU E 394 2.95 40.62 10.05
C LEU E 394 4.31 39.99 10.38
N MET F 1 -0.18 62.70 -7.80
CA MET F 1 0.30 63.26 -9.05
C MET F 1 0.05 64.75 -9.09
N ILE F 2 1.11 65.55 -9.14
CA ILE F 2 0.96 67.00 -9.22
C ILE F 2 1.65 67.50 -10.47
N LEU F 3 1.06 68.48 -11.13
CA LEU F 3 1.52 68.85 -12.45
C LEU F 3 1.22 70.31 -12.71
N GLN F 4 2.25 71.10 -13.03
CA GLN F 4 2.08 72.54 -13.17
C GLN F 4 2.47 73.03 -14.55
N ILE F 5 1.55 73.72 -15.21
CA ILE F 5 1.79 74.19 -16.56
C ILE F 5 1.95 75.70 -16.59
N HIS F 6 3.12 76.16 -17.04
CA HIS F 6 3.44 77.57 -17.16
C HIS F 6 3.74 77.96 -18.61
N SER F 7 3.29 79.18 -18.95
CA SER F 7 3.70 79.85 -20.16
C SER F 7 3.45 81.30 -19.87
N GLN F 8 4.00 82.20 -20.68
CA GLN F 8 3.71 83.64 -20.55
C GLN F 8 2.62 84.14 -21.52
N ASN F 9 2.28 83.29 -22.49
CA ASN F 9 1.12 83.47 -23.36
C ASN F 9 -0.06 83.99 -22.59
N PRO F 10 -0.70 85.05 -23.10
CA PRO F 10 -1.87 85.54 -22.37
C PRO F 10 -2.99 84.51 -22.40
N HIS F 11 -3.31 84.01 -23.59
CA HIS F 11 -4.42 83.08 -23.73
C HIS F 11 -4.03 81.63 -23.41
N LEU F 12 -3.11 81.44 -22.45
CA LEU F 12 -2.70 80.09 -22.10
C LEU F 12 -3.94 79.32 -21.76
N LEU F 13 -4.66 79.77 -20.75
CA LEU F 13 -5.84 79.07 -20.25
C LEU F 13 -6.81 78.76 -21.37
N ASP F 14 -6.81 79.60 -22.39
CA ASP F 14 -7.62 79.37 -23.59
C ASP F 14 -7.16 78.12 -24.32
N LEU F 15 -5.88 78.12 -24.70
CA LEU F 15 -5.24 76.99 -25.35
C LEU F 15 -5.47 75.65 -24.64
N LEU F 16 -5.57 75.70 -23.32
CA LEU F 16 -5.79 74.50 -22.51
C LEU F 16 -7.24 74.13 -22.47
N ASN F 17 -8.06 74.90 -23.18
CA ASN F 17 -9.48 74.67 -23.19
C ASN F 17 -10.08 74.68 -21.77
N LYS F 18 -9.56 75.55 -20.91
CA LYS F 18 -10.08 75.73 -19.55
C LYS F 18 -10.62 77.14 -19.31
N ASN F 19 -11.71 77.25 -18.56
CA ASN F 19 -12.28 78.59 -18.34
C ASN F 19 -12.06 79.18 -16.96
N PRO F 20 -11.21 80.20 -16.89
CA PRO F 20 -10.71 80.82 -15.66
C PRO F 20 -11.82 81.31 -14.78
N HIS F 21 -12.98 81.63 -15.36
CA HIS F 21 -14.09 82.21 -14.61
C HIS F 21 -15.06 81.18 -14.05
N THR F 22 -15.09 80.01 -14.67
CA THR F 22 -16.03 78.98 -14.22
C THR F 22 -15.60 78.38 -12.89
N ASP F 23 -16.48 78.42 -11.89
CA ASP F 23 -16.17 77.95 -10.55
C ASP F 23 -14.75 78.29 -10.07
N LEU F 24 -14.33 79.54 -10.27
CA LEU F 24 -13.09 80.06 -9.73
C LEU F 24 -11.85 79.60 -10.50
N GLY F 25 -12.05 79.00 -11.67
CA GLY F 25 -10.94 78.48 -12.44
C GLY F 25 -10.73 77.00 -12.21
N ILE F 26 -11.65 76.40 -11.47
CA ILE F 26 -11.52 74.99 -11.19
C ILE F 26 -12.22 74.18 -12.26
N TYR F 27 -11.69 72.99 -12.52
CA TYR F 27 -12.29 72.01 -13.41
C TYR F 27 -12.08 70.70 -12.67
N ALA F 28 -13.14 69.94 -12.46
CA ALA F 28 -13.04 68.72 -11.65
C ALA F 28 -13.61 67.59 -12.46
N LYS F 29 -13.21 66.37 -12.13
CA LYS F 29 -13.58 65.17 -12.89
C LYS F 29 -13.19 64.03 -11.98
N SER F 30 -13.88 62.90 -12.07
CA SER F 30 -13.51 61.71 -11.31
C SER F 30 -12.51 60.92 -12.12
N LEU F 31 -11.48 60.38 -11.50
CA LEU F 31 -10.50 59.62 -12.27
C LEU F 31 -10.59 58.14 -11.98
N ARG F 32 -10.25 57.74 -10.78
CA ARG F 32 -10.56 56.37 -10.42
C ARG F 32 -11.18 56.49 -9.08
N ASN F 33 -10.65 55.76 -8.12
CA ASN F 33 -11.12 55.92 -6.75
C ASN F 33 -10.78 57.30 -6.15
N GLY F 34 -10.52 58.27 -7.03
CA GLY F 34 -10.06 59.59 -6.64
C GLY F 34 -10.45 60.68 -7.62
N GLN F 35 -10.18 61.93 -7.25
CA GLN F 35 -10.59 63.10 -8.03
C GLN F 35 -9.47 63.81 -8.76
N LEU F 36 -9.75 64.28 -9.98
CA LEU F 36 -8.77 65.00 -10.75
C LEU F 36 -9.20 66.48 -10.88
N ILE F 37 -8.41 67.42 -10.35
CA ILE F 37 -8.76 68.83 -10.35
C ILE F 37 -7.72 69.72 -11.00
N GLY F 38 -8.10 70.41 -12.06
CA GLY F 38 -7.24 71.41 -12.69
C GLY F 38 -7.58 72.78 -12.13
N ASN F 39 -6.58 73.67 -12.11
CA ASN F 39 -6.65 74.94 -11.38
C ASN F 39 -5.98 76.09 -12.11
N ALA F 40 -6.76 77.04 -12.60
CA ALA F 40 -6.14 78.23 -13.15
C ALA F 40 -5.71 78.99 -11.93
N VAL F 41 -4.40 79.00 -11.69
CA VAL F 41 -3.83 79.66 -10.51
C VAL F 41 -3.62 81.11 -10.89
N SER F 42 -3.51 81.33 -12.19
CA SER F 42 -3.43 82.65 -12.76
C SER F 42 -3.57 82.28 -14.22
N ALA F 43 -3.48 83.25 -15.13
CA ALA F 43 -3.21 82.89 -16.52
C ALA F 43 -1.76 82.65 -16.37
N TYR F 44 -1.12 82.15 -17.41
CA TYR F 44 0.30 81.84 -17.31
C TYR F 44 0.58 80.58 -16.46
N GLN F 45 -0.39 80.15 -15.64
CA GLN F 45 -0.19 78.95 -14.80
C GLN F 45 -1.41 78.06 -14.47
N TYR F 46 -1.38 76.81 -14.93
CA TYR F 46 -2.41 75.80 -14.62
C TYR F 46 -1.82 74.67 -13.75
N ASP F 47 -2.57 74.22 -12.76
CA ASP F 47 -2.12 73.19 -11.81
C ASP F 47 -3.11 72.00 -11.76
N VAL F 48 -2.67 70.84 -12.21
CA VAL F 48 -3.50 69.64 -12.10
C VAL F 48 -3.07 68.78 -10.94
N VAL F 49 -3.95 68.55 -9.98
CA VAL F 49 -3.62 67.64 -8.89
C VAL F 49 -4.44 66.39 -9.12
N PHE F 50 -4.03 65.26 -8.53
CA PHE F 50 -4.88 64.09 -8.46
C PHE F 50 -4.89 63.68 -7.01
N GLN F 51 -6.05 63.72 -6.39
CA GLN F 51 -6.21 63.18 -5.06
C GLN F 51 -6.71 61.77 -5.23
N ASP F 52 -6.81 61.06 -4.14
CA ASP F 52 -7.21 59.69 -4.26
C ASP F 52 -7.52 59.31 -2.86
N THR F 53 -8.45 58.39 -2.74
CA THR F 53 -8.75 57.82 -1.47
C THR F 53 -7.72 56.74 -1.27
N ARG F 54 -7.85 55.65 -2.03
CA ARG F 54 -6.99 54.47 -1.93
C ARG F 54 -6.89 53.71 -3.26
N TYR F 55 -5.76 53.04 -3.46
CA TYR F 55 -5.55 52.03 -4.53
C TYR F 55 -6.01 52.32 -5.96
N SER F 56 -5.94 53.55 -6.43
CA SER F 56 -6.43 53.81 -7.78
C SER F 56 -5.41 53.41 -8.81
N TYR F 57 -4.15 53.39 -8.39
CA TYR F 57 -3.08 53.19 -9.34
C TYR F 57 -2.16 52.03 -9.04
N LEU F 58 -2.40 51.35 -7.92
CA LEU F 58 -1.72 50.08 -7.69
C LEU F 58 -2.68 49.00 -7.23
N PRO F 59 -3.23 48.25 -8.20
CA PRO F 59 -4.07 47.07 -8.00
C PRO F 59 -3.62 46.32 -6.76
N GLU F 60 -4.53 46.06 -5.83
CA GLU F 60 -5.91 46.52 -5.91
C GLU F 60 -6.25 47.00 -4.51
N GLU F 61 -5.36 46.61 -3.60
CA GLU F 61 -5.52 46.60 -2.17
C GLU F 61 -4.46 45.59 -1.80
N SER F 62 -4.06 44.82 -2.82
CA SER F 62 -3.08 43.74 -2.71
C SER F 62 -1.73 44.27 -2.26
N ASN F 63 -1.31 43.79 -1.10
CA ASN F 63 -0.35 44.48 -0.27
C ASN F 63 0.95 44.95 -0.89
N GLN F 64 1.24 46.21 -0.55
CA GLN F 64 2.53 46.86 -0.70
C GLN F 64 2.36 48.08 0.19
N ILE F 65 3.16 49.12 -0.01
CA ILE F 65 2.92 50.34 0.73
C ILE F 65 2.62 51.46 -0.28
N ASP F 66 1.50 51.30 -1.00
CA ASP F 66 1.18 52.05 -2.22
C ASP F 66 1.37 53.58 -2.25
N PHE F 67 2.14 54.03 -3.24
CA PHE F 67 2.27 55.45 -3.54
C PHE F 67 2.26 55.71 -5.06
N GLN F 68 1.84 54.71 -5.83
CA GLN F 68 1.70 54.87 -7.30
C GLN F 68 0.77 56.01 -7.70
N SER F 69 -0.20 56.30 -6.85
CA SER F 69 -1.24 57.26 -7.14
C SER F 69 -0.63 58.63 -7.24
N TYR F 70 0.58 58.79 -6.71
CA TYR F 70 1.25 60.08 -6.72
C TYR F 70 2.30 60.26 -7.81
N CYS F 71 2.54 59.23 -8.63
CA CYS F 71 3.65 59.30 -9.57
C CYS F 71 3.67 58.27 -10.70
N SER F 72 2.70 57.39 -10.82
CA SER F 72 2.79 56.44 -11.91
C SER F 72 2.59 57.20 -13.19
N PRO F 73 3.45 57.00 -14.20
CA PRO F 73 3.43 57.78 -15.45
C PRO F 73 2.08 57.70 -16.13
N LEU F 74 1.28 56.75 -15.65
CA LEU F 74 -0.02 56.46 -16.23
C LEU F 74 -1.04 57.53 -15.89
N VAL F 75 -1.03 58.00 -14.65
CA VAL F 75 -1.91 59.09 -14.26
C VAL F 75 -1.70 60.24 -15.24
N ILE F 76 -0.42 60.55 -15.51
CA ILE F 76 -0.01 61.56 -16.49
C ILE F 76 -0.57 61.27 -17.87
N LEU F 77 -0.58 59.99 -18.22
CA LEU F 77 -1.23 59.55 -19.44
C LEU F 77 -2.71 59.96 -19.43
N HIS F 78 -3.39 59.69 -18.33
CA HIS F 78 -4.83 60.02 -18.22
C HIS F 78 -5.10 61.51 -18.20
N ILE F 79 -4.37 62.22 -17.35
CA ILE F 79 -4.45 63.66 -17.31
C ILE F 79 -4.37 64.24 -18.71
N CYS F 80 -3.44 63.78 -19.54
CA CYS F 80 -3.41 64.26 -20.93
C CYS F 80 -4.69 63.96 -21.66
N ASN F 81 -5.13 62.71 -21.56
CA ASN F 81 -6.27 62.25 -22.34
C ASN F 81 -7.62 62.53 -21.70
N GLU F 82 -7.67 63.46 -20.75
CA GLU F 82 -8.94 63.91 -20.22
C GLU F 82 -9.01 65.44 -20.12
N PHE F 83 -7.95 66.07 -19.63
CA PHE F 83 -7.97 67.52 -19.60
C PHE F 83 -7.58 68.10 -20.92
N PHE F 84 -6.49 67.59 -21.49
CA PHE F 84 -5.91 68.27 -22.64
C PHE F 84 -6.02 67.55 -24.00
N LYS F 85 -7.06 66.74 -24.15
CA LYS F 85 -7.27 65.95 -25.36
C LYS F 85 -7.03 66.75 -26.66
N GLU F 86 -7.48 67.98 -26.70
CA GLU F 86 -7.38 68.77 -27.92
C GLU F 86 -5.91 68.97 -28.33
N LEU F 87 -5.03 68.96 -27.34
CA LEU F 87 -3.61 69.24 -27.54
C LEU F 87 -2.88 68.04 -28.13
N LEU F 88 -3.44 66.85 -27.89
CA LEU F 88 -2.91 65.61 -28.45
C LEU F 88 -3.62 65.27 -29.75
N GLN F 89 -4.08 66.29 -30.47
CA GLN F 89 -4.65 66.07 -31.78
C GLN F 89 -3.49 65.83 -32.75
N GLU F 90 -3.80 65.32 -33.94
CA GLU F 90 -2.81 65.11 -34.99
C GLU F 90 -2.21 66.45 -35.37
N LYS F 91 -1.02 66.43 -35.95
CA LYS F 91 -0.31 67.69 -36.21
C LYS F 91 -1.07 68.66 -37.10
N GLN F 92 -1.62 68.17 -38.22
CA GLN F 92 -2.27 69.05 -39.18
C GLN F 92 -3.57 69.64 -38.65
N THR F 93 -4.42 68.76 -38.16
CA THR F 93 -5.75 69.15 -37.71
C THR F 93 -5.70 70.10 -36.51
N TYR F 94 -4.69 69.93 -35.65
CA TYR F 94 -4.50 70.82 -34.50
C TYR F 94 -4.25 72.27 -34.93
N TRP F 95 -3.14 72.51 -35.64
CA TRP F 95 -2.71 73.85 -35.95
C TRP F 95 -3.72 74.69 -36.73
N SER F 96 -4.86 74.09 -37.08
CA SER F 96 -5.96 74.80 -37.71
C SER F 96 -7.24 74.52 -36.94
N GLN F 97 -7.55 75.40 -35.99
CA GLN F 97 -8.66 75.22 -35.07
C GLN F 97 -8.68 76.49 -34.22
N GLN F 98 -9.79 76.80 -33.56
CA GLN F 98 -9.84 77.97 -32.67
C GLN F 98 -10.75 77.73 -31.46
N ILE F 99 -10.65 78.58 -30.44
CA ILE F 99 -11.69 78.68 -29.40
C ILE F 99 -12.28 80.08 -29.50
N LYS F 100 -13.54 80.24 -29.08
CA LYS F 100 -14.27 81.49 -29.29
C LYS F 100 -13.87 82.09 -30.62
N TRP F 101 -12.84 82.95 -30.62
CA TRP F 101 -12.21 83.43 -31.85
C TRP F 101 -11.05 84.44 -31.66
N LEU F 102 -11.23 85.37 -30.72
CA LEU F 102 -10.72 86.78 -30.80
C LEU F 102 -9.34 87.13 -31.44
N GLU F 103 -8.49 86.15 -31.78
CA GLU F 103 -7.19 86.41 -32.43
C GLU F 103 -6.70 85.30 -33.38
N ARG F 104 -7.66 84.52 -33.93
CA ARG F 104 -7.47 83.49 -34.97
C ARG F 104 -7.28 82.03 -34.50
N THR F 105 -6.22 81.40 -35.00
CA THR F 105 -6.05 79.96 -34.91
C THR F 105 -4.92 79.58 -33.97
N ARG F 106 -4.82 78.29 -33.66
CA ARG F 106 -3.71 77.78 -32.86
C ARG F 106 -2.39 78.11 -33.51
N ALA F 107 -2.35 78.10 -34.84
CA ALA F 107 -1.13 78.47 -35.53
C ALA F 107 -0.74 79.92 -35.20
N GLU F 108 -1.71 80.68 -34.67
CA GLU F 108 -1.51 82.08 -34.28
C GLU F 108 -1.31 82.29 -32.77
N VAL F 109 -2.18 81.68 -31.97
CA VAL F 109 -2.13 81.86 -30.52
C VAL F 109 -1.02 81.07 -29.83
N ASP F 110 -1.07 79.74 -29.89
CA ASP F 110 -0.07 78.93 -29.20
C ASP F 110 1.30 79.17 -29.78
N THR F 111 1.89 80.29 -29.42
CA THR F 111 3.14 80.66 -30.00
C THR F 111 4.14 80.98 -28.93
N TYR F 112 3.74 80.74 -27.69
CA TYR F 112 4.61 81.05 -26.56
C TYR F 112 5.31 79.82 -26.04
N PRO F 113 6.62 79.94 -25.77
CA PRO F 113 7.35 78.90 -25.06
C PRO F 113 6.59 78.52 -23.81
N CYS F 114 6.69 77.24 -23.45
CA CYS F 114 5.90 76.67 -22.38
C CYS F 114 6.72 75.72 -21.55
N THR F 115 6.36 75.60 -20.27
CA THR F 115 7.05 74.69 -19.37
C THR F 115 6.05 73.87 -18.57
N ILE F 116 6.25 72.56 -18.51
CA ILE F 116 5.42 71.69 -17.69
C ILE F 116 6.30 71.01 -16.69
N GLU F 117 5.89 70.97 -15.42
CA GLU F 117 6.67 70.28 -14.42
C GLU F 117 5.90 69.15 -13.77
N VAL F 118 6.61 68.08 -13.42
CA VAL F 118 6.01 66.98 -12.69
C VAL F 118 6.72 66.85 -11.37
N LYS F 119 6.03 67.17 -10.28
CA LYS F 119 6.65 67.18 -8.96
C LYS F 119 7.23 65.84 -8.56
N ASN F 120 6.74 64.76 -9.18
CA ASN F 120 7.12 63.39 -8.82
C ASN F 120 6.73 62.31 -9.88
N LEU F 121 7.72 61.76 -10.56
CA LEU F 121 7.50 60.66 -11.50
C LEU F 121 8.06 59.38 -10.89
N TYR F 122 7.84 58.25 -11.56
CA TYR F 122 8.33 56.95 -11.12
C TYR F 122 8.84 56.15 -12.31
N ALA F 123 10.15 55.95 -12.33
CA ALA F 123 10.74 55.09 -13.33
C ALA F 123 11.62 54.07 -12.62
N ASN F 124 11.08 52.86 -12.53
CA ASN F 124 11.80 51.72 -11.99
C ASN F 124 12.15 50.93 -13.19
N SER F 125 13.12 51.41 -13.94
CA SER F 125 13.53 50.69 -15.12
C SER F 125 14.93 51.00 -15.53
N THR F 126 15.38 50.17 -16.46
CA THR F 126 16.66 50.27 -17.11
C THR F 126 16.83 51.64 -17.78
N TRP F 127 15.74 52.31 -18.13
CA TRP F 127 15.87 53.62 -18.74
C TRP F 127 15.99 54.75 -17.75
N TYR F 128 16.02 54.44 -16.47
CA TYR F 128 16.47 55.41 -15.48
C TYR F 128 17.37 54.66 -14.51
N SER F 129 18.44 54.08 -15.09
CA SER F 129 19.58 53.60 -14.32
C SER F 129 20.24 54.84 -13.74
N LYS F 130 20.19 54.90 -12.41
CA LYS F 130 20.20 56.16 -11.67
C LYS F 130 21.31 57.16 -12.06
N GLY F 131 20.94 58.43 -11.88
CA GLY F 131 21.55 59.49 -12.63
C GLY F 131 20.52 59.92 -13.65
N HIS F 132 20.62 59.37 -14.86
CA HIS F 132 19.92 60.00 -15.97
C HIS F 132 19.03 59.10 -16.79
N PHE F 133 17.95 59.73 -17.27
CA PHE F 133 16.92 59.17 -18.13
C PHE F 133 17.39 58.88 -19.55
N MET F 134 17.06 57.71 -20.05
CA MET F 134 17.53 57.28 -21.38
C MET F 134 16.93 58.15 -22.48
N MET F 135 15.86 58.86 -22.18
CA MET F 135 15.24 59.69 -23.20
C MET F 135 15.91 61.05 -23.39
N GLU F 136 16.62 61.50 -22.33
CA GLU F 136 17.38 62.74 -22.35
C GLU F 136 18.35 62.77 -23.51
N ARG F 137 18.91 61.63 -23.85
CA ARG F 137 19.90 61.56 -24.90
C ARG F 137 19.25 61.79 -26.27
N TYR F 138 17.93 61.82 -26.34
CA TYR F 138 17.23 61.89 -27.62
C TYR F 138 16.31 63.09 -27.63
N PHE F 139 16.10 63.66 -26.47
CA PHE F 139 15.31 64.89 -26.35
C PHE F 139 15.89 65.86 -25.33
N LYS F 140 16.60 66.87 -25.84
CA LYS F 140 17.36 67.77 -25.00
C LYS F 140 16.41 68.51 -24.08
N ASN F 141 15.13 68.44 -24.37
CA ASN F 141 14.11 69.10 -23.57
C ASN F 141 13.67 68.34 -22.32
N ILE F 142 14.26 67.18 -22.08
CA ILE F 142 13.88 66.39 -20.91
C ILE F 142 14.83 66.80 -19.81
N HIS F 143 14.32 67.21 -18.66
CA HIS F 143 15.22 67.56 -17.57
C HIS F 143 14.85 66.89 -16.25
N ILE F 144 15.65 65.89 -15.89
CA ILE F 144 15.40 65.00 -14.77
C ILE F 144 16.08 65.46 -13.53
N THR F 145 15.41 65.37 -12.39
CA THR F 145 16.05 65.64 -11.12
C THR F 145 15.74 64.52 -10.17
N PRO F 146 16.74 63.72 -9.79
CA PRO F 146 16.37 62.62 -8.91
C PRO F 146 15.95 63.10 -7.54
N ILE F 147 15.11 62.28 -6.90
CA ILE F 147 14.58 62.56 -5.58
C ILE F 147 15.14 61.51 -4.61
N VAL F 148 14.95 60.23 -4.95
CA VAL F 148 15.32 59.08 -4.12
C VAL F 148 14.71 57.91 -4.82
N GLY F 149 15.31 56.75 -4.76
CA GLY F 149 14.66 55.57 -5.30
C GLY F 149 14.40 55.75 -6.76
N ASN F 150 13.35 55.09 -7.25
CA ASN F 150 13.00 55.16 -8.67
C ASN F 150 12.06 56.32 -8.99
N ASN F 151 12.09 57.31 -8.12
CA ASN F 151 11.27 58.50 -8.25
C ASN F 151 12.11 59.73 -8.60
N LEU F 152 11.85 60.32 -9.77
CA LEU F 152 12.54 61.55 -10.11
C LEU F 152 11.51 62.67 -10.14
N SER F 153 11.94 63.90 -10.43
CA SER F 153 11.00 64.93 -10.88
C SER F 153 11.33 65.34 -12.32
N LEU F 154 10.31 65.53 -13.14
CA LEU F 154 10.49 65.85 -14.53
C LEU F 154 10.34 67.37 -14.67
N ARG F 155 10.87 67.92 -15.76
CA ARG F 155 10.57 69.27 -16.22
C ARG F 155 10.71 69.23 -17.72
N VAL F 156 9.69 69.68 -18.44
CA VAL F 156 9.65 69.49 -19.88
C VAL F 156 9.53 70.81 -20.57
N GLU F 157 10.35 71.05 -21.57
CA GLU F 157 10.33 72.37 -22.21
C GLU F 157 9.78 72.35 -23.62
N GLY F 158 9.11 73.44 -24.01
CA GLY F 158 8.50 73.48 -25.32
C GLY F 158 8.38 74.86 -25.93
N LYS F 159 8.72 74.96 -27.22
CA LYS F 159 8.53 76.19 -27.99
C LYS F 159 7.07 76.66 -27.99
N SER F 160 6.13 75.72 -28.04
CA SER F 160 4.70 76.02 -27.93
C SER F 160 4.13 75.28 -26.71
N VAL F 161 2.84 75.40 -26.44
CA VAL F 161 2.23 74.58 -25.40
C VAL F 161 2.17 73.21 -26.02
N PHE F 162 1.74 73.18 -27.27
CA PHE F 162 1.59 71.93 -28.03
C PHE F 162 2.85 71.06 -27.99
N GLU F 163 3.96 71.62 -28.44
CA GLU F 163 5.22 70.89 -28.37
C GLU F 163 5.47 70.30 -26.98
N ALA F 164 5.19 71.08 -25.96
CA ALA F 164 5.58 70.72 -24.60
C ALA F 164 4.67 69.66 -24.08
N MET F 165 3.38 69.83 -24.38
CA MET F 165 2.35 68.89 -23.94
C MET F 165 2.54 67.53 -24.62
N ASN F 166 2.89 67.53 -25.90
CA ASN F 166 3.09 66.28 -26.62
C ASN F 166 4.35 65.52 -26.21
N LEU F 167 5.30 66.26 -25.65
CA LEU F 167 6.50 65.66 -25.11
C LEU F 167 6.20 65.00 -23.75
N LEU F 168 5.44 65.68 -22.90
CA LEU F 168 5.06 65.11 -21.62
C LEU F 168 4.33 63.80 -21.87
N SER F 169 3.39 63.81 -22.81
CA SER F 169 2.67 62.58 -23.16
C SER F 169 3.67 61.51 -23.55
N PHE F 170 4.52 61.82 -24.52
CA PHE F 170 5.53 60.88 -24.97
C PHE F 170 6.31 60.22 -23.84
N ILE F 171 6.89 61.04 -22.97
CA ILE F 171 7.63 60.50 -21.84
C ILE F 171 6.75 59.58 -21.00
N ALA F 172 5.52 60.00 -20.71
CA ALA F 172 4.61 59.20 -19.89
C ALA F 172 4.50 57.77 -20.40
N VAL F 173 4.28 57.66 -21.71
CA VAL F 173 4.05 56.37 -22.33
C VAL F 173 5.33 55.52 -22.38
N THR F 174 6.45 56.10 -22.76
CA THR F 174 7.68 55.34 -22.82
C THR F 174 8.11 54.91 -21.41
N THR F 175 7.87 55.75 -20.43
CA THR F 175 8.25 55.44 -19.06
C THR F 175 7.33 54.39 -18.45
N HIS F 176 6.08 54.36 -18.90
CA HIS F 176 5.15 53.38 -18.39
C HIS F 176 5.30 51.98 -19.02
N ILE F 177 5.60 51.91 -20.31
CA ILE F 177 5.74 50.62 -20.94
C ILE F 177 7.10 49.99 -20.68
N THR F 178 7.97 50.72 -20.00
CA THR F 178 9.31 50.23 -19.69
C THR F 178 9.49 50.51 -18.23
N ASN F 179 8.85 49.73 -17.37
CA ASN F 179 8.72 50.11 -15.97
C ASN F 179 8.15 48.90 -15.29
N THR F 180 8.81 48.40 -14.27
CA THR F 180 8.26 47.26 -13.56
C THR F 180 7.70 47.73 -12.23
N TYR F 181 6.39 47.52 -12.09
CA TYR F 181 5.64 47.95 -10.93
C TYR F 181 5.62 46.82 -9.90
N GLY F 182 6.21 45.70 -10.32
CA GLY F 182 6.50 44.58 -9.46
C GLY F 182 5.30 43.69 -9.31
N GLU F 183 5.28 42.59 -10.05
CA GLU F 183 4.19 41.61 -9.97
C GLU F 183 2.87 42.11 -10.58
N TYR F 184 2.47 43.35 -10.28
CA TYR F 184 1.21 43.90 -10.78
C TYR F 184 1.39 44.59 -12.14
N THR F 185 2.61 44.49 -12.66
CA THR F 185 2.93 44.88 -14.03
C THR F 185 1.89 44.28 -15.00
N TYR F 186 1.42 45.08 -15.96
CA TYR F 186 0.38 44.65 -16.89
C TYR F 186 0.07 45.72 -17.94
N ILE F 187 -0.15 45.28 -19.17
CA ILE F 187 -0.70 46.15 -20.20
C ILE F 187 -1.89 45.48 -20.89
N ASP F 188 -3.02 46.18 -20.91
CA ASP F 188 -4.26 45.68 -21.51
C ASP F 188 -4.23 45.72 -23.05
N ASP F 189 -5.30 45.25 -23.65
CA ASP F 189 -5.28 45.05 -25.09
C ASP F 189 -5.69 46.31 -25.83
N HIS F 190 -6.21 47.28 -25.08
CA HIS F 190 -6.67 48.51 -25.70
C HIS F 190 -5.63 49.60 -25.59
N PHE F 191 -4.57 49.36 -24.82
CA PHE F 191 -3.49 50.34 -24.63
C PHE F 191 -2.95 50.84 -25.96
N ALA F 192 -2.70 49.91 -26.86
CA ALA F 192 -2.39 50.34 -28.21
C ALA F 192 -3.65 50.97 -28.84
N GLN F 193 -3.45 51.99 -29.67
CA GLN F 193 -4.54 52.74 -30.29
C GLN F 193 -5.42 53.29 -29.18
N LYS F 194 -4.76 53.63 -28.09
CA LYS F 194 -5.36 54.44 -27.07
C LYS F 194 -4.23 55.40 -26.78
N TYR F 195 -3.03 54.96 -27.09
CA TYR F 195 -1.87 55.80 -26.88
C TYR F 195 -0.89 55.58 -28.01
N ALA F 196 -1.27 54.80 -29.00
CA ALA F 196 -0.29 54.47 -30.02
C ALA F 196 0.10 55.70 -30.80
N ARG F 197 -0.87 56.55 -31.15
CA ARG F 197 -0.57 57.74 -31.95
C ARG F 197 0.37 58.72 -31.24
N ILE F 198 0.58 58.56 -29.93
CA ILE F 198 1.38 59.55 -29.21
C ILE F 198 2.87 59.49 -29.54
N LEU F 199 3.32 58.39 -30.16
CA LEU F 199 4.70 58.29 -30.64
C LEU F 199 4.82 59.00 -31.97
N THR F 200 3.68 59.44 -32.49
CA THR F 200 3.66 60.07 -33.79
C THR F 200 3.64 61.59 -33.67
N ASN F 201 3.12 62.09 -32.55
CA ASN F 201 2.87 63.52 -32.39
C ASN F 201 4.05 64.33 -31.85
N ILE F 202 5.24 64.00 -32.31
CA ILE F 202 6.47 64.61 -31.83
C ILE F 202 7.50 64.20 -32.86
N PRO F 203 8.36 65.12 -33.30
CA PRO F 203 9.17 64.65 -34.41
C PRO F 203 10.44 63.98 -33.89
N GLN F 204 11.09 63.21 -34.75
CA GLN F 204 12.41 62.65 -34.48
C GLN F 204 12.46 61.63 -33.33
N VAL F 205 11.41 60.82 -33.18
CA VAL F 205 11.46 59.70 -32.27
C VAL F 205 12.23 58.59 -32.96
N PRO F 206 13.25 58.04 -32.28
CA PRO F 206 14.08 56.98 -32.85
C PRO F 206 13.27 55.77 -33.30
N TYR F 207 13.78 55.08 -34.32
CA TYR F 207 13.17 53.84 -34.76
C TYR F 207 13.02 52.86 -33.59
N PHE F 208 14.09 52.73 -32.80
CA PHE F 208 14.10 51.75 -31.72
C PHE F 208 12.96 51.89 -30.71
N VAL F 209 12.46 53.12 -30.55
CA VAL F 209 11.38 53.35 -29.60
C VAL F 209 10.14 52.64 -30.12
N PHE F 210 9.77 52.93 -31.36
CA PHE F 210 8.62 52.30 -32.00
C PHE F 210 8.63 50.79 -31.85
N TYR F 211 9.76 50.19 -32.20
CA TYR F 211 9.93 48.74 -32.08
C TYR F 211 9.49 48.31 -30.71
N LEU F 212 10.29 48.65 -29.70
CA LEU F 212 9.98 48.49 -28.28
C LEU F 212 8.49 48.61 -27.92
N PHE F 213 7.81 49.59 -28.49
CA PHE F 213 6.39 49.75 -28.23
C PHE F 213 5.61 48.62 -28.90
N ILE F 214 5.99 48.28 -30.14
CA ILE F 214 5.34 47.18 -30.85
C ILE F 214 5.53 45.84 -30.15
N LYS F 215 6.77 45.48 -29.83
CA LYS F 215 6.98 44.23 -29.11
C LYS F 215 6.34 44.25 -27.72
N ARG F 216 6.46 45.34 -26.97
CA ARG F 216 6.00 45.30 -25.57
C ARG F 216 4.49 45.61 -25.32
N ALA F 217 3.85 46.29 -26.25
CA ALA F 217 2.53 46.86 -25.96
C ALA F 217 1.41 46.48 -26.92
N ILE F 218 1.73 46.30 -28.20
CA ILE F 218 0.71 45.95 -29.19
C ILE F 218 0.42 44.46 -29.14
N LYS F 219 -0.62 44.05 -28.43
CA LYS F 219 -0.76 42.64 -28.04
C LYS F 219 -1.38 41.66 -29.05
N SER F 220 -1.94 42.15 -30.15
CA SER F 220 -2.53 41.25 -31.13
C SER F 220 -2.07 41.54 -32.54
N GLU F 221 -2.05 40.51 -33.37
CA GLU F 221 -1.72 40.67 -34.78
C GLU F 221 -2.67 41.65 -35.47
N ARG F 222 -3.98 41.41 -35.31
CA ARG F 222 -4.97 42.29 -35.90
C ARG F 222 -4.76 43.74 -35.45
N GLN F 223 -4.63 43.94 -34.14
CA GLN F 223 -4.39 45.27 -33.59
C GLN F 223 -3.19 45.89 -34.29
N PHE F 224 -2.11 45.11 -34.35
CA PHE F 224 -0.89 45.56 -35.00
C PHE F 224 -1.14 46.03 -36.42
N ALA F 225 -2.08 45.38 -37.10
CA ALA F 225 -2.41 45.70 -38.49
C ALA F 225 -2.91 47.14 -38.71
N GLU F 226 -3.58 47.69 -37.70
CA GLU F 226 -4.15 49.03 -37.82
C GLU F 226 -3.13 50.11 -37.52
N ILE F 227 -2.20 49.81 -36.61
CA ILE F 227 -1.16 50.76 -36.22
C ILE F 227 -0.01 50.79 -37.22
N LYS F 228 0.17 49.67 -37.90
CA LYS F 228 1.29 49.54 -38.83
C LYS F 228 1.36 50.69 -39.83
N PRO F 229 0.26 50.95 -40.56
CA PRO F 229 0.39 51.99 -41.59
C PRO F 229 0.72 53.35 -40.99
N MET F 230 0.24 53.56 -39.77
CA MET F 230 0.36 54.84 -39.10
C MET F 230 1.81 55.10 -38.77
N PHE F 231 2.42 54.16 -38.06
CA PHE F 231 3.83 54.26 -37.75
C PHE F 231 4.65 54.34 -39.04
N GLU F 232 4.18 53.64 -40.07
CA GLU F 232 4.94 53.52 -41.29
C GLU F 232 4.96 54.85 -42.01
N ALA F 233 3.77 55.42 -42.18
CA ALA F 233 3.63 56.77 -42.74
C ALA F 233 4.40 57.85 -41.96
N TYR F 234 4.29 57.84 -40.62
CA TYR F 234 5.05 58.76 -39.76
C TYR F 234 6.52 58.74 -40.11
N PHE F 235 7.07 57.55 -40.35
CA PHE F 235 8.50 57.44 -40.61
C PHE F 235 8.89 57.84 -42.03
N LYS F 236 7.94 57.79 -42.96
CA LYS F 236 8.18 58.33 -44.30
C LYS F 236 8.58 59.82 -44.23
N GLU F 237 7.73 60.63 -43.60
CA GLU F 237 7.98 62.07 -43.47
C GLU F 237 9.30 62.40 -42.78
N GLU F 238 9.87 61.44 -42.06
CA GLU F 238 11.17 61.65 -41.40
C GLU F 238 12.29 61.29 -42.36
N GLY F 239 11.90 60.67 -43.49
CA GLY F 239 12.83 60.28 -44.53
C GLY F 239 13.35 58.86 -44.36
N LEU F 240 12.42 57.92 -44.22
CA LEU F 240 12.76 56.52 -43.91
C LEU F 240 11.61 55.62 -44.33
N ASP F 241 11.85 54.77 -45.32
CA ASP F 241 10.88 53.75 -45.63
C ASP F 241 11.09 52.59 -44.63
N ILE F 242 10.11 52.38 -43.75
CA ILE F 242 10.22 51.28 -42.80
C ILE F 242 9.07 50.31 -42.96
N ASP F 243 9.37 49.02 -43.12
CA ASP F 243 8.33 48.01 -43.12
C ASP F 243 8.32 47.26 -41.79
N PHE F 244 7.49 47.71 -40.85
CA PHE F 244 7.45 47.13 -39.50
C PHE F 244 6.87 45.73 -39.48
N GLN F 245 7.36 44.93 -38.55
CA GLN F 245 6.89 43.56 -38.44
C GLN F 245 6.65 43.17 -37.00
N PHE F 246 5.61 42.38 -36.79
CA PHE F 246 5.20 42.06 -35.43
C PHE F 246 6.16 41.10 -34.75
N THR F 247 6.39 39.93 -35.33
CA THR F 247 7.30 38.95 -34.71
C THR F 247 8.74 39.48 -34.67
N ASP F 248 9.63 38.86 -33.93
CA ASP F 248 10.78 39.62 -33.49
C ASP F 248 12.17 39.19 -33.97
N THR F 249 12.47 39.47 -35.23
CA THR F 249 13.81 39.25 -35.78
C THR F 249 14.12 37.77 -35.62
N HIS F 250 14.54 37.35 -34.43
CA HIS F 250 14.53 35.92 -34.12
C HIS F 250 13.12 35.44 -34.36
N GLY F 251 12.94 34.20 -34.78
CA GLY F 251 11.58 33.71 -34.93
C GLY F 251 10.85 34.34 -36.11
N SER F 252 11.03 35.64 -36.30
CA SER F 252 10.69 36.26 -37.57
C SER F 252 11.55 35.51 -38.60
N ARG F 253 12.75 35.18 -38.14
CA ARG F 253 13.78 34.42 -38.84
C ARG F 253 13.48 32.93 -38.83
N MET F 254 13.39 32.35 -37.63
CA MET F 254 12.96 30.95 -37.46
C MET F 254 11.69 30.58 -38.25
N ASP F 255 10.83 31.55 -38.51
CA ASP F 255 9.65 31.30 -39.34
C ASP F 255 10.12 31.04 -40.75
N PHE F 256 10.84 32.01 -41.30
CA PHE F 256 11.43 31.93 -42.65
C PHE F 256 12.12 30.60 -42.98
N ILE F 257 12.93 30.13 -42.04
CA ILE F 257 13.67 28.87 -42.13
C ILE F 257 12.76 27.66 -42.25
N VAL F 258 11.86 27.51 -41.28
CA VAL F 258 10.87 26.44 -41.28
C VAL F 258 10.07 26.45 -42.58
N LYS F 259 9.66 27.63 -43.02
CA LYS F 259 8.92 27.75 -44.28
C LYS F 259 9.73 27.24 -45.43
N GLU F 260 10.97 27.73 -45.50
CA GLU F 260 11.83 27.50 -46.66
C GLU F 260 12.29 26.05 -46.79
N LEU F 261 12.88 25.52 -45.73
CA LEU F 261 13.37 24.15 -45.75
C LEU F 261 12.27 23.17 -46.09
N GLY F 262 11.25 23.17 -45.25
CA GLY F 262 10.16 22.25 -45.42
C GLY F 262 10.36 21.14 -44.43
N MET F 263 9.58 20.09 -44.57
CA MET F 263 9.57 19.04 -43.60
C MET F 263 9.93 17.71 -44.27
N GLU F 264 10.41 17.79 -45.51
CA GLU F 264 10.59 16.58 -46.33
C GLU F 264 12.01 16.00 -46.37
N TYR F 265 12.97 16.63 -45.68
CA TYR F 265 14.30 16.05 -45.53
C TYR F 265 14.71 16.13 -44.10
N PRO F 266 15.59 15.24 -43.67
CA PRO F 266 16.02 15.38 -42.28
C PRO F 266 16.92 16.60 -42.20
N ILE F 267 16.90 17.27 -41.06
CA ILE F 267 17.69 18.48 -40.95
C ILE F 267 18.95 18.38 -40.04
N LEU F 268 19.92 19.23 -40.37
CA LEU F 268 21.15 19.35 -39.62
C LEU F 268 21.20 20.72 -38.95
N ASP F 269 21.13 20.71 -37.62
CA ASP F 269 21.04 21.93 -36.83
C ASP F 269 22.42 22.24 -36.29
N ILE F 270 23.12 23.13 -36.99
CA ILE F 270 24.47 23.52 -36.60
C ILE F 270 24.45 24.77 -35.73
N GLY F 271 24.73 24.58 -34.44
CA GLY F 271 24.63 25.63 -33.44
C GLY F 271 23.28 25.59 -32.78
N CYS F 272 23.20 25.10 -31.55
CA CYS F 272 21.88 24.89 -30.92
C CYS F 272 21.74 24.77 -29.37
N GLY F 273 21.20 25.80 -28.73
CA GLY F 273 20.37 25.56 -27.57
C GLY F 273 19.14 25.01 -28.29
N GLU F 274 18.23 24.34 -27.64
CA GLU F 274 17.35 23.54 -28.48
C GLU F 274 16.24 24.18 -29.34
N LEU F 275 16.07 25.49 -29.26
CA LEU F 275 14.89 26.16 -29.83
C LEU F 275 14.39 25.69 -31.23
N LYS F 276 15.30 25.34 -32.13
CA LYS F 276 14.89 25.01 -33.50
C LYS F 276 14.34 23.59 -33.57
N TYR F 277 14.62 22.81 -32.54
CA TYR F 277 14.27 21.41 -32.56
C TYR F 277 12.83 21.29 -32.16
N TYR F 278 12.43 21.97 -31.09
CA TYR F 278 11.04 21.96 -30.64
C TYR F 278 10.16 22.40 -31.78
N ARG F 279 10.65 23.41 -32.50
CA ARG F 279 9.82 24.08 -33.50
C ARG F 279 9.56 23.15 -34.67
N ARG F 280 10.37 22.10 -34.78
CA ARG F 280 10.31 21.24 -35.94
C ARG F 280 9.38 20.12 -35.61
N PHE F 281 8.90 20.16 -34.39
CA PHE F 281 8.08 19.09 -33.91
C PHE F 281 6.66 19.50 -33.69
N MET F 282 6.43 20.81 -33.71
CA MET F 282 5.22 21.48 -33.22
C MET F 282 4.04 20.55 -33.12
N ARG F 283 3.62 20.34 -31.87
CA ARG F 283 2.66 19.29 -31.44
C ARG F 283 2.17 18.35 -32.54
N ARG F 284 3.13 17.77 -33.26
CA ARG F 284 2.89 16.84 -34.37
C ARG F 284 2.25 17.55 -35.56
N ASN F 285 1.89 18.82 -35.37
CA ASN F 285 1.23 19.60 -36.40
C ASN F 285 2.03 19.50 -37.70
N TYR F 286 3.35 19.70 -37.62
CA TYR F 286 4.28 19.40 -38.71
C TYR F 286 4.74 17.97 -38.50
N ASN F 287 4.25 17.03 -39.30
CA ASN F 287 4.64 15.65 -39.07
C ASN F 287 6.08 15.39 -39.46
N TYR F 288 6.98 15.45 -38.49
CA TYR F 288 8.40 15.28 -38.81
C TYR F 288 8.80 13.80 -38.88
N SER F 289 8.77 13.24 -40.09
CA SER F 289 9.07 11.83 -40.28
C SER F 289 10.53 11.39 -40.04
N HIS F 290 11.49 12.28 -40.28
CA HIS F 290 12.92 11.95 -40.30
C HIS F 290 13.57 11.94 -38.93
N PRO F 291 14.89 11.66 -38.86
CA PRO F 291 15.51 11.97 -37.57
C PRO F 291 16.05 13.37 -37.65
N TYR F 292 16.72 13.79 -36.58
CA TYR F 292 17.10 15.17 -36.45
C TYR F 292 18.53 15.22 -35.95
N PHE F 293 19.40 15.76 -36.79
CA PHE F 293 20.81 15.82 -36.47
C PHE F 293 21.16 17.21 -36.00
N ALA F 294 21.78 17.27 -34.84
CA ALA F 294 22.09 18.55 -34.21
C ALA F 294 23.47 18.48 -33.60
N THR F 295 24.24 19.58 -33.74
CA THR F 295 25.59 19.64 -33.21
C THR F 295 25.94 21.00 -32.64
N ASP F 296 26.92 21.03 -31.74
CA ASP F 296 27.35 22.27 -31.10
C ASP F 296 28.60 22.07 -30.25
N THR F 297 29.43 23.12 -30.19
CA THR F 297 30.69 23.08 -29.47
C THR F 297 30.53 23.31 -27.98
N ASP F 298 29.51 24.09 -27.60
CA ASP F 298 29.29 24.43 -26.22
C ASP F 298 29.11 23.16 -25.40
N LYS F 299 29.98 22.95 -24.42
CA LYS F 299 29.85 21.79 -23.54
C LYS F 299 28.49 21.85 -22.82
N SER F 300 27.96 23.05 -22.67
CA SER F 300 26.65 23.25 -22.05
C SER F 300 25.60 22.53 -22.87
N VAL F 301 25.51 22.91 -24.14
CA VAL F 301 24.52 22.37 -25.04
C VAL F 301 24.57 20.84 -25.08
N GLY F 302 25.77 20.30 -25.23
CA GLY F 302 25.97 18.86 -25.27
C GLY F 302 25.38 18.16 -24.06
N ASP F 303 25.59 18.74 -22.88
CA ASP F 303 25.06 18.17 -21.65
C ASP F 303 23.55 18.30 -21.58
N TYR F 304 23.01 19.38 -22.13
CA TYR F 304 21.57 19.53 -22.22
C TYR F 304 21.03 18.51 -23.23
N ALA F 305 21.80 18.26 -24.28
CA ALA F 305 21.39 17.27 -25.26
C ALA F 305 21.29 15.90 -24.60
N ALA F 306 22.27 15.60 -23.76
CA ALA F 306 22.29 14.39 -22.95
C ALA F 306 21.01 14.24 -22.12
N LEU F 307 20.75 15.26 -21.28
CA LEU F 307 19.60 15.25 -20.39
C LEU F 307 18.28 15.02 -21.13
N LEU F 308 18.26 15.32 -22.43
CA LEU F 308 17.10 15.00 -23.26
C LEU F 308 17.03 13.51 -23.64
N LYS F 309 18.17 12.81 -23.58
CA LYS F 309 18.22 11.35 -23.81
C LYS F 309 18.08 10.58 -22.48
N GLU F 310 17.58 11.26 -21.46
CA GLU F 310 16.96 10.61 -20.30
C GLU F 310 15.47 10.52 -20.62
N ARG F 311 15.19 10.42 -21.91
CA ARG F 311 13.87 10.22 -22.46
C ARG F 311 12.82 11.22 -22.00
N MET F 312 13.25 12.48 -21.89
CA MET F 312 12.35 13.63 -21.96
C MET F 312 12.15 13.84 -23.46
N GLU F 313 11.53 12.86 -24.11
CA GLU F 313 11.48 12.71 -25.57
C GLU F 313 12.89 12.69 -26.18
N ALA F 314 13.15 13.59 -27.13
CA ALA F 314 14.39 13.58 -27.91
C ALA F 314 14.72 12.22 -28.50
N ASP F 315 13.71 11.53 -28.99
CA ASP F 315 13.91 10.19 -29.52
C ASP F 315 14.72 10.19 -30.83
N ASN F 316 14.39 11.08 -31.75
CA ASN F 316 15.13 11.15 -33.00
C ASN F 316 16.25 12.20 -32.99
N LEU F 317 16.62 12.66 -31.80
CA LEU F 317 17.77 13.56 -31.65
C LEU F 317 19.08 12.78 -31.60
N TYR F 318 19.90 12.89 -32.63
CA TYR F 318 21.29 12.48 -32.52
C TYR F 318 22.04 13.76 -32.29
N PHE F 319 22.74 13.85 -31.16
CA PHE F 319 23.61 15.00 -30.96
C PHE F 319 25.04 14.55 -31.09
N PHE F 320 25.80 15.25 -31.92
CA PHE F 320 27.21 14.92 -32.12
C PHE F 320 28.12 16.13 -31.94
N SER F 321 29.31 15.87 -31.41
CA SER F 321 30.28 16.91 -31.17
C SER F 321 31.41 16.88 -32.18
N ASP F 322 32.06 15.73 -32.37
CA ASP F 322 33.09 15.65 -33.41
C ASP F 322 32.48 15.37 -34.77
N TRP F 323 32.83 16.19 -35.75
CA TRP F 323 32.32 16.06 -37.11
C TRP F 323 32.62 14.72 -37.78
N THR F 324 33.49 13.93 -37.17
CA THR F 324 33.77 12.61 -37.71
C THR F 324 32.85 11.60 -37.03
N ASP F 325 31.77 12.11 -36.45
CA ASP F 325 30.74 11.29 -35.84
C ASP F 325 29.44 11.41 -36.63
N TYR F 326 29.40 12.35 -37.56
CA TYR F 326 28.25 12.50 -38.42
C TYR F 326 28.46 11.60 -39.62
N GLU F 327 27.82 10.44 -39.61
CA GLU F 327 28.04 9.46 -40.67
C GLU F 327 26.98 9.41 -41.77
N TYR F 328 25.74 9.76 -41.42
CA TYR F 328 24.59 9.81 -42.33
C TYR F 328 24.95 10.13 -43.76
N LYS F 329 24.94 9.14 -44.65
CA LYS F 329 25.40 9.38 -46.01
C LYS F 329 24.26 9.94 -46.88
N ASN F 330 23.08 10.08 -46.29
CA ASN F 330 21.89 10.56 -47.01
C ASN F 330 21.63 12.09 -46.99
N PRO F 331 20.79 12.61 -47.92
CA PRO F 331 20.66 14.08 -48.06
C PRO F 331 20.00 14.75 -46.88
N VAL F 332 20.33 16.02 -46.69
CA VAL F 332 19.99 16.71 -45.47
C VAL F 332 19.71 18.19 -45.74
N ASN F 333 18.86 18.81 -44.92
CA ASN F 333 18.66 20.25 -45.00
C ASN F 333 19.39 20.96 -43.84
N ILE F 334 20.11 22.03 -44.12
CA ILE F 334 21.03 22.52 -43.10
C ILE F 334 20.73 23.90 -42.52
N ILE F 335 20.86 24.03 -41.20
CA ILE F 335 20.64 25.30 -40.53
C ILE F 335 21.90 25.88 -39.88
N LEU F 336 22.36 27.01 -40.42
CA LEU F 336 23.44 27.77 -39.77
C LEU F 336 22.84 28.97 -39.07
N THR F 337 22.16 28.68 -37.95
CA THR F 337 21.22 29.57 -37.24
C THR F 337 21.62 31.03 -37.26
N GLU F 338 22.52 31.39 -36.32
CA GLU F 338 23.28 32.64 -36.39
C GLU F 338 24.68 32.14 -36.63
N VAL F 339 25.32 31.71 -35.55
CA VAL F 339 26.60 30.95 -35.61
C VAL F 339 27.83 31.59 -36.31
N ILE F 340 27.80 31.78 -37.63
CA ILE F 340 29.02 32.14 -38.37
C ILE F 340 29.61 33.49 -37.96
N GLU F 341 29.11 34.06 -36.90
CA GLU F 341 29.76 35.22 -36.33
C GLU F 341 29.71 35.14 -34.83
N HIS F 342 28.50 35.03 -34.26
CA HIS F 342 28.28 35.14 -32.82
C HIS F 342 28.90 34.01 -32.01
N ASN F 343 30.06 33.58 -32.51
CA ASN F 343 31.08 32.81 -31.81
C ASN F 343 32.34 32.83 -32.70
N THR F 344 32.53 31.78 -33.49
CA THR F 344 33.71 31.61 -34.35
C THR F 344 33.86 32.67 -35.46
N PRO F 345 35.12 33.03 -35.80
CA PRO F 345 35.46 34.02 -36.83
C PRO F 345 36.43 33.56 -37.91
N GLU F 346 35.96 33.41 -39.16
CA GLU F 346 36.77 32.91 -40.30
C GLU F 346 37.22 31.45 -40.15
N ALA F 347 36.78 30.82 -39.07
CA ALA F 347 36.64 29.37 -38.98
C ALA F 347 35.25 29.18 -39.54
N ALA F 348 34.65 30.32 -39.87
CA ALA F 348 33.46 30.41 -40.67
C ALA F 348 33.73 29.91 -42.07
N GLU F 349 34.81 30.39 -42.70
CA GLU F 349 35.25 29.87 -43.99
C GLU F 349 35.34 28.34 -43.90
N ALA F 350 35.79 27.85 -42.75
CA ALA F 350 35.92 26.43 -42.55
C ALA F 350 34.58 25.72 -42.48
N LEU F 351 33.78 26.10 -41.48
CA LEU F 351 32.53 25.40 -41.22
C LEU F 351 31.58 25.46 -42.42
N VAL F 352 31.45 26.64 -43.02
CA VAL F 352 30.59 26.75 -44.21
C VAL F 352 31.08 25.89 -45.40
N LYS F 353 32.40 25.76 -45.54
CA LYS F 353 32.94 24.97 -46.63
C LYS F 353 32.82 23.49 -46.33
N HIS F 354 32.90 23.13 -45.05
CA HIS F 354 32.77 21.74 -44.68
C HIS F 354 31.34 21.30 -44.90
N CYS F 355 30.41 22.21 -44.63
CA CYS F 355 29.00 21.90 -44.74
C CYS F 355 28.64 21.65 -46.19
N LEU F 356 29.14 22.52 -47.08
CA LEU F 356 28.93 22.39 -48.52
C LEU F 356 29.39 21.06 -49.14
N SER F 357 30.36 20.41 -48.51
CA SER F 357 30.78 19.10 -49.00
C SER F 357 29.76 18.02 -48.64
N LEU F 358 29.04 18.22 -47.54
CA LEU F 358 28.03 17.27 -47.09
C LEU F 358 26.93 17.07 -48.11
N ASN F 359 26.41 15.85 -48.23
CA ASN F 359 25.29 15.64 -49.14
C ASN F 359 24.01 16.30 -48.62
N PHE F 360 23.77 17.53 -49.08
CA PHE F 360 22.63 18.34 -48.63
C PHE F 360 21.76 18.75 -49.79
N HIS F 361 20.58 19.28 -49.47
CA HIS F 361 19.67 19.68 -50.50
C HIS F 361 19.57 21.19 -50.52
N LYS F 362 19.56 21.75 -49.32
CA LYS F 362 19.27 23.15 -49.14
C LYS F 362 19.98 23.55 -47.84
N MET F 363 20.67 24.68 -47.89
CA MET F 363 21.33 25.19 -46.70
C MET F 363 20.93 26.65 -46.46
N ILE F 364 20.69 27.01 -45.21
CA ILE F 364 20.33 28.40 -44.90
C ILE F 364 21.29 29.04 -43.91
N ILE F 365 21.83 30.21 -44.28
CA ILE F 365 22.80 30.87 -43.41
C ILE F 365 22.34 32.27 -43.04
N THR F 366 22.55 32.62 -41.76
CA THR F 366 22.04 33.86 -41.22
C THR F 366 23.10 34.52 -40.43
N THR F 367 23.30 35.81 -40.72
CA THR F 367 24.15 36.64 -39.90
C THR F 367 23.63 38.08 -39.88
N PRO F 368 23.93 38.83 -38.80
CA PRO F 368 23.75 40.27 -38.67
C PRO F 368 24.07 41.08 -39.92
N ASN F 369 23.43 42.24 -40.03
CA ASN F 369 23.55 43.09 -41.21
C ASN F 369 24.48 44.27 -41.02
N SER F 370 24.91 44.55 -39.78
CA SER F 370 25.93 45.59 -39.55
C SER F 370 25.53 46.99 -40.07
N LEU F 371 25.07 47.08 -41.31
CA LEU F 371 24.38 48.28 -41.78
C LEU F 371 23.19 48.56 -40.90
N PHE F 372 22.77 47.59 -40.11
CA PHE F 372 21.58 47.81 -39.32
C PHE F 372 21.93 48.43 -37.99
N ASN F 373 23.21 48.47 -37.65
CA ASN F 373 23.60 48.92 -36.34
C ASN F 373 23.27 50.37 -36.11
N LYS F 374 23.13 51.13 -37.20
CA LYS F 374 22.66 52.51 -37.17
C LYS F 374 21.44 52.67 -36.27
N TYR F 375 20.61 51.64 -36.25
CA TYR F 375 19.27 51.77 -35.72
C TYR F 375 19.11 51.25 -34.29
N TYR F 376 20.15 50.69 -33.71
CA TYR F 376 20.04 50.26 -32.32
C TYR F 376 20.46 51.37 -31.34
N PHE F 377 20.57 51.04 -30.05
CA PHE F 377 21.16 51.96 -29.08
C PHE F 377 22.41 51.36 -28.44
N HIS F 390 30.60 39.20 -31.79
CA HIS F 390 31.98 39.17 -32.31
C HIS F 390 32.18 40.24 -33.40
N PHE F 391 32.48 39.81 -34.63
CA PHE F 391 32.51 40.69 -35.82
C PHE F 391 31.08 40.92 -36.35
N GLU F 392 30.97 41.61 -37.49
CA GLU F 392 29.68 41.78 -38.13
C GLU F 392 29.84 42.31 -39.53
N TRP F 393 29.52 41.50 -40.54
CA TRP F 393 29.74 41.94 -41.91
C TRP F 393 28.54 42.69 -42.42
N THR F 394 28.77 43.50 -43.46
CA THR F 394 27.72 44.13 -44.22
C THR F 394 27.31 43.13 -45.28
N PRO F 395 26.24 43.41 -46.05
CA PRO F 395 26.09 42.58 -47.24
C PRO F 395 27.25 42.96 -48.13
N GLN F 396 27.48 42.21 -49.21
CA GLN F 396 28.72 42.35 -50.01
C GLN F 396 29.90 41.78 -49.25
N GLU F 397 30.08 42.19 -48.00
CA GLU F 397 31.07 41.51 -47.18
C GLU F 397 30.63 40.07 -47.04
N PHE F 398 29.39 39.88 -46.62
CA PHE F 398 28.80 38.55 -46.50
C PHE F 398 28.69 37.86 -47.85
N GLN F 399 28.33 38.60 -48.88
CA GLN F 399 28.11 37.97 -50.18
C GLN F 399 29.40 37.39 -50.72
N ASP F 400 30.50 38.06 -50.43
CA ASP F 400 31.80 37.64 -50.89
C ASP F 400 32.19 36.35 -50.20
N PHE F 401 31.92 36.30 -48.90
CA PHE F 401 32.19 35.11 -48.12
C PHE F 401 31.54 33.89 -48.75
N ILE F 402 30.26 34.00 -49.10
CA ILE F 402 29.55 32.87 -49.71
C ILE F 402 30.17 32.53 -51.06
N ARG F 403 30.45 33.55 -51.85
CA ARG F 403 31.00 33.33 -53.18
C ARG F 403 32.28 32.52 -53.07
N HIS F 404 33.16 32.93 -52.15
CA HIS F 404 34.46 32.29 -51.94
C HIS F 404 34.33 31.04 -51.05
N CYS F 405 33.18 30.39 -51.08
CA CYS F 405 33.05 29.10 -50.41
C CYS F 405 32.40 28.10 -51.33
N VAL F 406 31.67 28.62 -52.30
CA VAL F 406 31.07 27.80 -53.32
C VAL F 406 32.01 27.80 -54.51
N GLY F 407 32.72 28.92 -54.67
CA GLY F 407 33.64 29.11 -55.76
C GLY F 407 33.09 28.76 -57.14
N ASP F 408 32.99 27.47 -57.43
CA ASP F 408 32.73 27.06 -58.78
C ASP F 408 31.75 25.91 -58.85
N THR F 409 31.27 25.46 -57.70
CA THR F 409 30.39 24.30 -57.71
C THR F 409 29.01 24.68 -58.24
N SER F 410 28.19 23.69 -58.62
CA SER F 410 26.97 23.99 -59.36
C SER F 410 25.78 24.32 -58.47
N LEU F 411 26.05 24.89 -57.30
CA LEU F 411 25.00 25.37 -56.41
C LEU F 411 24.19 26.49 -57.03
N GLU F 412 22.96 26.65 -56.55
CA GLU F 412 22.16 27.83 -56.85
C GLU F 412 21.97 28.61 -55.57
N VAL F 413 22.17 29.92 -55.68
CA VAL F 413 22.30 30.74 -54.49
C VAL F 413 21.46 32.02 -54.55
N THR F 414 20.58 32.18 -53.56
CA THR F 414 19.71 33.37 -53.46
C THR F 414 19.77 34.00 -52.08
N TYR F 415 19.77 35.34 -52.08
CA TYR F 415 19.92 36.13 -50.86
C TYR F 415 18.65 36.92 -50.60
N CYS F 416 18.46 37.31 -49.33
CA CYS F 416 17.28 38.07 -48.90
C CYS F 416 17.41 38.38 -47.42
N GLY F 417 16.57 39.31 -46.93
CA GLY F 417 16.67 39.79 -45.56
C GLY F 417 15.55 39.39 -44.62
N ILE F 418 15.79 39.44 -43.32
CA ILE F 418 14.77 39.02 -42.37
C ILE F 418 14.57 40.05 -41.28
N GLY F 419 13.32 40.36 -40.94
CA GLY F 419 13.06 41.31 -39.86
C GLY F 419 12.59 42.68 -40.35
N ASP F 420 12.55 43.65 -39.45
CA ASP F 420 12.09 44.98 -39.81
C ASP F 420 13.02 45.56 -40.90
N ARG F 421 12.46 46.08 -41.99
CA ARG F 421 13.29 46.67 -43.06
C ARG F 421 13.30 48.21 -43.10
N ILE F 422 14.49 48.78 -43.14
CA ILE F 422 14.63 50.23 -43.13
C ILE F 422 15.54 50.69 -44.27
N ASN F 423 14.94 51.27 -45.31
CA ASN F 423 15.69 51.72 -46.49
C ASN F 423 16.47 50.57 -47.08
N GLY F 424 15.83 49.41 -47.17
CA GLY F 424 16.46 48.26 -47.77
C GLY F 424 17.12 47.26 -46.83
N GLU F 425 17.65 47.73 -45.70
CA GLU F 425 18.38 46.82 -44.81
C GLU F 425 17.54 46.23 -43.68
N THR F 426 17.65 44.92 -43.51
CA THR F 426 16.99 44.21 -42.42
C THR F 426 18.04 44.02 -41.34
N PRO F 427 17.68 43.45 -40.19
CA PRO F 427 18.80 43.24 -39.27
C PRO F 427 19.56 41.92 -39.45
N THR F 428 18.93 40.89 -40.02
CA THR F 428 19.70 39.68 -40.34
C THR F 428 19.72 39.41 -41.83
N GLN F 429 20.87 38.91 -42.30
CA GLN F 429 21.08 38.50 -43.68
C GLN F 429 20.81 37.02 -43.90
N ALA F 430 20.41 36.67 -45.12
CA ALA F 430 20.10 35.27 -45.40
C ALA F 430 20.59 34.77 -46.78
N VAL F 431 21.04 33.53 -46.82
CA VAL F 431 21.28 32.84 -48.08
C VAL F 431 20.57 31.49 -48.18
N VAL F 432 19.97 31.25 -49.33
CA VAL F 432 19.37 29.95 -49.55
C VAL F 432 20.12 29.25 -50.66
N ILE F 433 20.97 28.30 -50.26
CA ILE F 433 21.79 27.54 -51.17
C ILE F 433 21.19 26.17 -51.45
N THR F 434 20.90 25.92 -52.73
CA THR F 434 20.24 24.70 -53.17
C THR F 434 21.07 23.97 -54.21
N ARG F 435 21.29 22.67 -54.02
CA ARG F 435 22.13 21.96 -54.98
C ARG F 435 21.34 21.55 -56.22
N LYS F 436 21.80 22.03 -57.38
CA LYS F 436 21.25 21.63 -58.68
C LYS F 436 21.48 20.14 -58.97
MG MG G . 14.85 -8.82 -35.20
PG ATP H . -12.33 3.89 0.61
O1G ATP H . -12.79 4.19 -0.81
O2G ATP H . -11.56 2.59 0.74
O3G ATP H . -11.68 5.06 1.31
PB ATP H . -14.33 2.24 1.82
O1B ATP H . -15.62 2.01 1.08
O2B ATP H . -13.17 1.28 1.68
O3B ATP H . -13.71 3.70 1.45
PA ATP H . -14.46 1.26 4.51
O1A ATP H . -14.94 -0.08 4.01
O2A ATP H . -13.06 1.35 5.07
O3A ATP H . -14.69 2.40 3.38
O5' ATP H . -15.48 1.77 5.66
C5' ATP H . -15.32 3.06 6.26
C4' ATP H . -15.61 2.98 7.75
O4' ATP H . -16.96 2.55 7.93
C3' ATP H . -14.70 1.96 8.43
O3' ATP H . -14.08 2.53 9.59
C2' ATP H . -15.61 0.83 8.85
O2' ATP H . -15.18 0.31 10.12
C1' ATP H . -17.00 1.46 8.87
N9 ATP H . -18.11 0.52 8.51
C8 ATP H . -18.19 -0.25 7.41
N7 ATP H . -19.33 -0.98 7.41
C5 ATP H . -20.02 -0.68 8.53
C6 ATP H . -21.30 -1.09 9.15
N6 ATP H . -22.11 -2.00 8.55
N1 ATP H . -21.65 -0.54 10.33
C2 ATP H . -20.85 0.36 10.93
N3 ATP H . -19.67 0.79 10.43
C4 ATP H . -19.20 0.31 9.25
PG ATP I . -12.82 -17.80 31.56
O1G ATP I . -11.83 -18.91 31.27
O2G ATP I . -12.36 -16.82 32.61
O3G ATP I . -13.37 -17.13 30.32
PB ATP I . -14.12 -19.59 33.39
O1B ATP I . -14.97 -20.78 32.98
O2B ATP I . -12.68 -19.84 33.79
O3B ATP I . -14.14 -18.53 32.17
PA ATP I . -14.62 -18.39 36.08
O1A ATP I . -13.14 -18.43 36.38
O2A ATP I . -15.59 -19.16 36.97
O3A ATP I . -14.97 -18.79 34.54
O5' ATP I . -15.01 -16.83 36.15
C5' ATP I . -15.16 -16.06 34.96
C4' ATP I . -16.66 -16.16 34.75
O4' ATP I . -17.25 -15.85 35.99
C3' ATP I . -17.32 -15.25 33.74
O3' ATP I . -17.18 -15.83 32.44
C2' ATP I . -18.73 -15.26 34.29
O2' ATP I . -19.41 -16.40 33.75
C1' ATP I . -18.63 -15.61 35.77
N9 ATP I . -19.08 -14.59 36.74
C8 ATP I . -19.64 -14.88 37.94
N7 ATP I . -19.95 -13.76 38.64
C5 ATP I . -19.59 -12.73 37.87
C6 ATP I . -19.66 -11.26 38.00
N6 ATP I . -20.17 -10.71 39.11
N1 ATP I . -19.20 -10.49 37.00
C2 ATP I . -18.67 -11.06 35.91
N3 ATP I . -18.57 -12.40 35.69
C4 ATP I . -19.02 -13.26 36.63
O1 MES J . 4.54 -10.83 45.02
C2 MES J . 4.70 -9.86 46.05
C3 MES J . 4.98 -8.49 45.50
N4 MES J . 4.33 -8.48 44.19
C5 MES J . 4.88 -9.35 43.15
C6 MES J . 5.36 -10.59 43.87
C7 MES J . 3.47 -7.37 43.80
C8 MES J . 4.18 -6.04 44.11
S MES J . 3.10 -4.93 44.74
O1S MES J . 3.76 -3.60 44.91
O2S MES J . 1.97 -4.71 43.81
O3S MES J . 2.65 -5.42 46.07
C1 GOL K . -6.27 -16.28 47.46
O1 GOL K . -6.30 -16.10 46.06
C2 GOL K . -7.62 -16.03 48.15
O2 GOL K . -7.83 -14.64 48.35
C3 GOL K . -7.63 -16.80 49.48
O3 GOL K . -8.73 -16.50 50.31
C1 GOL L . -35.00 -22.03 25.16
O1 GOL L . -34.05 -22.82 25.82
C2 GOL L . -35.49 -20.89 26.06
O2 GOL L . -34.72 -20.83 27.24
C3 GOL L . -35.46 -19.53 25.34
O3 GOL L . -36.68 -18.84 25.54
MG MG M . -18.09 -19.77 36.50
P PO4 N . -20.27 5.88 34.03
O1 PO4 N . -20.38 5.54 32.56
O2 PO4 N . -21.65 5.75 34.65
O3 PO4 N . -19.29 4.97 34.72
O4 PO4 N . -19.79 7.30 34.21
N SAH O . -17.08 -45.93 -3.21
CA SAH O . -16.99 -45.16 -1.97
CB SAH O . -18.29 -44.39 -1.74
CG SAH O . -19.54 -45.15 -2.17
SD SAH O . -21.07 -44.28 -1.77
C SAH O . -16.61 -46.01 -0.75
O SAH O . -15.63 -46.77 -0.79
OXT SAH O . -17.24 -45.94 0.31
C5' SAH O . -21.76 -44.81 -3.35
C4' SAH O . -22.50 -43.68 -4.07
O4' SAH O . -23.05 -44.17 -5.28
C3' SAH O . -23.66 -43.15 -3.24
O3' SAH O . -23.40 -41.82 -2.82
C2' SAH O . -24.86 -43.18 -4.18
O2' SAH O . -25.50 -41.93 -4.17
C1' SAH O . -24.28 -43.50 -5.56
N9 SAH O . -25.18 -44.31 -6.43
C8 SAH O . -26.06 -45.29 -6.01
N7 SAH O . -26.71 -45.78 -7.09
C5 SAH O . -26.28 -45.15 -8.20
C6 SAH O . -26.62 -45.27 -9.54
N6 SAH O . -27.53 -46.16 -9.91
N1 SAH O . -26.02 -44.47 -10.50
C2 SAH O . -25.07 -43.56 -10.10
N3 SAH O . -24.73 -43.44 -8.76
C4 SAH O . -25.32 -44.21 -7.81
MG MG P . -8.97 -38.04 32.23
P PO4 Q . -15.04 -64.40 -1.17
O1 PO4 Q . -15.83 -63.92 -2.38
O2 PO4 Q . -15.62 -65.68 -0.61
O3 PO4 Q . -13.62 -64.65 -1.59
O4 PO4 Q . -15.09 -63.34 -0.10
MG MG R . -5.41 -22.35 -31.91
PG ATP S . 12.19 -0.41 6.38
O1G ATP S . 12.94 -1.70 6.11
O2G ATP S . 11.22 -0.46 7.53
O3G ATP S . 11.59 0.20 5.12
PB ATP S . 13.31 2.16 6.55
O1B ATP S . 14.54 2.43 5.71
O2B ATP S . 11.92 2.44 6.03
O3B ATP S . 13.33 0.60 6.94
PA ATP S . 13.23 4.62 7.90
O1A ATP S . 14.09 5.25 6.83
O2A ATP S . 11.75 4.94 7.87
O3A ATP S . 13.48 3.01 7.91
O5' ATP S . 13.77 5.06 9.37
C5' ATP S . 12.86 5.19 10.46
C4' ATP S . 13.07 6.51 11.19
O4' ATP S . 14.42 6.94 11.04
C3' ATP S . 12.17 7.59 10.58
O3' ATP S . 11.41 8.23 11.61
C2' ATP S . 13.12 8.61 9.98
O2' ATP S . 12.60 9.92 10.22
C1' ATP S . 14.47 8.33 10.65
N9 ATP S . 15.67 8.59 9.79
C8 ATP S . 15.91 8.06 8.58
N7 ATP S . 17.09 8.53 8.07
C5 ATP S . 17.62 9.37 8.98
C6 ATP S . 18.85 10.21 9.08
N6 ATP S . 19.77 10.23 8.08
N1 ATP S . 19.01 10.95 10.20
C2 ATP S . 18.09 10.94 11.19
N3 ATP S . 16.96 10.21 11.17
C4 ATP S . 16.67 9.42 10.10
PG ATP T . 8.74 37.05 9.23
O1G ATP T . 9.66 35.91 8.86
O2G ATP T . 7.79 36.77 10.38
O3G ATP T . 8.08 37.71 8.06
PB ATP T . 9.27 39.67 9.79
O1B ATP T . 9.66 40.23 8.43
O2B ATP T . 7.81 39.57 10.16
O3B ATP T . 9.78 38.15 9.81
PA ATP T . 9.47 41.32 12.17
O1A ATP T . 8.01 41.59 11.94
O2A ATP T . 10.34 42.53 12.47
O3A ATP T . 10.11 40.46 10.93
O5' ATP T . 9.60 40.27 13.40
C5' ATP T . 9.96 38.88 13.26
C4' ATP T . 11.49 38.86 13.43
O4' ATP T . 11.88 39.76 14.46
C3' ATP T . 12.22 37.58 13.82
O3' ATP T . 12.34 36.65 12.76
C2' ATP T . 13.56 38.19 14.15
O2' ATP T . 14.23 38.46 12.93
C1' ATP T . 13.26 39.58 14.67
N9 ATP T . 13.55 39.75 16.11
C8 ATP T . 13.91 40.92 16.67
N7 ATP T . 14.12 40.80 18.00
C5 ATP T . 13.87 39.51 18.29
C6 ATP T . 13.90 38.71 19.54
N6 ATP T . 14.23 39.30 20.71
N1 ATP T . 13.58 37.39 19.43
C2 ATP T . 13.25 36.82 18.25
N3 ATP T . 13.21 37.48 17.09
C4 ATP T . 13.51 38.81 17.05
MG MG U . 12.52 43.30 12.48
P PO4 V . 32.33 21.09 28.84
O1 PO4 V . 32.13 19.73 28.19
O2 PO4 V . 31.06 21.89 28.78
O3 PO4 V . 33.42 21.84 28.11
O4 PO4 V . 32.71 20.92 30.30
N SAH W . 18.60 31.15 -31.65
CA SAH W . 19.47 30.16 -32.31
CB SAH W . 20.95 30.56 -32.16
CG SAH W . 21.95 29.48 -31.78
SD SAH W . 23.26 30.06 -30.66
C SAH W . 19.14 28.73 -31.85
O SAH W . 19.25 27.75 -32.61
OXT SAH W . 18.74 28.51 -30.70
C5' SAH W . 24.62 29.78 -31.84
C4' SAH W . 25.55 28.60 -31.48
O4' SAH W . 26.55 28.37 -32.47
C3' SAH W . 26.31 28.76 -30.18
O3' SAH W . 25.70 27.94 -29.21
C2' SAH W . 27.74 28.32 -30.50
O2' SAH W . 28.30 27.48 -29.53
C1' SAH W . 27.56 27.61 -31.83
N9 SAH W . 28.80 27.43 -32.64
C8 SAH W . 29.72 28.36 -33.04
N7 SAH W . 30.70 27.74 -33.77
C5 SAH W . 30.41 26.41 -33.82
C6 SAH W . 31.06 25.32 -34.41
N6 SAH W . 32.19 25.49 -35.09
N1 SAH W . 30.51 24.05 -34.30
C2 SAH W . 29.34 23.87 -33.60
N3 SAH W . 28.71 24.96 -33.02
C4 SAH W . 29.23 26.21 -33.12
MG MG X . 6.02 49.53 -6.29
P PO4 Y . 0.07 50.10 -12.69
O1 PO4 Y . 0.50 49.92 -14.13
O2 PO4 Y . 1.06 50.98 -11.95
O3 PO4 Y . -0.06 48.75 -12.02
O4 PO4 Y . -1.29 50.75 -12.64
P PO4 Z . 19.68 42.56 -47.03
O1 PO4 Z . 18.74 42.26 -48.18
O2 PO4 Z . 20.45 41.31 -46.68
O3 PO4 Z . 20.65 43.64 -47.45
O4 PO4 Z . 18.89 43.07 -45.84
#